data_2VXF
#
_entry.id   2VXF
#
_cell.length_a   1.000
_cell.length_b   1.000
_cell.length_c   1.000
_cell.angle_alpha   90.00
_cell.angle_beta   90.00
_cell.angle_gamma   90.00
#
_symmetry.space_group_name_H-M   'P 1'
#
_entity_poly.entity_id   1
_entity_poly.type   'polypeptide(L)'
_entity_poly.pdbx_seq_one_letter_code
;GHHHHHHLEDPSGGTPYIGSKISLISKAEIRYEGILYTIDTENSTVALAKVRSFGTEDRPTDRPIAPRDETFEYIIFRGS
DIKDLTVCEPPKPIM
;
_entity_poly.pdbx_strand_id   A
#
# COMPACT_ATOMS: atom_id res chain seq x y z
N LEU A 8 -8.50 21.59 -19.02
CA LEU A 8 -8.33 21.91 -17.60
C LEU A 8 -8.41 20.64 -16.76
N GLU A 9 -7.39 20.43 -15.92
CA GLU A 9 -7.36 19.25 -15.06
C GLU A 9 -6.70 19.58 -13.72
N ASP A 10 -7.04 18.80 -12.70
CA ASP A 10 -6.46 19.01 -11.36
C ASP A 10 -5.00 18.50 -11.33
N PRO A 11 -4.17 19.09 -10.51
CA PRO A 11 -2.72 18.70 -10.44
C PRO A 11 -2.54 17.25 -10.00
N SER A 12 -3.37 16.82 -9.03
CA SER A 12 -3.30 15.46 -8.53
C SER A 12 -3.73 14.46 -9.61
N GLY A 13 -4.73 14.85 -10.40
CA GLY A 13 -5.23 14.00 -11.46
C GLY A 13 -4.20 13.83 -12.58
N GLY A 14 -3.38 14.87 -12.79
CA GLY A 14 -2.37 14.85 -13.85
C GLY A 14 -1.36 13.72 -13.62
N THR A 15 -1.04 13.46 -12.35
CA THR A 15 -0.09 12.41 -12.01
C THR A 15 -0.84 11.11 -11.65
N PRO A 16 -0.57 10.01 -12.34
CA PRO A 16 -1.25 8.72 -12.04
C PRO A 16 -0.73 8.07 -10.76
N TYR A 17 -1.66 7.59 -9.93
CA TYR A 17 -1.30 6.91 -8.69
C TYR A 17 -0.64 5.56 -9.01
N ILE A 18 -1.14 4.89 -10.04
CA ILE A 18 -0.62 3.58 -10.43
C ILE A 18 0.82 3.72 -10.94
N GLY A 19 1.71 2.85 -10.45
CA GLY A 19 3.12 2.92 -10.81
C GLY A 19 3.96 3.67 -9.76
N SER A 20 3.31 4.21 -8.72
CA SER A 20 4.02 4.94 -7.67
C SER A 20 4.18 4.07 -6.42
N LYS A 21 5.18 4.39 -5.61
CA LYS A 21 5.42 3.66 -4.36
C LYS A 21 4.53 4.20 -3.25
N ILE A 22 3.87 3.29 -2.51
CA ILE A 22 2.96 3.68 -1.46
C ILE A 22 3.19 2.84 -0.21
N SER A 23 2.99 3.45 0.96
CA SER A 23 3.07 2.73 2.23
C SER A 23 1.70 2.70 2.90
N LEU A 24 1.30 1.52 3.36
CA LEU A 24 -0.04 1.34 3.93
C LEU A 24 0.07 0.76 5.35
N ILE A 25 -0.73 1.30 6.26
CA ILE A 25 -0.77 0.80 7.64
C ILE A 25 -2.11 0.11 7.90
N SER A 26 -2.05 -1.16 8.28
CA SER A 26 -3.27 -1.96 8.44
C SER A 26 -3.77 -1.92 9.88
N LYS A 27 -4.99 -2.44 10.10
CA LYS A 27 -5.61 -2.43 11.43
C LYS A 27 -4.76 -3.19 12.46
N ALA A 28 -3.88 -4.08 11.99
CA ALA A 28 -3.07 -4.90 12.88
C ALA A 28 -1.77 -4.19 13.31
N GLU A 29 -1.68 -2.89 13.05
CA GLU A 29 -0.49 -2.11 13.44
C GLU A 29 0.78 -2.63 12.73
N ILE A 30 0.58 -3.27 11.57
CA ILE A 30 1.71 -3.72 10.77
C ILE A 30 1.88 -2.80 9.55
N ARG A 31 3.12 -2.54 9.18
CA ARG A 31 3.41 -1.64 8.06
C ARG A 31 3.82 -2.44 6.82
N TYR A 32 3.07 -2.27 5.74
CA TYR A 32 3.37 -2.93 4.47
C TYR A 32 3.76 -1.89 3.42
N GLU A 33 4.77 -2.22 2.62
CA GLU A 33 5.15 -1.35 1.50
C GLU A 33 5.05 -2.12 0.19
N GLY A 34 4.58 -1.45 -0.86
CA GLY A 34 4.43 -2.08 -2.17
C GLY A 34 4.17 -1.03 -3.24
N ILE A 35 3.98 -1.49 -4.49
CA ILE A 35 3.72 -0.56 -5.59
C ILE A 35 2.26 -0.65 -6.01
N LEU A 36 1.65 0.50 -6.30
CA LEU A 36 0.24 0.54 -6.70
C LEU A 36 0.06 -0.15 -8.05
N TYR A 37 -0.58 -1.32 -8.03
CA TYR A 37 -0.75 -2.11 -9.25
C TYR A 37 -2.07 -1.76 -9.93
N THR A 38 -3.17 -1.82 -9.17
CA THR A 38 -4.49 -1.55 -9.73
C THR A 38 -5.42 -0.96 -8.67
N ILE A 39 -6.30 -0.05 -9.10
CA ILE A 39 -7.25 0.59 -8.19
C ILE A 39 -8.68 0.26 -8.61
N ASP A 40 -9.45 -0.31 -7.68
CA ASP A 40 -10.85 -0.63 -7.95
C ASP A 40 -11.76 0.25 -7.11
N THR A 41 -12.21 1.36 -7.70
CA THR A 41 -13.06 2.31 -6.98
C THR A 41 -14.42 1.72 -6.66
N GLU A 42 -14.96 0.94 -7.60
CA GLU A 42 -16.33 0.43 -7.48
C GLU A 42 -16.50 -0.41 -6.21
N ASN A 43 -15.44 -1.11 -5.79
CA ASN A 43 -15.52 -2.02 -4.66
C ASN A 43 -14.70 -1.52 -3.45
N SER A 44 -14.28 -0.25 -3.48
CA SER A 44 -13.50 0.32 -2.37
C SER A 44 -12.31 -0.58 -2.00
N THR A 45 -11.62 -1.11 -3.01
CA THR A 45 -10.52 -2.04 -2.77
C THR A 45 -9.29 -1.64 -3.59
N VAL A 46 -8.11 -1.94 -3.05
CA VAL A 46 -6.86 -1.63 -3.74
C VAL A 46 -5.97 -2.87 -3.77
N ALA A 47 -5.33 -3.11 -4.92
CA ALA A 47 -4.44 -4.26 -5.07
C ALA A 47 -3.00 -3.80 -5.27
N LEU A 48 -2.10 -4.34 -4.44
CA LEU A 48 -0.68 -3.98 -4.51
C LEU A 48 0.15 -5.20 -4.90
N ALA A 49 1.14 -4.99 -5.76
CA ALA A 49 2.03 -6.07 -6.17
C ALA A 49 3.46 -5.76 -5.73
N LYS A 50 4.30 -6.80 -5.64
CA LYS A 50 5.69 -6.63 -5.20
C LYS A 50 5.73 -5.97 -3.82
N VAL A 51 5.03 -6.57 -2.87
CA VAL A 51 4.85 -5.96 -1.55
C VAL A 51 5.44 -6.86 -0.46
N ARG A 52 6.05 -6.23 0.55
CA ARG A 52 6.65 -6.96 1.66
C ARG A 52 6.27 -6.31 3.00
N SER A 53 6.20 -7.13 4.04
CA SER A 53 5.88 -6.62 5.38
C SER A 53 7.16 -6.38 6.17
N PHE A 54 7.30 -5.18 6.73
CA PHE A 54 8.54 -4.80 7.41
C PHE A 54 8.71 -5.58 8.70
N GLY A 55 7.61 -5.77 9.44
CA GLY A 55 7.64 -6.53 10.67
C GLY A 55 6.36 -6.35 11.47
N THR A 56 6.18 -7.19 12.49
CA THR A 56 5.03 -7.08 13.38
C THR A 56 5.46 -6.74 14.81
N GLU A 57 6.66 -7.19 15.19
CA GLU A 57 7.17 -6.97 16.55
C GLU A 57 7.24 -5.47 16.89
N ASP A 58 7.41 -4.64 15.86
CA ASP A 58 7.47 -3.19 16.07
C ASP A 58 6.20 -2.68 16.75
N ARG A 59 5.07 -3.32 16.45
CA ARG A 59 3.81 -2.99 17.10
C ARG A 59 3.27 -4.20 17.86
N PRO A 60 3.54 -4.31 19.14
CA PRO A 60 3.11 -5.51 19.96
C PRO A 60 1.62 -5.84 19.78
N THR A 61 1.35 -7.11 19.50
CA THR A 61 -0.03 -7.57 19.33
C THR A 61 -0.28 -8.82 20.19
N ASP A 62 -1.56 -9.15 20.38
CA ASP A 62 -1.92 -10.33 21.17
C ASP A 62 -1.74 -11.63 20.38
N ARG A 63 -1.35 -11.54 19.10
CA ARG A 63 -1.11 -12.73 18.28
C ARG A 63 0.34 -12.78 17.81
N PRO A 64 1.16 -13.66 18.37
CA PRO A 64 2.59 -13.78 17.94
C PRO A 64 2.73 -14.11 16.46
N ILE A 65 3.60 -13.36 15.77
CA ILE A 65 3.84 -13.59 14.35
C ILE A 65 5.30 -13.95 14.11
N ALA A 66 5.53 -15.03 13.36
CA ALA A 66 6.90 -15.47 13.08
C ALA A 66 7.54 -14.58 12.02
N PRO A 67 8.85 -14.38 12.07
CA PRO A 67 9.57 -13.51 11.09
C PRO A 67 9.58 -14.12 9.69
N ARG A 68 9.31 -13.29 8.69
CA ARG A 68 9.30 -13.75 7.30
C ARG A 68 10.06 -12.75 6.41
N ASP A 69 10.96 -13.27 5.58
CA ASP A 69 11.73 -12.43 4.67
C ASP A 69 11.35 -12.72 3.21
N GLU A 70 10.10 -13.10 2.99
CA GLU A 70 9.63 -13.42 1.65
C GLU A 70 8.71 -12.31 1.12
N THR A 71 8.74 -12.09 -0.19
CA THR A 71 7.91 -11.07 -0.82
C THR A 71 6.71 -11.71 -1.52
N PHE A 72 5.57 -11.04 -1.44
CA PHE A 72 4.34 -11.55 -2.06
C PHE A 72 4.06 -10.83 -3.37
N GLU A 73 3.76 -11.61 -4.41
CA GLU A 73 3.51 -11.05 -5.74
C GLU A 73 2.24 -10.20 -5.75
N TYR A 74 1.20 -10.68 -5.06
CA TYR A 74 -0.10 -10.01 -5.10
C TYR A 74 -0.83 -10.14 -3.76
N ILE A 75 -1.17 -9.00 -3.16
CA ILE A 75 -2.01 -9.00 -1.96
C ILE A 75 -3.10 -7.92 -2.09
N ILE A 76 -4.29 -8.22 -1.57
CA ILE A 76 -5.42 -7.30 -1.66
C ILE A 76 -5.78 -6.76 -0.27
N PHE A 77 -6.06 -5.47 -0.20
CA PHE A 77 -6.51 -4.85 1.05
C PHE A 77 -7.77 -4.03 0.81
N ARG A 78 -8.70 -4.07 1.77
CA ARG A 78 -9.94 -3.33 1.66
C ARG A 78 -9.89 -2.06 2.51
N GLY A 79 -10.59 -1.02 2.08
CA GLY A 79 -10.59 0.26 2.79
C GLY A 79 -11.04 0.09 4.25
N SER A 80 -11.85 -0.93 4.51
CA SER A 80 -12.38 -1.16 5.86
C SER A 80 -11.25 -1.57 6.82
N ASP A 81 -10.36 -2.44 6.36
CA ASP A 81 -9.29 -2.96 7.21
C ASP A 81 -8.13 -1.98 7.31
N ILE A 82 -7.89 -1.24 6.22
CA ILE A 82 -6.79 -0.26 6.20
C ILE A 82 -7.06 0.86 7.20
N LYS A 83 -5.99 1.37 7.82
CA LYS A 83 -6.11 2.44 8.80
C LYS A 83 -5.66 3.77 8.21
N ASP A 84 -4.52 3.76 7.52
CA ASP A 84 -3.97 4.97 6.94
C ASP A 84 -3.21 4.68 5.64
N LEU A 85 -3.22 5.66 4.73
CA LEU A 85 -2.52 5.52 3.45
C LEU A 85 -1.67 6.77 3.18
N THR A 86 -0.39 6.56 2.87
CA THR A 86 0.50 7.68 2.56
C THR A 86 1.29 7.39 1.28
N VAL A 87 1.39 8.38 0.40
CA VAL A 87 2.12 8.23 -0.86
C VAL A 87 3.53 8.81 -0.73
N CYS A 88 4.51 8.17 -1.37
CA CYS A 88 5.89 8.62 -1.29
C CYS A 88 6.23 9.54 -2.46
N GLU A 89 5.68 9.25 -3.63
CA GLU A 89 5.92 10.06 -4.82
C GLU A 89 4.87 11.17 -4.93
N PRO A 90 5.26 12.44 -4.87
CA PRO A 90 4.32 13.57 -5.03
C PRO A 90 4.10 13.95 -6.50
N PRO A 91 2.98 14.57 -6.82
CA PRO A 91 2.70 15.00 -8.23
C PRO A 91 3.53 16.22 -8.63
N LYS A 92 4.09 16.18 -9.84
CA LYS A 92 4.90 17.28 -10.33
C LYS A 92 4.03 18.32 -11.04
N PRO A 93 4.45 19.57 -11.05
CA PRO A 93 3.68 20.65 -11.74
C PRO A 93 3.47 20.36 -13.23
N ILE A 94 2.28 20.68 -13.74
CA ILE A 94 1.95 20.46 -15.14
C ILE A 94 1.37 21.73 -15.76
N MET A 95 1.54 21.87 -17.08
CA MET A 95 1.02 23.03 -17.79
C MET A 95 0.69 22.67 -19.24
N LEU A 8 -10.11 17.81 -15.31
CA LEU A 8 -9.22 17.68 -14.12
C LEU A 8 -9.51 18.80 -13.12
N GLU A 9 -9.79 18.45 -11.89
CA GLU A 9 -10.09 19.50 -10.85
C GLU A 9 -8.89 19.65 -9.91
N ASP A 10 -8.38 18.57 -9.38
CA ASP A 10 -7.23 18.64 -8.44
C ASP A 10 -5.93 18.18 -9.14
N PRO A 11 -4.80 18.73 -8.72
CA PRO A 11 -3.50 18.35 -9.33
C PRO A 11 -3.21 16.86 -9.12
N SER A 12 -3.67 16.30 -8.03
CA SER A 12 -3.42 14.84 -7.75
C SER A 12 -4.13 13.98 -8.80
N GLY A 13 -5.27 14.42 -9.29
CA GLY A 13 -6.02 13.64 -10.32
C GLY A 13 -5.20 13.57 -11.62
N GLY A 14 -4.44 14.60 -11.92
CA GLY A 14 -3.63 14.61 -13.17
C GLY A 14 -2.54 13.53 -13.09
N THR A 15 -2.02 13.27 -11.91
CA THR A 15 -0.96 12.24 -11.77
C THR A 15 -1.60 10.86 -11.50
N PRO A 16 -1.30 9.89 -12.34
CA PRO A 16 -1.89 8.53 -12.15
C PRO A 16 -1.31 7.86 -10.90
N TYR A 17 -2.17 7.34 -10.05
CA TYR A 17 -1.67 6.64 -8.82
C TYR A 17 -0.97 5.34 -9.20
N ILE A 18 -1.41 4.69 -10.25
CA ILE A 18 -0.79 3.38 -10.65
C ILE A 18 0.67 3.60 -11.06
N GLY A 19 1.56 2.76 -10.59
CA GLY A 19 3.01 2.93 -10.90
C GLY A 19 3.73 3.73 -9.81
N SER A 20 3.02 4.18 -8.80
CA SER A 20 3.70 4.96 -7.70
C SER A 20 3.91 4.07 -6.47
N LYS A 21 4.97 4.32 -5.73
CA LYS A 21 5.24 3.52 -4.49
C LYS A 21 4.41 4.07 -3.32
N ILE A 22 3.69 3.20 -2.64
CA ILE A 22 2.78 3.68 -1.54
C ILE A 22 3.01 2.83 -0.29
N SER A 23 2.82 3.42 0.87
CA SER A 23 2.92 2.65 2.14
C SER A 23 1.55 2.61 2.82
N LEU A 24 1.16 1.46 3.32
CA LEU A 24 -0.20 1.31 3.92
C LEU A 24 -0.09 0.73 5.33
N ILE A 25 -0.84 1.26 6.26
CA ILE A 25 -0.85 0.70 7.65
C ILE A 25 -2.19 0.00 7.91
N SER A 26 -2.15 -1.25 8.27
CA SER A 26 -3.41 -2.05 8.37
C SER A 26 -3.97 -2.03 9.79
N LYS A 27 -5.15 -2.57 9.98
CA LYS A 27 -5.79 -2.55 11.34
C LYS A 27 -4.93 -3.28 12.38
N ALA A 28 -4.02 -4.12 11.95
CA ALA A 28 -3.16 -4.88 12.92
C ALA A 28 -1.89 -4.10 13.27
N GLU A 29 -1.84 -2.81 12.97
CA GLU A 29 -0.64 -1.97 13.32
C GLU A 29 0.63 -2.55 12.68
N ILE A 30 0.49 -3.21 11.56
CA ILE A 30 1.70 -3.67 10.79
C ILE A 30 1.89 -2.76 9.57
N ARG A 31 3.11 -2.54 9.16
CA ARG A 31 3.37 -1.60 8.03
C ARG A 31 3.75 -2.38 6.76
N TYR A 32 2.97 -2.25 5.72
CA TYR A 32 3.29 -2.92 4.43
C TYR A 32 3.67 -1.88 3.38
N GLU A 33 4.65 -2.16 2.56
CA GLU A 33 4.99 -1.24 1.43
C GLU A 33 4.97 -2.01 0.11
N GLY A 34 4.48 -1.39 -0.93
CA GLY A 34 4.41 -2.09 -2.26
C GLY A 34 4.12 -1.05 -3.35
N ILE A 35 4.01 -1.47 -4.58
CA ILE A 35 3.74 -0.51 -5.69
C ILE A 35 2.29 -0.66 -6.17
N LEU A 36 1.61 0.45 -6.34
CA LEU A 36 0.16 0.39 -6.73
C LEU A 36 0.00 -0.29 -8.10
N TYR A 37 -0.64 -1.43 -8.13
CA TYR A 37 -0.80 -2.16 -9.42
C TYR A 37 -2.15 -1.85 -10.06
N THR A 38 -3.22 -1.99 -9.30
CA THR A 38 -4.58 -1.73 -9.88
C THR A 38 -5.50 -1.12 -8.83
N ILE A 39 -6.39 -0.24 -9.23
CA ILE A 39 -7.32 0.41 -8.26
C ILE A 39 -8.77 0.06 -8.64
N ASP A 40 -9.53 -0.44 -7.69
CA ASP A 40 -10.97 -0.74 -7.94
C ASP A 40 -11.85 0.21 -7.13
N THR A 41 -12.33 1.27 -7.76
CA THR A 41 -13.14 2.29 -7.01
C THR A 41 -14.50 1.72 -6.63
N GLU A 42 -15.08 0.92 -7.49
CA GLU A 42 -16.51 0.47 -7.28
C GLU A 42 -16.67 -0.27 -5.95
N ASN A 43 -15.62 -0.93 -5.49
CA ASN A 43 -15.73 -1.73 -4.22
C ASN A 43 -14.83 -1.15 -3.12
N SER A 44 -14.31 0.05 -3.28
CA SER A 44 -13.36 0.64 -2.28
C SER A 44 -12.22 -0.34 -1.95
N THR A 45 -11.61 -0.93 -2.96
CA THR A 45 -10.52 -1.92 -2.73
C THR A 45 -9.30 -1.61 -3.59
N VAL A 46 -8.13 -1.93 -3.12
CA VAL A 46 -6.89 -1.66 -3.92
C VAL A 46 -5.99 -2.90 -3.92
N ALA A 47 -5.36 -3.19 -5.03
CA ALA A 47 -4.44 -4.36 -5.10
C ALA A 47 -2.99 -3.90 -5.29
N LEU A 48 -2.10 -4.40 -4.47
CA LEU A 48 -0.67 -3.97 -4.56
C LEU A 48 0.21 -5.17 -4.93
N ALA A 49 1.18 -4.96 -5.79
CA ALA A 49 2.08 -6.08 -6.20
C ALA A 49 3.51 -5.78 -5.76
N LYS A 50 4.36 -6.79 -5.72
CA LYS A 50 5.78 -6.61 -5.25
C LYS A 50 5.80 -5.92 -3.88
N VAL A 51 5.16 -6.51 -2.90
CA VAL A 51 5.01 -5.83 -1.58
C VAL A 51 5.64 -6.69 -0.47
N ARG A 52 6.14 -6.06 0.55
CA ARG A 52 6.74 -6.82 1.70
C ARG A 52 6.34 -6.17 3.03
N SER A 53 6.30 -6.94 4.09
CA SER A 53 5.94 -6.38 5.42
C SER A 53 7.21 -6.16 6.26
N PHE A 54 7.36 -5.00 6.85
CA PHE A 54 8.64 -4.67 7.56
C PHE A 54 8.76 -5.50 8.84
N GLY A 55 7.68 -5.67 9.56
CA GLY A 55 7.72 -6.50 10.81
C GLY A 55 6.44 -6.30 11.61
N THR A 56 6.23 -7.10 12.62
CA THR A 56 5.03 -6.93 13.50
C THR A 56 5.45 -6.63 14.94
N GLU A 57 6.61 -7.09 15.35
CA GLU A 57 7.06 -6.87 16.76
C GLU A 57 7.22 -5.38 17.07
N ASP A 58 7.56 -4.59 16.08
CA ASP A 58 7.71 -3.11 16.31
C ASP A 58 6.39 -2.51 16.79
N ARG A 59 5.29 -3.05 16.35
CA ARG A 59 3.96 -2.58 16.83
C ARG A 59 3.20 -3.74 17.49
N PRO A 60 3.30 -3.84 18.81
CA PRO A 60 2.74 -5.02 19.53
C PRO A 60 1.23 -5.15 19.29
N THR A 61 0.77 -6.34 18.96
CA THR A 61 -0.68 -6.55 18.70
C THR A 61 -1.19 -7.72 19.54
N ASP A 62 -2.50 -7.86 19.65
CA ASP A 62 -3.06 -9.00 20.44
C ASP A 62 -3.02 -10.32 19.63
N ARG A 63 -2.55 -10.28 18.40
CA ARG A 63 -2.43 -11.54 17.61
C ARG A 63 -0.94 -11.83 17.32
N PRO A 64 -0.43 -12.93 17.87
CA PRO A 64 1.01 -13.26 17.68
C PRO A 64 1.32 -13.56 16.21
N ILE A 65 2.36 -12.97 15.69
CA ILE A 65 2.74 -13.22 14.26
C ILE A 65 4.17 -13.77 14.22
N ALA A 66 4.44 -14.65 13.27
CA ALA A 66 5.82 -15.24 13.16
C ALA A 66 6.68 -14.38 12.22
N PRO A 67 7.98 -14.38 12.47
CA PRO A 67 8.91 -13.58 11.63
C PRO A 67 9.00 -14.16 10.21
N ARG A 68 9.15 -13.32 9.21
CA ARG A 68 9.27 -13.83 7.82
C ARG A 68 10.02 -12.80 6.95
N ASP A 69 10.70 -13.27 5.92
CA ASP A 69 11.47 -12.35 5.04
C ASP A 69 11.21 -12.67 3.56
N GLU A 70 10.00 -13.11 3.26
CA GLU A 70 9.67 -13.46 1.84
C GLU A 70 8.88 -12.32 1.19
N THR A 71 8.90 -12.26 -0.12
CA THR A 71 8.15 -11.18 -0.84
C THR A 71 6.84 -11.72 -1.40
N PHE A 72 5.79 -10.93 -1.36
CA PHE A 72 4.47 -11.39 -1.89
C PHE A 72 4.21 -10.78 -3.26
N GLU A 73 3.88 -11.59 -4.23
CA GLU A 73 3.67 -11.08 -5.62
C GLU A 73 2.40 -10.21 -5.68
N TYR A 74 1.33 -10.63 -5.06
CA TYR A 74 0.05 -9.87 -5.13
C TYR A 74 -0.76 -10.06 -3.85
N ILE A 75 -1.08 -8.97 -3.18
CA ILE A 75 -1.99 -9.05 -2.00
C ILE A 75 -3.10 -7.99 -2.12
N ILE A 76 -4.27 -8.28 -1.63
CA ILE A 76 -5.41 -7.32 -1.76
C ILE A 76 -5.75 -6.74 -0.39
N PHE A 77 -6.00 -5.45 -0.32
CA PHE A 77 -6.43 -4.81 0.95
C PHE A 77 -7.70 -3.98 0.73
N ARG A 78 -8.59 -3.95 1.69
CA ARG A 78 -9.85 -3.16 1.54
C ARG A 78 -9.81 -1.94 2.46
N GLY A 79 -10.51 -0.89 2.08
CA GLY A 79 -10.52 0.36 2.91
C GLY A 79 -10.97 0.07 4.34
N SER A 80 -11.76 -0.96 4.54
CA SER A 80 -12.26 -1.28 5.91
C SER A 80 -11.12 -1.69 6.84
N ASP A 81 -10.23 -2.55 6.37
CA ASP A 81 -9.13 -3.04 7.25
C ASP A 81 -7.97 -2.03 7.28
N ILE A 82 -7.77 -1.31 6.21
CA ILE A 82 -6.66 -0.30 6.17
C ILE A 82 -6.94 0.83 7.19
N LYS A 83 -5.92 1.30 7.85
CA LYS A 83 -6.12 2.40 8.84
C LYS A 83 -5.62 3.73 8.26
N ASP A 84 -4.49 3.73 7.60
CA ASP A 84 -3.93 5.00 7.04
C ASP A 84 -3.21 4.73 5.71
N LEU A 85 -3.27 5.68 4.81
CA LEU A 85 -2.57 5.51 3.49
C LEU A 85 -1.70 6.74 3.20
N THR A 86 -0.45 6.54 2.86
CA THR A 86 0.45 7.69 2.56
C THR A 86 1.28 7.40 1.29
N VAL A 87 1.51 8.40 0.48
CA VAL A 87 2.32 8.20 -0.76
C VAL A 87 3.77 8.64 -0.51
N CYS A 88 4.72 7.96 -1.09
CA CYS A 88 6.15 8.30 -0.84
C CYS A 88 6.75 9.06 -2.03
N GLU A 89 6.35 8.70 -3.22
CA GLU A 89 6.90 9.39 -4.44
C GLU A 89 5.91 9.26 -5.61
N PRO A 90 5.73 10.33 -6.38
CA PRO A 90 4.84 10.27 -7.57
C PRO A 90 5.40 9.27 -8.61
N PRO A 91 4.66 9.07 -9.68
CA PRO A 91 5.09 8.15 -10.76
C PRO A 91 6.39 8.65 -11.40
N LYS A 92 7.15 7.77 -12.00
CA LYS A 92 8.43 8.19 -12.65
C LYS A 92 8.15 8.81 -14.04
N PRO A 93 9.08 9.62 -14.52
CA PRO A 93 8.89 10.26 -15.85
C PRO A 93 8.93 9.22 -16.96
N ILE A 94 8.20 9.45 -18.03
CA ILE A 94 8.19 8.47 -19.17
C ILE A 94 9.55 8.49 -19.89
N MET A 95 10.18 9.63 -19.96
CA MET A 95 11.51 9.73 -20.63
C MET A 95 12.60 10.00 -19.61
N LEU A 8 -4.62 26.24 -12.39
CA LEU A 8 -3.32 25.77 -11.80
C LEU A 8 -3.31 24.24 -11.82
N GLU A 9 -4.39 23.62 -11.36
CA GLU A 9 -4.46 22.12 -11.30
C GLU A 9 -3.47 21.63 -10.23
N ASP A 10 -3.59 20.38 -9.83
CA ASP A 10 -2.66 19.82 -8.80
C ASP A 10 -1.67 18.88 -9.50
N PRO A 11 -0.46 18.78 -8.96
CA PRO A 11 0.57 17.90 -9.58
C PRO A 11 0.15 16.43 -9.47
N SER A 12 -0.54 16.07 -8.40
CA SER A 12 -0.98 14.65 -8.23
C SER A 12 -2.01 14.27 -9.29
N GLY A 13 -2.86 15.20 -9.67
CA GLY A 13 -3.91 14.90 -10.69
C GLY A 13 -3.25 14.71 -12.06
N GLY A 14 -2.19 15.43 -12.32
CA GLY A 14 -1.50 15.33 -13.64
C GLY A 14 -0.85 13.95 -13.77
N THR A 15 -0.31 13.43 -12.70
CA THR A 15 0.35 12.09 -12.76
C THR A 15 -0.60 11.00 -12.23
N PRO A 16 -0.57 9.84 -12.86
CA PRO A 16 -1.46 8.73 -12.43
C PRO A 16 -0.95 8.11 -11.13
N TYR A 17 -1.84 7.70 -10.27
CA TYR A 17 -1.42 7.04 -8.98
C TYR A 17 -0.81 5.67 -9.28
N ILE A 18 -1.29 4.99 -10.29
CA ILE A 18 -0.76 3.63 -10.62
C ILE A 18 0.71 3.74 -11.05
N GLY A 19 1.55 2.88 -10.53
CA GLY A 19 3.01 2.96 -10.85
C GLY A 19 3.77 3.74 -9.76
N SER A 20 3.08 4.27 -8.76
CA SER A 20 3.79 5.01 -7.67
C SER A 20 4.01 4.11 -6.45
N LYS A 21 5.04 4.39 -5.69
CA LYS A 21 5.31 3.57 -4.45
C LYS A 21 4.50 4.10 -3.28
N ILE A 22 3.76 3.23 -2.60
CA ILE A 22 2.87 3.69 -1.50
C ILE A 22 3.07 2.81 -0.26
N SER A 23 2.88 3.38 0.90
CA SER A 23 2.94 2.58 2.16
C SER A 23 1.56 2.56 2.83
N LEU A 24 1.10 1.40 3.21
CA LEU A 24 -0.26 1.27 3.80
C LEU A 24 -0.19 0.73 5.23
N ILE A 25 -0.92 1.33 6.14
CA ILE A 25 -0.93 0.84 7.55
C ILE A 25 -2.28 0.15 7.83
N SER A 26 -2.24 -1.10 8.23
CA SER A 26 -3.49 -1.89 8.36
C SER A 26 -4.02 -1.83 9.81
N LYS A 27 -5.20 -2.35 10.03
CA LYS A 27 -5.81 -2.29 11.41
C LYS A 27 -4.93 -3.02 12.45
N ALA A 28 -4.04 -3.88 12.01
CA ALA A 28 -3.18 -4.64 12.98
C ALA A 28 -1.89 -3.87 13.28
N GLU A 29 -1.82 -2.59 12.97
CA GLU A 29 -0.60 -1.76 13.28
C GLU A 29 0.65 -2.37 12.63
N ILE A 30 0.48 -3.06 11.52
CA ILE A 30 1.65 -3.54 10.74
C ILE A 30 1.80 -2.67 9.48
N ARG A 31 3.01 -2.43 9.05
CA ARG A 31 3.23 -1.56 7.87
C ARG A 31 3.59 -2.39 6.64
N TYR A 32 2.81 -2.29 5.59
CA TYR A 32 3.14 -3.00 4.32
C TYR A 32 3.53 -1.99 3.25
N GLU A 33 4.61 -2.23 2.54
CA GLU A 33 4.99 -1.32 1.42
C GLU A 33 4.93 -2.07 0.09
N GLY A 34 4.46 -1.43 -0.94
CA GLY A 34 4.37 -2.10 -2.27
C GLY A 34 4.10 -1.04 -3.35
N ILE A 35 3.96 -1.43 -4.58
CA ILE A 35 3.68 -0.44 -5.66
C ILE A 35 2.22 -0.56 -6.12
N LEU A 36 1.57 0.56 -6.34
CA LEU A 36 0.12 0.53 -6.74
C LEU A 36 -0.04 -0.14 -8.10
N TYR A 37 -0.66 -1.30 -8.13
CA TYR A 37 -0.81 -2.03 -9.42
C TYR A 37 -2.18 -1.74 -10.05
N THR A 38 -3.24 -1.90 -9.29
CA THR A 38 -4.60 -1.66 -9.84
C THR A 38 -5.52 -1.05 -8.78
N ILE A 39 -6.38 -0.14 -9.16
CA ILE A 39 -7.30 0.49 -8.18
C ILE A 39 -8.76 0.15 -8.53
N ASP A 40 -9.50 -0.37 -7.58
CA ASP A 40 -10.94 -0.67 -7.84
C ASP A 40 -11.82 0.25 -6.99
N THR A 41 -12.27 1.34 -7.58
CA THR A 41 -13.08 2.33 -6.81
C THR A 41 -14.45 1.75 -6.47
N GLU A 42 -15.04 1.03 -7.38
CA GLU A 42 -16.46 0.56 -7.19
C GLU A 42 -16.58 -0.32 -5.94
N ASN A 43 -15.53 -1.01 -5.56
CA ASN A 43 -15.60 -1.93 -4.39
C ASN A 43 -14.76 -1.41 -3.21
N SER A 44 -14.31 -0.18 -3.26
CA SER A 44 -13.42 0.38 -2.17
C SER A 44 -12.25 -0.58 -1.86
N THR A 45 -11.61 -1.09 -2.89
CA THR A 45 -10.49 -2.06 -2.67
C THR A 45 -9.27 -1.67 -3.53
N VAL A 46 -8.09 -1.99 -3.06
CA VAL A 46 -6.86 -1.69 -3.85
C VAL A 46 -5.95 -2.92 -3.89
N ALA A 47 -5.34 -3.20 -5.01
CA ALA A 47 -4.42 -4.38 -5.12
C ALA A 47 -2.98 -3.90 -5.30
N LEU A 48 -2.08 -4.40 -4.49
CA LEU A 48 -0.65 -3.97 -4.58
C LEU A 48 0.22 -5.17 -4.96
N ALA A 49 1.18 -4.96 -5.83
CA ALA A 49 2.09 -6.08 -6.23
C ALA A 49 3.52 -5.78 -5.77
N LYS A 50 4.36 -6.79 -5.72
CA LYS A 50 5.77 -6.60 -5.22
C LYS A 50 5.76 -5.91 -3.85
N VAL A 51 5.15 -6.54 -2.87
CA VAL A 51 4.99 -5.87 -1.54
C VAL A 51 5.65 -6.71 -0.43
N ARG A 52 6.17 -6.05 0.57
CA ARG A 52 6.81 -6.78 1.71
C ARG A 52 6.31 -6.21 3.04
N SER A 53 6.25 -7.04 4.06
CA SER A 53 5.81 -6.55 5.40
C SER A 53 7.04 -6.24 6.27
N PHE A 54 7.08 -5.08 6.89
CA PHE A 54 8.31 -4.66 7.64
C PHE A 54 8.43 -5.43 8.95
N GLY A 55 7.33 -5.65 9.64
CA GLY A 55 7.38 -6.40 10.93
C GLY A 55 6.05 -6.26 11.67
N THR A 56 5.91 -6.95 12.78
CA THR A 56 4.67 -6.81 13.62
C THR A 56 5.01 -6.27 15.02
N GLU A 57 6.24 -5.89 15.26
CA GLU A 57 6.66 -5.49 16.65
C GLU A 57 5.80 -4.32 17.18
N ASP A 58 5.20 -3.56 16.30
CA ASP A 58 4.36 -2.40 16.75
C ASP A 58 3.20 -2.89 17.62
N ARG A 59 2.69 -4.06 17.33
CA ARG A 59 1.57 -4.62 18.14
C ARG A 59 1.73 -6.15 18.27
N PRO A 60 2.35 -6.60 19.35
CA PRO A 60 2.62 -8.06 19.51
C PRO A 60 1.32 -8.86 19.55
N THR A 61 1.28 -9.97 18.87
CA THR A 61 0.02 -10.80 18.83
C THR A 61 0.33 -12.21 19.31
N ASP A 62 -0.70 -12.98 19.61
CA ASP A 62 -0.49 -14.39 20.08
C ASP A 62 -0.17 -15.32 18.90
N ARG A 63 -0.15 -14.82 17.68
CA ARG A 63 0.25 -15.66 16.51
C ARG A 63 1.63 -15.22 15.99
N PRO A 64 2.64 -16.03 16.25
CA PRO A 64 4.02 -15.65 15.83
C PRO A 64 4.13 -15.55 14.31
N ILE A 65 4.87 -14.58 13.82
CA ILE A 65 5.06 -14.44 12.34
C ILE A 65 6.46 -14.96 11.95
N ALA A 66 6.57 -15.61 10.83
CA ALA A 66 7.90 -16.16 10.40
C ALA A 66 8.86 -15.02 10.04
N PRO A 67 10.15 -15.28 10.14
CA PRO A 67 11.17 -14.26 9.80
C PRO A 67 11.06 -13.85 8.33
N ARG A 68 11.68 -12.75 7.96
CA ARG A 68 11.62 -12.29 6.53
C ARG A 68 12.37 -13.28 5.62
N ASP A 69 11.80 -13.60 4.50
CA ASP A 69 12.46 -14.57 3.56
C ASP A 69 12.09 -14.26 2.11
N GLU A 70 10.83 -14.34 1.78
CA GLU A 70 10.39 -14.10 0.37
C GLU A 70 9.44 -12.91 0.29
N THR A 71 9.17 -12.43 -0.89
CA THR A 71 8.24 -11.27 -1.05
C THR A 71 6.88 -11.76 -1.55
N PHE A 72 5.85 -10.95 -1.41
CA PHE A 72 4.49 -11.37 -1.89
C PHE A 72 4.22 -10.77 -3.27
N GLU A 73 3.88 -11.60 -4.23
CA GLU A 73 3.67 -11.11 -5.63
C GLU A 73 2.43 -10.22 -5.71
N TYR A 74 1.34 -10.65 -5.12
CA TYR A 74 0.07 -9.86 -5.21
C TYR A 74 -0.78 -10.07 -3.95
N ILE A 75 -1.09 -9.01 -3.26
CA ILE A 75 -2.02 -9.10 -2.09
C ILE A 75 -3.11 -8.02 -2.20
N ILE A 76 -4.29 -8.32 -1.73
CA ILE A 76 -5.42 -7.34 -1.83
C ILE A 76 -5.78 -6.80 -0.43
N PHE A 77 -5.99 -5.51 -0.32
CA PHE A 77 -6.42 -4.93 0.98
C PHE A 77 -7.69 -4.10 0.79
N ARG A 78 -8.59 -4.11 1.75
CA ARG A 78 -9.86 -3.35 1.62
C ARG A 78 -9.84 -2.12 2.53
N GLY A 79 -10.54 -1.08 2.15
CA GLY A 79 -10.55 0.17 2.97
C GLY A 79 -10.98 -0.10 4.41
N SER A 80 -11.75 -1.15 4.64
CA SER A 80 -12.24 -1.46 6.02
C SER A 80 -11.06 -1.84 6.93
N ASP A 81 -10.17 -2.68 6.46
CA ASP A 81 -9.03 -3.13 7.32
C ASP A 81 -7.90 -2.09 7.33
N ILE A 82 -7.73 -1.37 6.23
CA ILE A 82 -6.66 -0.34 6.16
C ILE A 82 -6.96 0.80 7.16
N LYS A 83 -5.93 1.36 7.75
CA LYS A 83 -6.14 2.46 8.73
C LYS A 83 -5.70 3.80 8.13
N ASP A 84 -4.59 3.81 7.44
CA ASP A 84 -4.09 5.10 6.86
C ASP A 84 -3.26 4.82 5.58
N LEU A 85 -3.25 5.76 4.67
CA LEU A 85 -2.47 5.58 3.39
C LEU A 85 -1.56 6.79 3.15
N THR A 86 -0.30 6.56 2.89
CA THR A 86 0.63 7.70 2.62
C THR A 86 1.47 7.42 1.36
N VAL A 87 1.73 8.43 0.58
CA VAL A 87 2.54 8.25 -0.68
C VAL A 87 4.01 8.61 -0.41
N CYS A 88 4.93 7.89 -1.02
CA CYS A 88 6.38 8.14 -0.76
C CYS A 88 6.97 9.02 -1.86
N GLU A 89 6.55 8.82 -3.09
CA GLU A 89 7.07 9.65 -4.21
C GLU A 89 6.07 10.77 -4.56
N PRO A 90 6.48 12.02 -4.41
CA PRO A 90 5.58 13.15 -4.74
C PRO A 90 5.53 13.35 -6.27
N PRO A 91 4.42 13.86 -6.76
CA PRO A 91 4.29 14.14 -8.21
C PRO A 91 5.19 15.31 -8.61
N LYS A 92 5.64 15.33 -9.84
CA LYS A 92 6.52 16.44 -10.31
C LYS A 92 5.71 17.46 -11.13
N PRO A 93 6.26 18.66 -11.28
CA PRO A 93 5.56 19.72 -12.07
C PRO A 93 5.39 19.29 -13.52
N ILE A 94 4.26 19.62 -14.11
CA ILE A 94 4.03 19.24 -15.55
C ILE A 94 3.78 20.51 -16.38
N MET A 95 4.40 20.61 -17.52
CA MET A 95 4.21 21.82 -18.39
C MET A 95 3.91 21.39 -19.83
N LEU A 8 1.25 25.55 -17.33
CA LEU A 8 2.25 24.44 -17.24
C LEU A 8 1.93 23.52 -16.07
N GLU A 9 2.04 22.22 -16.26
CA GLU A 9 1.74 21.25 -15.16
C GLU A 9 3.00 20.47 -14.80
N ASP A 10 2.98 19.78 -13.68
CA ASP A 10 4.18 18.99 -13.26
C ASP A 10 4.11 17.56 -13.85
N PRO A 11 5.27 16.97 -14.10
CA PRO A 11 5.30 15.60 -14.68
C PRO A 11 4.64 14.59 -13.73
N SER A 12 4.76 14.81 -12.44
CA SER A 12 4.16 13.85 -11.46
C SER A 12 2.63 13.89 -11.53
N GLY A 13 2.07 15.05 -11.76
CA GLY A 13 0.59 15.17 -11.83
C GLY A 13 0.10 14.57 -13.16
N GLY A 14 0.85 14.75 -14.21
CA GLY A 14 0.43 14.21 -15.55
C GLY A 14 0.49 12.68 -15.54
N THR A 15 1.44 12.12 -14.83
CA THR A 15 1.58 10.63 -14.82
C THR A 15 0.42 9.99 -14.02
N PRO A 16 -0.03 8.82 -14.46
CA PRO A 16 -1.12 8.11 -13.73
C PRO A 16 -0.64 7.70 -12.32
N TYR A 17 -1.54 7.66 -11.37
CA TYR A 17 -1.16 7.23 -9.99
C TYR A 17 -0.66 5.77 -9.99
N ILE A 18 -1.14 4.96 -10.89
CA ILE A 18 -0.67 3.54 -10.96
C ILE A 18 0.81 3.51 -11.34
N GLY A 19 1.59 2.69 -10.67
CA GLY A 19 3.06 2.68 -10.90
C GLY A 19 3.79 3.52 -9.83
N SER A 20 3.06 4.16 -8.93
CA SER A 20 3.73 4.93 -7.84
C SER A 20 3.90 4.06 -6.59
N LYS A 21 4.80 4.42 -5.72
CA LYS A 21 5.05 3.60 -4.48
C LYS A 21 4.19 4.10 -3.33
N ILE A 22 3.54 3.21 -2.62
CA ILE A 22 2.64 3.63 -1.51
C ILE A 22 2.92 2.79 -0.25
N SER A 23 2.75 3.39 0.90
CA SER A 23 2.90 2.62 2.18
C SER A 23 1.55 2.57 2.90
N LEU A 24 1.15 1.41 3.33
CA LEU A 24 -0.21 1.25 3.94
C LEU A 24 -0.09 0.68 5.36
N ILE A 25 -0.83 1.22 6.30
CA ILE A 25 -0.81 0.67 7.69
C ILE A 25 -2.15 -0.02 7.96
N SER A 26 -2.11 -1.29 8.27
CA SER A 26 -3.37 -2.09 8.36
C SER A 26 -3.93 -2.08 9.79
N LYS A 27 -5.12 -2.59 9.99
CA LYS A 27 -5.76 -2.58 11.34
C LYS A 27 -4.91 -3.33 12.38
N ALA A 28 -4.01 -4.17 11.95
CA ALA A 28 -3.16 -4.95 12.92
C ALA A 28 -1.86 -4.20 13.25
N GLU A 29 -1.79 -2.91 12.97
CA GLU A 29 -0.58 -2.09 13.32
C GLU A 29 0.67 -2.67 12.66
N ILE A 30 0.52 -3.32 11.53
CA ILE A 30 1.71 -3.77 10.74
C ILE A 30 1.89 -2.85 9.52
N ARG A 31 3.11 -2.64 9.10
CA ARG A 31 3.37 -1.71 7.96
C ARG A 31 3.72 -2.51 6.69
N TYR A 32 2.91 -2.37 5.66
CA TYR A 32 3.22 -3.05 4.37
C TYR A 32 3.57 -2.00 3.31
N GLU A 33 4.59 -2.25 2.53
CA GLU A 33 4.92 -1.30 1.42
C GLU A 33 4.92 -2.04 0.08
N GLY A 34 4.42 -1.41 -0.96
CA GLY A 34 4.36 -2.07 -2.29
C GLY A 34 4.04 -1.02 -3.35
N ILE A 35 3.92 -1.42 -4.60
CA ILE A 35 3.63 -0.42 -5.68
C ILE A 35 2.18 -0.57 -6.15
N LEU A 36 1.52 0.54 -6.42
CA LEU A 36 0.07 0.48 -6.83
C LEU A 36 -0.06 -0.23 -8.18
N TYR A 37 -0.62 -1.41 -8.18
CA TYR A 37 -0.75 -2.19 -9.46
C TYR A 37 -2.12 -1.91 -10.10
N THR A 38 -3.19 -2.07 -9.35
CA THR A 38 -4.55 -1.85 -9.94
C THR A 38 -5.47 -1.19 -8.91
N ILE A 39 -6.34 -0.31 -9.34
CA ILE A 39 -7.26 0.39 -8.39
C ILE A 39 -8.71 0.03 -8.73
N ASP A 40 -9.46 -0.45 -7.76
CA ASP A 40 -10.90 -0.79 -8.00
C ASP A 40 -11.78 0.18 -7.21
N THR A 41 -12.28 1.21 -7.86
CA THR A 41 -13.10 2.23 -7.14
C THR A 41 -14.47 1.65 -6.75
N GLU A 42 -15.02 0.81 -7.59
CA GLU A 42 -16.44 0.34 -7.38
C GLU A 42 -16.60 -0.36 -6.03
N ASN A 43 -15.56 -0.98 -5.54
CA ASN A 43 -15.67 -1.74 -4.25
C ASN A 43 -14.77 -1.13 -3.17
N SER A 44 -14.26 0.06 -3.37
CA SER A 44 -13.30 0.67 -2.38
C SER A 44 -12.16 -0.29 -2.03
N THR A 45 -11.54 -0.89 -3.02
CA THR A 45 -10.46 -1.88 -2.75
C THR A 45 -9.22 -1.57 -3.61
N VAL A 46 -8.06 -1.89 -3.12
CA VAL A 46 -6.80 -1.61 -3.89
C VAL A 46 -5.92 -2.86 -3.90
N ALA A 47 -5.30 -3.15 -5.02
CA ALA A 47 -4.38 -4.33 -5.11
C ALA A 47 -2.95 -3.87 -5.30
N LEU A 48 -2.05 -4.35 -4.48
CA LEU A 48 -0.61 -3.94 -4.59
C LEU A 48 0.25 -5.14 -4.93
N ALA A 49 1.19 -4.97 -5.83
CA ALA A 49 2.09 -6.11 -6.21
C ALA A 49 3.52 -5.81 -5.77
N LYS A 50 4.37 -6.82 -5.73
CA LYS A 50 5.79 -6.64 -5.26
C LYS A 50 5.81 -5.93 -3.90
N VAL A 51 5.27 -6.56 -2.88
CA VAL A 51 5.10 -5.87 -1.57
C VAL A 51 5.79 -6.67 -0.45
N ARG A 52 6.34 -5.99 0.52
CA ARG A 52 7.02 -6.67 1.66
C ARG A 52 6.46 -6.15 2.98
N SER A 53 6.45 -6.98 4.00
CA SER A 53 6.03 -6.51 5.36
C SER A 53 7.28 -6.22 6.20
N PHE A 54 7.38 -5.03 6.74
CA PHE A 54 8.66 -4.63 7.42
C PHE A 54 8.84 -5.39 8.73
N GLY A 55 7.76 -5.58 9.48
CA GLY A 55 7.86 -6.37 10.74
C GLY A 55 6.59 -6.18 11.56
N THR A 56 6.42 -6.98 12.59
CA THR A 56 5.26 -6.81 13.52
C THR A 56 5.73 -6.48 14.94
N GLU A 57 6.97 -6.77 15.27
CA GLU A 57 7.48 -6.55 16.66
C GLU A 57 7.45 -5.06 17.02
N ASP A 58 7.60 -4.19 16.04
CA ASP A 58 7.59 -2.71 16.33
C ASP A 58 6.25 -2.31 16.95
N ARG A 59 5.19 -2.96 16.57
CA ARG A 59 3.85 -2.69 17.18
C ARG A 59 3.26 -3.99 17.75
N PRO A 60 3.47 -4.25 19.03
CA PRO A 60 3.07 -5.55 19.63
C PRO A 60 1.56 -5.80 19.47
N THR A 61 1.19 -6.98 19.02
CA THR A 61 -0.25 -7.31 18.85
C THR A 61 -0.56 -8.64 19.55
N ASP A 62 -1.82 -8.94 19.75
CA ASP A 62 -2.21 -10.23 20.41
C ASP A 62 -2.11 -11.41 19.42
N ARG A 63 -1.77 -11.15 18.16
CA ARG A 63 -1.60 -12.27 17.19
C ARG A 63 -0.11 -12.45 16.84
N PRO A 64 0.50 -13.50 17.34
CA PRO A 64 1.94 -13.74 17.08
C PRO A 64 2.18 -14.01 15.59
N ILE A 65 3.24 -13.46 15.04
CA ILE A 65 3.54 -13.68 13.59
C ILE A 65 4.94 -14.28 13.43
N ALA A 66 5.13 -15.13 12.45
CA ALA A 66 6.46 -15.76 12.24
C ALA A 66 7.29 -14.94 11.24
N PRO A 67 8.60 -15.09 11.29
CA PRO A 67 9.49 -14.33 10.38
C PRO A 67 9.25 -14.73 8.92
N ARG A 68 9.66 -13.90 7.99
CA ARG A 68 9.42 -14.20 6.54
C ARG A 68 10.72 -14.09 5.75
N ASP A 69 10.89 -14.92 4.74
CA ASP A 69 12.11 -14.85 3.88
C ASP A 69 11.74 -14.43 2.46
N GLU A 70 10.57 -14.82 2.00
CA GLU A 70 10.16 -14.49 0.60
C GLU A 70 9.24 -13.26 0.58
N THR A 71 9.03 -12.68 -0.58
CA THR A 71 8.14 -11.50 -0.69
C THR A 71 6.78 -11.92 -1.25
N PHE A 72 5.80 -11.03 -1.21
CA PHE A 72 4.44 -11.39 -1.71
C PHE A 72 4.22 -10.79 -3.11
N GLU A 73 3.87 -11.62 -4.07
CA GLU A 73 3.68 -11.12 -5.47
C GLU A 73 2.43 -10.22 -5.55
N TYR A 74 1.34 -10.64 -4.95
CA TYR A 74 0.08 -9.84 -5.05
C TYR A 74 -0.76 -10.01 -3.78
N ILE A 75 -1.07 -8.93 -3.12
CA ILE A 75 -2.00 -8.99 -1.94
C ILE A 75 -3.09 -7.92 -2.08
N ILE A 76 -4.27 -8.19 -1.59
CA ILE A 76 -5.40 -7.22 -1.73
C ILE A 76 -5.76 -6.63 -0.35
N PHE A 77 -5.98 -5.35 -0.29
CA PHE A 77 -6.43 -4.72 1.00
C PHE A 77 -7.68 -3.89 0.76
N ARG A 78 -8.59 -3.87 1.70
CA ARG A 78 -9.85 -3.08 1.54
C ARG A 78 -9.82 -1.85 2.45
N GLY A 79 -10.51 -0.80 2.06
CA GLY A 79 -10.52 0.45 2.88
C GLY A 79 -11.01 0.17 4.31
N SER A 80 -11.80 -0.86 4.49
CA SER A 80 -12.35 -1.16 5.86
C SER A 80 -11.23 -1.57 6.81
N ASP A 81 -10.33 -2.43 6.37
CA ASP A 81 -9.24 -2.93 7.27
C ASP A 81 -8.09 -1.92 7.33
N ILE A 82 -7.85 -1.20 6.26
CA ILE A 82 -6.73 -0.20 6.25
C ILE A 82 -7.04 0.94 7.24
N LYS A 83 -6.03 1.41 7.94
CA LYS A 83 -6.25 2.50 8.93
C LYS A 83 -5.63 3.81 8.41
N ASP A 84 -4.46 3.74 7.84
CA ASP A 84 -3.78 4.98 7.36
C ASP A 84 -3.10 4.73 6.02
N LEU A 85 -3.08 5.73 5.16
CA LEU A 85 -2.42 5.57 3.82
C LEU A 85 -1.51 6.78 3.53
N THR A 86 -0.29 6.52 3.15
CA THR A 86 0.65 7.64 2.81
C THR A 86 1.32 7.39 1.46
N VAL A 87 1.53 8.42 0.68
CA VAL A 87 2.14 8.25 -0.67
C VAL A 87 3.62 8.65 -0.64
N CYS A 88 4.45 7.96 -1.38
CA CYS A 88 5.92 8.28 -1.38
C CYS A 88 6.23 9.34 -2.44
N GLU A 89 5.52 9.32 -3.54
CA GLU A 89 5.73 10.37 -4.60
C GLU A 89 4.90 11.62 -4.25
N PRO A 90 5.32 12.77 -4.74
CA PRO A 90 4.65 14.05 -4.40
C PRO A 90 3.15 14.01 -4.80
N PRO A 91 2.27 13.99 -3.82
CA PRO A 91 0.81 14.00 -4.11
C PRO A 91 0.38 15.41 -4.52
N LYS A 92 -0.66 15.51 -5.32
CA LYS A 92 -1.17 16.86 -5.74
C LYS A 92 -2.41 17.23 -4.92
N PRO A 93 -2.72 18.52 -4.86
CA PRO A 93 -3.91 18.99 -4.10
C PRO A 93 -5.20 18.43 -4.72
N ILE A 94 -6.14 18.05 -3.88
CA ILE A 94 -7.44 17.50 -4.41
C ILE A 94 -8.21 18.59 -5.16
N MET A 95 -8.06 19.83 -4.76
CA MET A 95 -8.78 20.96 -5.45
C MET A 95 -7.85 22.15 -5.62
N LEU A 8 6.94 14.34 -25.05
CA LEU A 8 6.21 14.48 -23.76
C LEU A 8 6.06 15.96 -23.39
N GLU A 9 4.86 16.39 -23.08
CA GLU A 9 4.63 17.81 -22.71
C GLU A 9 4.63 17.98 -21.20
N ASP A 10 3.75 17.29 -20.51
CA ASP A 10 3.69 17.40 -19.01
C ASP A 10 4.29 16.13 -18.38
N PRO A 11 5.07 16.30 -17.32
CA PRO A 11 5.70 15.13 -16.66
C PRO A 11 4.64 14.22 -16.02
N SER A 12 3.64 14.81 -15.40
CA SER A 12 2.56 13.99 -14.76
C SER A 12 1.72 13.31 -15.84
N GLY A 13 1.53 13.96 -16.96
CA GLY A 13 0.74 13.35 -18.08
C GLY A 13 1.53 12.20 -18.70
N GLY A 14 2.84 12.32 -18.75
CA GLY A 14 3.68 11.24 -19.36
C GLY A 14 3.63 9.98 -18.49
N THR A 15 3.61 10.14 -17.19
CA THR A 15 3.57 8.96 -16.28
C THR A 15 2.27 8.99 -15.43
N PRO A 16 1.48 7.94 -15.52
CA PRO A 16 0.23 7.87 -14.71
C PRO A 16 0.58 7.66 -13.23
N TYR A 17 -0.24 8.17 -12.34
CA TYR A 17 0.04 8.00 -10.87
C TYR A 17 0.00 6.51 -10.47
N ILE A 18 -0.70 5.70 -11.23
CA ILE A 18 -0.68 4.22 -10.96
C ILE A 18 0.74 3.69 -11.21
N GLY A 19 1.20 2.79 -10.37
CA GLY A 19 2.62 2.33 -10.46
C GLY A 19 3.52 3.14 -9.51
N SER A 20 2.96 4.10 -8.79
CA SER A 20 3.79 4.85 -7.78
C SER A 20 3.97 4.00 -6.51
N LYS A 21 4.97 4.32 -5.72
CA LYS A 21 5.23 3.53 -4.47
C LYS A 21 4.40 4.07 -3.31
N ILE A 22 3.70 3.21 -2.62
CA ILE A 22 2.81 3.67 -1.50
C ILE A 22 3.04 2.81 -0.26
N SER A 23 2.85 3.39 0.91
CA SER A 23 2.95 2.59 2.17
C SER A 23 1.58 2.57 2.86
N LEU A 24 1.15 1.40 3.29
CA LEU A 24 -0.20 1.26 3.89
C LEU A 24 -0.10 0.70 5.31
N ILE A 25 -0.85 1.24 6.24
CA ILE A 25 -0.85 0.72 7.64
C ILE A 25 -2.18 0.02 7.92
N SER A 26 -2.14 -1.23 8.27
CA SER A 26 -3.40 -2.04 8.38
C SER A 26 -3.94 -2.02 9.82
N LYS A 27 -5.13 -2.54 10.02
CA LYS A 27 -5.76 -2.51 11.38
C LYS A 27 -4.90 -3.26 12.41
N ALA A 28 -4.01 -4.12 11.97
CA ALA A 28 -3.16 -4.90 12.92
C ALA A 28 -1.86 -4.15 13.25
N GLU A 29 -1.79 -2.87 12.98
CA GLU A 29 -0.57 -2.06 13.33
C GLU A 29 0.69 -2.64 12.67
N ILE A 30 0.53 -3.29 11.55
CA ILE A 30 1.71 -3.75 10.76
C ILE A 30 1.88 -2.84 9.54
N ARG A 31 3.09 -2.61 9.11
CA ARG A 31 3.33 -1.68 7.96
C ARG A 31 3.70 -2.47 6.70
N TYR A 32 2.92 -2.35 5.66
CA TYR A 32 3.24 -3.02 4.37
C TYR A 32 3.62 -1.98 3.31
N GLU A 33 4.64 -2.23 2.54
CA GLU A 33 4.98 -1.30 1.42
C GLU A 33 4.95 -2.06 0.08
N GLY A 34 4.45 -1.43 -0.95
CA GLY A 34 4.36 -2.10 -2.28
C GLY A 34 4.06 -1.05 -3.35
N ILE A 35 3.94 -1.45 -4.59
CA ILE A 35 3.65 -0.47 -5.67
C ILE A 35 2.18 -0.59 -6.10
N LEU A 36 1.51 0.53 -6.31
CA LEU A 36 0.06 0.50 -6.67
C LEU A 36 -0.12 -0.14 -8.05
N TYR A 37 -0.67 -1.33 -8.08
CA TYR A 37 -0.79 -2.07 -9.39
C TYR A 37 -2.16 -1.81 -10.03
N THR A 38 -3.21 -2.01 -9.28
CA THR A 38 -4.59 -1.80 -9.86
C THR A 38 -5.51 -1.16 -8.82
N ILE A 39 -6.36 -0.27 -9.24
CA ILE A 39 -7.27 0.43 -8.28
C ILE A 39 -8.74 0.12 -8.64
N ASP A 40 -9.50 -0.39 -7.70
CA ASP A 40 -10.94 -0.68 -7.97
C ASP A 40 -11.82 0.27 -7.14
N THR A 41 -12.28 1.34 -7.74
CA THR A 41 -13.09 2.35 -6.98
C THR A 41 -14.47 1.77 -6.64
N GLU A 42 -15.03 0.97 -7.52
CA GLU A 42 -16.44 0.52 -7.34
C GLU A 42 -16.61 -0.25 -6.02
N ASN A 43 -15.58 -0.91 -5.57
CA ASN A 43 -15.69 -1.74 -4.32
C ASN A 43 -14.81 -1.19 -3.19
N SER A 44 -14.31 0.03 -3.33
CA SER A 44 -13.37 0.60 -2.30
C SER A 44 -12.23 -0.38 -1.97
N THR A 45 -11.61 -0.95 -2.99
CA THR A 45 -10.53 -1.95 -2.75
C THR A 45 -9.30 -1.62 -3.60
N VAL A 46 -8.12 -1.97 -3.12
CA VAL A 46 -6.88 -1.68 -3.90
C VAL A 46 -5.99 -2.93 -3.90
N ALA A 47 -5.35 -3.23 -5.01
CA ALA A 47 -4.44 -4.40 -5.09
C ALA A 47 -2.99 -3.92 -5.27
N LEU A 48 -2.09 -4.43 -4.45
CA LEU A 48 -0.66 -4.00 -4.55
C LEU A 48 0.22 -5.19 -4.93
N ALA A 49 1.16 -4.99 -5.80
CA ALA A 49 2.07 -6.10 -6.22
C ALA A 49 3.50 -5.80 -5.76
N LYS A 50 4.35 -6.81 -5.72
CA LYS A 50 5.76 -6.62 -5.24
C LYS A 50 5.78 -5.91 -3.88
N VAL A 51 5.18 -6.54 -2.89
CA VAL A 51 5.02 -5.85 -1.56
C VAL A 51 5.67 -6.69 -0.45
N ARG A 52 6.22 -6.03 0.54
CA ARG A 52 6.86 -6.76 1.67
C ARG A 52 6.40 -6.17 3.01
N SER A 53 6.34 -6.98 4.04
CA SER A 53 5.95 -6.46 5.38
C SER A 53 7.21 -6.19 6.21
N PHE A 54 7.33 -5.01 6.76
CA PHE A 54 8.61 -4.62 7.46
C PHE A 54 8.78 -5.44 8.75
N GLY A 55 7.71 -5.64 9.48
CA GLY A 55 7.79 -6.45 10.73
C GLY A 55 6.51 -6.29 11.54
N THR A 56 6.34 -7.09 12.56
CA THR A 56 5.15 -6.95 13.45
C THR A 56 5.59 -6.60 14.90
N GLU A 57 6.75 -7.06 15.30
CA GLU A 57 7.22 -6.80 16.70
C GLU A 57 7.40 -5.30 16.96
N ASP A 58 7.69 -4.54 15.93
CA ASP A 58 7.86 -3.05 16.11
C ASP A 58 6.57 -2.43 16.64
N ARG A 59 5.44 -2.98 16.26
CA ARG A 59 4.13 -2.49 16.80
C ARG A 59 3.43 -3.63 17.57
N PRO A 60 3.61 -3.66 18.87
CA PRO A 60 3.08 -4.80 19.68
C PRO A 60 1.57 -4.99 19.47
N THR A 61 1.15 -6.22 19.28
CA THR A 61 -0.30 -6.51 19.08
C THR A 61 -0.74 -7.67 19.96
N ASP A 62 -2.02 -7.87 20.13
CA ASP A 62 -2.52 -9.01 20.96
C ASP A 62 -2.45 -10.34 20.19
N ARG A 63 -2.02 -10.32 18.94
CA ARG A 63 -1.87 -11.59 18.17
C ARG A 63 -0.39 -11.79 17.79
N PRO A 64 0.28 -12.73 18.45
CA PRO A 64 1.72 -12.97 18.17
C PRO A 64 1.95 -13.42 16.72
N ILE A 65 2.92 -12.84 16.06
CA ILE A 65 3.21 -13.25 14.65
C ILE A 65 4.67 -13.73 14.55
N ALA A 66 4.93 -14.70 13.70
CA ALA A 66 6.33 -15.22 13.56
C ALA A 66 7.05 -14.51 12.40
N PRO A 67 8.37 -14.51 12.43
CA PRO A 67 9.17 -13.86 11.35
C PRO A 67 8.90 -14.56 10.00
N ARG A 68 9.04 -13.82 8.92
CA ARG A 68 8.82 -14.43 7.57
C ARG A 68 9.88 -13.94 6.59
N ASP A 69 10.09 -12.63 6.52
CA ASP A 69 11.12 -12.05 5.59
C ASP A 69 10.90 -12.55 4.16
N GLU A 70 9.67 -12.67 3.72
CA GLU A 70 9.37 -13.16 2.35
C GLU A 70 8.66 -12.06 1.55
N THR A 71 8.77 -12.10 0.24
CA THR A 71 8.09 -11.07 -0.61
C THR A 71 6.84 -11.67 -1.26
N PHE A 72 5.75 -10.94 -1.24
CA PHE A 72 4.48 -11.46 -1.83
C PHE A 72 4.24 -10.84 -3.21
N GLU A 73 3.91 -11.64 -4.19
CA GLU A 73 3.71 -11.12 -5.57
C GLU A 73 2.46 -10.23 -5.64
N TYR A 74 1.38 -10.66 -5.02
CA TYR A 74 0.10 -9.88 -5.11
C TYR A 74 -0.74 -10.07 -3.85
N ILE A 75 -1.05 -8.99 -3.17
CA ILE A 75 -1.98 -9.08 -2.00
C ILE A 75 -3.08 -8.01 -2.14
N ILE A 76 -4.26 -8.30 -1.64
CA ILE A 76 -5.40 -7.33 -1.77
C ILE A 76 -5.76 -6.76 -0.39
N PHE A 77 -6.01 -5.48 -0.32
CA PHE A 77 -6.46 -4.87 0.97
C PHE A 77 -7.73 -4.03 0.73
N ARG A 78 -8.61 -4.00 1.70
CA ARG A 78 -9.88 -3.20 1.54
C ARG A 78 -9.83 -1.97 2.44
N GLY A 79 -10.52 -0.92 2.06
CA GLY A 79 -10.52 0.34 2.87
C GLY A 79 -10.99 0.07 4.31
N SER A 80 -11.79 -0.96 4.50
CA SER A 80 -12.31 -1.25 5.88
C SER A 80 -11.18 -1.66 6.82
N ASP A 81 -10.29 -2.52 6.37
CA ASP A 81 -9.19 -3.01 7.26
C ASP A 81 -8.04 -1.99 7.30
N ILE A 82 -7.82 -1.28 6.21
CA ILE A 82 -6.71 -0.27 6.17
C ILE A 82 -7.01 0.87 7.16
N LYS A 83 -6.00 1.37 7.83
CA LYS A 83 -6.21 2.48 8.82
C LYS A 83 -5.66 3.79 8.26
N ASP A 84 -4.49 3.76 7.67
CA ASP A 84 -3.86 5.02 7.15
C ASP A 84 -3.14 4.75 5.83
N LEU A 85 -3.11 5.73 4.95
CA LEU A 85 -2.43 5.56 3.63
C LEU A 85 -1.53 6.76 3.35
N THR A 86 -0.28 6.53 3.01
CA THR A 86 0.65 7.65 2.69
C THR A 86 1.39 7.38 1.38
N VAL A 87 1.59 8.40 0.57
CA VAL A 87 2.29 8.21 -0.74
C VAL A 87 3.75 8.68 -0.63
N CYS A 88 4.66 8.02 -1.30
CA CYS A 88 6.10 8.39 -1.21
C CYS A 88 6.48 9.33 -2.35
N GLU A 89 5.92 9.11 -3.52
CA GLU A 89 6.21 10.02 -4.68
C GLU A 89 5.31 11.26 -4.63
N PRO A 90 5.90 12.43 -4.49
CA PRO A 90 5.09 13.68 -4.42
C PRO A 90 4.45 13.98 -5.79
N PRO A 91 3.36 14.72 -5.78
CA PRO A 91 2.67 15.08 -7.05
C PRO A 91 3.54 16.05 -7.86
N LYS A 92 3.41 16.05 -9.16
CA LYS A 92 4.23 16.96 -10.01
C LYS A 92 3.42 18.22 -10.36
N PRO A 93 4.11 19.24 -10.83
CA PRO A 93 3.43 20.52 -11.19
C PRO A 93 2.51 20.31 -12.41
N ILE A 94 1.42 21.04 -12.47
CA ILE A 94 0.47 20.89 -13.61
C ILE A 94 0.51 22.16 -14.48
N MET A 95 0.54 22.01 -15.78
CA MET A 95 0.58 23.19 -16.69
C MET A 95 -0.31 22.94 -17.91
N LEU A 8 -8.38 16.70 -23.08
CA LEU A 8 -8.34 16.97 -21.61
C LEU A 8 -6.91 16.96 -21.05
N GLU A 9 -6.55 17.99 -20.30
CA GLU A 9 -5.18 18.03 -19.71
C GLU A 9 -5.22 18.52 -18.26
N ASP A 10 -5.29 17.60 -17.32
CA ASP A 10 -5.31 17.98 -15.88
C ASP A 10 -3.96 17.68 -15.23
N PRO A 11 -3.59 18.45 -14.23
CA PRO A 11 -2.28 18.24 -13.55
C PRO A 11 -2.26 16.90 -12.82
N SER A 12 -3.35 16.55 -12.17
CA SER A 12 -3.43 15.22 -11.48
C SER A 12 -3.56 14.11 -12.53
N GLY A 13 -4.30 14.36 -13.59
CA GLY A 13 -4.46 13.34 -14.67
C GLY A 13 -3.13 13.18 -15.43
N GLY A 14 -2.31 14.21 -15.46
CA GLY A 14 -1.02 14.13 -16.21
C GLY A 14 -0.13 13.03 -15.63
N THR A 15 -0.20 12.83 -14.33
CA THR A 15 0.62 11.74 -13.70
C THR A 15 -0.29 10.59 -13.25
N PRO A 16 -0.02 9.39 -13.74
CA PRO A 16 -0.84 8.21 -13.35
C PRO A 16 -0.51 7.78 -11.91
N TYR A 17 -1.52 7.52 -11.12
CA TYR A 17 -1.26 7.02 -9.73
C TYR A 17 -0.69 5.60 -9.77
N ILE A 18 -1.15 4.80 -10.71
CA ILE A 18 -0.62 3.40 -10.82
C ILE A 18 0.86 3.43 -11.22
N GLY A 19 1.67 2.62 -10.57
CA GLY A 19 3.14 2.66 -10.82
C GLY A 19 3.86 3.51 -9.76
N SER A 20 3.13 4.12 -8.84
CA SER A 20 3.80 4.90 -7.75
C SER A 20 3.96 4.04 -6.49
N LYS A 21 4.98 4.30 -5.71
CA LYS A 21 5.20 3.50 -4.46
C LYS A 21 4.35 4.06 -3.31
N ILE A 22 3.63 3.20 -2.62
CA ILE A 22 2.74 3.67 -1.52
C ILE A 22 2.97 2.84 -0.26
N SER A 23 2.78 3.43 0.89
CA SER A 23 2.90 2.67 2.16
C SER A 23 1.52 2.58 2.83
N LEU A 24 1.15 1.40 3.28
CA LEU A 24 -0.20 1.20 3.87
C LEU A 24 -0.10 0.67 5.30
N ILE A 25 -0.84 1.24 6.20
CA ILE A 25 -0.85 0.73 7.61
C ILE A 25 -2.18 0.01 7.88
N SER A 26 -2.12 -1.23 8.28
CA SER A 26 -3.37 -2.05 8.39
C SER A 26 -3.91 -2.02 9.83
N LYS A 27 -5.08 -2.58 10.03
CA LYS A 27 -5.72 -2.56 11.40
C LYS A 27 -4.83 -3.26 12.44
N ALA A 28 -3.90 -4.09 12.01
CA ALA A 28 -3.03 -4.82 12.99
C ALA A 28 -1.76 -4.02 13.32
N GLU A 29 -1.74 -2.74 13.00
CA GLU A 29 -0.55 -1.87 13.33
C GLU A 29 0.72 -2.42 12.68
N ILE A 30 0.58 -3.13 11.59
CA ILE A 30 1.79 -3.58 10.81
C ILE A 30 1.94 -2.70 9.56
N ARG A 31 3.15 -2.47 9.13
CA ARG A 31 3.38 -1.57 7.96
C ARG A 31 3.76 -2.39 6.72
N TYR A 32 3.00 -2.27 5.66
CA TYR A 32 3.35 -2.95 4.38
C TYR A 32 3.71 -1.91 3.33
N GLU A 33 4.74 -2.16 2.55
CA GLU A 33 5.06 -1.23 1.40
C GLU A 33 5.01 -2.01 0.09
N GLY A 34 4.49 -1.39 -0.94
CA GLY A 34 4.40 -2.07 -2.27
C GLY A 34 4.11 -1.04 -3.35
N ILE A 35 3.98 -1.47 -4.59
CA ILE A 35 3.71 -0.49 -5.69
C ILE A 35 2.26 -0.63 -6.16
N LEU A 36 1.58 0.48 -6.34
CA LEU A 36 0.13 0.43 -6.75
C LEU A 36 -0.02 -0.27 -8.10
N TYR A 37 -0.63 -1.43 -8.12
CA TYR A 37 -0.78 -2.18 -9.40
C TYR A 37 -2.13 -1.87 -10.05
N THR A 38 -3.20 -2.02 -9.30
CA THR A 38 -4.56 -1.76 -9.88
C THR A 38 -5.48 -1.11 -8.83
N ILE A 39 -6.32 -0.21 -9.26
CA ILE A 39 -7.25 0.49 -8.30
C ILE A 39 -8.70 0.14 -8.64
N ASP A 40 -9.45 -0.36 -7.70
CA ASP A 40 -10.89 -0.66 -7.94
C ASP A 40 -11.77 0.29 -7.12
N THR A 41 -12.23 1.35 -7.74
CA THR A 41 -13.04 2.37 -6.98
C THR A 41 -14.42 1.80 -6.63
N GLU A 42 -14.99 1.01 -7.51
CA GLU A 42 -16.42 0.56 -7.33
C GLU A 42 -16.59 -0.19 -6.01
N ASN A 43 -15.55 -0.86 -5.54
CA ASN A 43 -15.68 -1.67 -4.28
C ASN A 43 -14.78 -1.12 -3.16
N SER A 44 -14.26 0.09 -3.31
CA SER A 44 -13.32 0.67 -2.29
C SER A 44 -12.18 -0.32 -1.96
N THR A 45 -11.56 -0.89 -2.97
CA THR A 45 -10.47 -1.88 -2.72
C THR A 45 -9.24 -1.55 -3.58
N VAL A 46 -8.07 -1.87 -3.08
CA VAL A 46 -6.82 -1.58 -3.84
C VAL A 46 -5.94 -2.84 -3.87
N ALA A 47 -5.32 -3.13 -4.99
CA ALA A 47 -4.41 -4.32 -5.07
C ALA A 47 -2.97 -3.86 -5.27
N LEU A 48 -2.08 -4.36 -4.45
CA LEU A 48 -0.64 -3.96 -4.54
C LEU A 48 0.23 -5.17 -4.91
N ALA A 49 1.18 -4.98 -5.78
CA ALA A 49 2.07 -6.11 -6.18
C ALA A 49 3.51 -5.80 -5.75
N LYS A 50 4.37 -6.81 -5.73
CA LYS A 50 5.79 -6.62 -5.26
C LYS A 50 5.82 -5.91 -3.89
N VAL A 51 5.19 -6.51 -2.91
CA VAL A 51 5.04 -5.83 -1.58
C VAL A 51 5.66 -6.68 -0.47
N ARG A 52 6.19 -6.04 0.55
CA ARG A 52 6.80 -6.79 1.69
C ARG A 52 6.39 -6.15 3.01
N SER A 53 6.27 -6.95 4.05
CA SER A 53 5.93 -6.39 5.40
C SER A 53 7.22 -6.18 6.21
N PHE A 54 7.38 -5.03 6.80
CA PHE A 54 8.68 -4.69 7.48
C PHE A 54 8.83 -5.47 8.78
N GLY A 55 7.76 -5.60 9.54
CA GLY A 55 7.83 -6.39 10.81
C GLY A 55 6.57 -6.12 11.65
N THR A 56 6.42 -6.85 12.73
CA THR A 56 5.30 -6.58 13.68
C THR A 56 5.85 -6.10 15.04
N GLU A 57 7.10 -6.39 15.33
CA GLU A 57 7.68 -6.01 16.66
C GLU A 57 7.64 -4.49 16.88
N ASP A 58 7.73 -3.72 15.80
CA ASP A 58 7.66 -2.23 15.93
C ASP A 58 6.31 -1.81 16.54
N ARG A 59 5.27 -2.56 16.27
CA ARG A 59 3.95 -2.28 16.89
C ARG A 59 3.47 -3.51 17.69
N PRO A 60 3.75 -3.51 18.99
CA PRO A 60 3.44 -4.69 19.84
C PRO A 60 1.95 -5.07 19.74
N THR A 61 1.67 -6.34 19.54
CA THR A 61 0.25 -6.80 19.45
C THR A 61 -0.05 -7.79 20.57
N ASP A 62 -1.30 -8.06 20.82
CA ASP A 62 -1.67 -9.06 21.87
C ASP A 62 -1.49 -10.50 21.36
N ARG A 63 -1.31 -10.69 20.06
CA ARG A 63 -1.05 -12.07 19.52
C ARG A 63 0.33 -12.13 18.85
N PRO A 64 1.06 -13.21 19.06
CA PRO A 64 2.38 -13.37 18.39
C PRO A 64 2.20 -13.54 16.88
N ILE A 65 3.16 -13.10 16.10
CA ILE A 65 3.11 -13.32 14.63
C ILE A 65 4.24 -14.26 14.20
N ALA A 66 3.96 -15.16 13.29
CA ALA A 66 5.01 -16.15 12.85
C ALA A 66 6.12 -15.42 12.07
N PRO A 67 7.32 -15.97 12.11
CA PRO A 67 8.46 -15.35 11.36
C PRO A 67 8.19 -15.38 9.86
N ARG A 68 8.60 -14.34 9.15
CA ARG A 68 8.41 -14.31 7.67
C ARG A 68 9.40 -13.33 7.03
N ASP A 69 10.06 -13.74 5.98
CA ASP A 69 11.05 -12.84 5.30
C ASP A 69 10.99 -13.04 3.79
N GLU A 70 9.82 -13.34 3.26
CA GLU A 70 9.69 -13.55 1.78
C GLU A 70 8.91 -12.40 1.14
N THR A 71 8.88 -12.34 -0.16
CA THR A 71 8.14 -11.24 -0.86
C THR A 71 6.80 -11.76 -1.40
N PHE A 72 5.78 -10.95 -1.35
CA PHE A 72 4.44 -11.39 -1.85
C PHE A 72 4.18 -10.79 -3.24
N GLU A 73 3.83 -11.62 -4.19
CA GLU A 73 3.61 -11.12 -5.59
C GLU A 73 2.36 -10.23 -5.65
N TYR A 74 1.29 -10.64 -5.01
CA TYR A 74 0.02 -9.86 -5.09
C TYR A 74 -0.80 -10.03 -3.80
N ILE A 75 -1.11 -8.95 -3.13
CA ILE A 75 -2.01 -9.01 -1.94
C ILE A 75 -3.12 -7.95 -2.07
N ILE A 76 -4.30 -8.25 -1.59
CA ILE A 76 -5.43 -7.28 -1.72
C ILE A 76 -5.77 -6.69 -0.35
N PHE A 77 -6.00 -5.40 -0.28
CA PHE A 77 -6.44 -4.76 1.00
C PHE A 77 -7.69 -3.93 0.77
N ARG A 78 -8.61 -3.96 1.71
CA ARG A 78 -9.87 -3.17 1.55
C ARG A 78 -9.85 -1.95 2.48
N GLY A 79 -10.54 -0.90 2.11
CA GLY A 79 -10.55 0.35 2.94
C GLY A 79 -11.01 0.04 4.37
N SER A 80 -11.80 -1.00 4.56
CA SER A 80 -12.32 -1.33 5.92
C SER A 80 -11.18 -1.74 6.85
N ASP A 81 -10.30 -2.61 6.39
CA ASP A 81 -9.20 -3.12 7.27
C ASP A 81 -8.04 -2.12 7.32
N ILE A 82 -7.81 -1.39 6.24
CA ILE A 82 -6.69 -0.41 6.22
C ILE A 82 -6.98 0.74 7.18
N LYS A 83 -5.97 1.23 7.87
CA LYS A 83 -6.18 2.34 8.83
C LYS A 83 -5.72 3.67 8.21
N ASP A 84 -4.61 3.66 7.52
CA ASP A 84 -4.08 4.93 6.92
C ASP A 84 -3.34 4.63 5.61
N LEU A 85 -3.43 5.52 4.65
CA LEU A 85 -2.71 5.34 3.36
C LEU A 85 -1.89 6.60 3.04
N THR A 86 -0.62 6.45 2.75
CA THR A 86 0.23 7.63 2.44
C THR A 86 1.13 7.34 1.23
N VAL A 87 1.34 8.31 0.37
CA VAL A 87 2.23 8.12 -0.81
C VAL A 87 3.64 8.62 -0.48
N CYS A 88 4.65 7.96 -0.99
CA CYS A 88 6.06 8.34 -0.62
C CYS A 88 6.82 8.87 -1.86
N GLU A 89 6.47 8.40 -3.03
CA GLU A 89 7.19 8.85 -4.26
C GLU A 89 6.57 10.17 -4.77
N PRO A 90 7.37 11.23 -4.79
CA PRO A 90 6.88 12.53 -5.30
C PRO A 90 6.83 12.52 -6.84
N PRO A 91 6.07 13.45 -7.40
CA PRO A 91 6.00 13.56 -8.89
C PRO A 91 7.34 14.03 -9.46
N LYS A 92 7.64 13.66 -10.68
CA LYS A 92 8.94 14.09 -11.29
C LYS A 92 8.81 15.47 -11.93
N PRO A 93 9.92 16.18 -12.03
CA PRO A 93 9.90 17.55 -12.62
C PRO A 93 9.59 17.47 -14.11
N ILE A 94 8.89 18.46 -14.64
CA ILE A 94 8.55 18.46 -16.09
C ILE A 94 9.04 19.75 -16.75
N MET A 95 9.34 19.71 -18.03
CA MET A 95 9.83 20.94 -18.73
C MET A 95 9.29 20.97 -20.16
N LEU A 8 -8.02 23.69 -4.55
CA LEU A 8 -9.01 23.22 -5.57
C LEU A 8 -8.56 21.89 -6.18
N GLU A 9 -7.40 21.87 -6.79
CA GLU A 9 -6.89 20.62 -7.43
C GLU A 9 -5.71 20.06 -6.65
N ASP A 10 -5.56 18.76 -6.62
CA ASP A 10 -4.41 18.14 -5.89
C ASP A 10 -3.33 17.67 -6.88
N PRO A 11 -2.08 17.70 -6.45
CA PRO A 11 -0.97 17.22 -7.33
C PRO A 11 -1.12 15.71 -7.61
N SER A 12 -1.66 14.98 -6.66
CA SER A 12 -1.83 13.50 -6.87
C SER A 12 -2.86 13.23 -7.98
N GLY A 13 -3.83 14.09 -8.14
CA GLY A 13 -4.87 13.90 -9.19
C GLY A 13 -4.23 14.07 -10.57
N GLY A 14 -3.29 14.96 -10.69
CA GLY A 14 -2.63 15.20 -12.02
C GLY A 14 -1.77 13.99 -12.38
N THR A 15 -1.14 13.37 -11.41
CA THR A 15 -0.27 12.20 -11.69
C THR A 15 -1.05 10.89 -11.48
N PRO A 16 -0.80 9.90 -12.33
CA PRO A 16 -1.47 8.58 -12.17
C PRO A 16 -0.97 7.88 -10.91
N TYR A 17 -1.87 7.38 -10.10
CA TYR A 17 -1.46 6.65 -8.86
C TYR A 17 -0.80 5.33 -9.22
N ILE A 18 -1.25 4.69 -10.28
CA ILE A 18 -0.66 3.36 -10.66
C ILE A 18 0.81 3.53 -11.06
N GLY A 19 1.67 2.68 -10.56
CA GLY A 19 3.13 2.81 -10.87
C GLY A 19 3.86 3.62 -9.77
N SER A 20 3.15 4.11 -8.78
CA SER A 20 3.82 4.91 -7.71
C SER A 20 4.02 4.06 -6.45
N LYS A 21 5.05 4.36 -5.68
CA LYS A 21 5.28 3.62 -4.41
C LYS A 21 4.34 4.13 -3.31
N ILE A 22 3.63 3.23 -2.66
CA ILE A 22 2.67 3.65 -1.59
C ILE A 22 2.89 2.80 -0.34
N SER A 23 2.74 3.39 0.82
CA SER A 23 2.85 2.62 2.09
C SER A 23 1.49 2.56 2.79
N LEU A 24 1.09 1.39 3.22
CA LEU A 24 -0.26 1.23 3.82
C LEU A 24 -0.14 0.70 5.27
N ILE A 25 -0.89 1.26 6.18
CA ILE A 25 -0.87 0.75 7.58
C ILE A 25 -2.20 0.04 7.87
N SER A 26 -2.14 -1.21 8.24
CA SER A 26 -3.39 -2.03 8.36
C SER A 26 -3.93 -1.99 9.80
N LYS A 27 -5.10 -2.53 10.01
CA LYS A 27 -5.73 -2.51 11.37
C LYS A 27 -4.85 -3.22 12.42
N ALA A 28 -3.93 -4.05 11.99
CA ALA A 28 -3.05 -4.78 12.95
C ALA A 28 -1.79 -3.97 13.29
N GLU A 29 -1.76 -2.69 12.97
CA GLU A 29 -0.57 -1.82 13.29
C GLU A 29 0.70 -2.40 12.65
N ILE A 30 0.57 -3.09 11.54
CA ILE A 30 1.76 -3.54 10.78
C ILE A 30 1.92 -2.67 9.52
N ARG A 31 3.13 -2.44 9.09
CA ARG A 31 3.36 -1.54 7.92
C ARG A 31 3.75 -2.36 6.69
N TYR A 32 3.00 -2.23 5.62
CA TYR A 32 3.35 -2.92 4.34
C TYR A 32 3.71 -1.88 3.28
N GLU A 33 4.74 -2.14 2.51
CA GLU A 33 5.07 -1.22 1.36
C GLU A 33 5.01 -2.00 0.05
N GLY A 34 4.49 -1.39 -0.99
CA GLY A 34 4.41 -2.07 -2.31
C GLY A 34 4.13 -1.04 -3.41
N ILE A 35 4.00 -1.47 -4.64
CA ILE A 35 3.73 -0.50 -5.74
C ILE A 35 2.29 -0.65 -6.22
N LEU A 36 1.60 0.45 -6.41
CA LEU A 36 0.15 0.39 -6.82
C LEU A 36 0.01 -0.31 -8.17
N TYR A 37 -0.63 -1.45 -8.19
CA TYR A 37 -0.80 -2.20 -9.48
C TYR A 37 -2.15 -1.88 -10.11
N THR A 38 -3.22 -2.01 -9.35
CA THR A 38 -4.58 -1.77 -9.91
C THR A 38 -5.49 -1.12 -8.86
N ILE A 39 -6.35 -0.22 -9.28
CA ILE A 39 -7.28 0.46 -8.32
C ILE A 39 -8.73 0.11 -8.67
N ASP A 40 -9.47 -0.41 -7.71
CA ASP A 40 -10.91 -0.72 -7.96
C ASP A 40 -11.79 0.21 -7.13
N THR A 41 -12.30 1.27 -7.73
CA THR A 41 -13.11 2.26 -6.96
C THR A 41 -14.48 1.66 -6.60
N GLU A 42 -15.04 0.86 -7.49
CA GLU A 42 -16.46 0.39 -7.30
C GLU A 42 -16.60 -0.36 -5.97
N ASN A 43 -15.56 -1.01 -5.51
CA ASN A 43 -15.66 -1.82 -4.25
C ASN A 43 -14.76 -1.25 -3.15
N SER A 44 -14.27 -0.04 -3.30
CA SER A 44 -13.33 0.55 -2.28
C SER A 44 -12.18 -0.42 -1.95
N THR A 45 -11.54 -0.96 -2.97
CA THR A 45 -10.43 -1.94 -2.72
C THR A 45 -9.21 -1.59 -3.57
N VAL A 46 -8.04 -1.88 -3.07
CA VAL A 46 -6.78 -1.58 -3.84
C VAL A 46 -5.90 -2.83 -3.90
N ALA A 47 -5.31 -3.11 -5.04
CA ALA A 47 -4.40 -4.29 -5.16
C ALA A 47 -2.95 -3.83 -5.33
N LEU A 48 -2.07 -4.32 -4.49
CA LEU A 48 -0.63 -3.91 -4.57
C LEU A 48 0.24 -5.13 -4.91
N ALA A 49 1.19 -4.95 -5.80
CA ALA A 49 2.08 -6.09 -6.18
C ALA A 49 3.52 -5.78 -5.75
N LYS A 50 4.37 -6.79 -5.73
CA LYS A 50 5.79 -6.60 -5.27
C LYS A 50 5.82 -5.90 -3.89
N VAL A 51 5.19 -6.49 -2.90
CA VAL A 51 5.04 -5.82 -1.58
C VAL A 51 5.69 -6.65 -0.48
N ARG A 52 6.24 -6.00 0.52
CA ARG A 52 6.88 -6.74 1.66
C ARG A 52 6.41 -6.14 2.99
N SER A 53 6.34 -6.95 4.02
CA SER A 53 5.97 -6.42 5.37
C SER A 53 7.23 -6.19 6.21
N PHE A 54 7.35 -5.04 6.82
CA PHE A 54 8.63 -4.70 7.53
C PHE A 54 8.76 -5.50 8.83
N GLY A 55 7.67 -5.65 9.55
CA GLY A 55 7.71 -6.44 10.82
C GLY A 55 6.43 -6.22 11.61
N THR A 56 6.24 -6.97 12.67
CA THR A 56 5.06 -6.76 13.56
C THR A 56 5.50 -6.37 14.98
N GLU A 57 6.75 -6.59 15.33
CA GLU A 57 7.21 -6.31 16.73
C GLU A 57 7.12 -4.81 17.05
N ASP A 58 7.18 -3.96 16.05
CA ASP A 58 7.11 -2.48 16.31
C ASP A 58 5.79 -2.12 16.99
N ARG A 59 4.74 -2.86 16.69
CA ARG A 59 3.42 -2.63 17.35
C ARG A 59 2.88 -3.95 17.93
N PRO A 60 3.14 -4.18 19.21
CA PRO A 60 2.75 -5.48 19.84
C PRO A 60 1.24 -5.72 19.71
N THR A 61 0.85 -6.92 19.35
CA THR A 61 -0.60 -7.25 19.21
C THR A 61 -0.91 -8.54 19.96
N ASP A 62 -2.18 -8.82 20.19
CA ASP A 62 -2.56 -10.10 20.88
C ASP A 62 -2.50 -11.30 19.92
N ARG A 63 -2.17 -11.08 18.67
CA ARG A 63 -2.02 -12.22 17.72
C ARG A 63 -0.54 -12.41 17.34
N PRO A 64 0.09 -13.45 17.86
CA PRO A 64 1.54 -13.65 17.62
C PRO A 64 1.80 -13.93 16.13
N ILE A 65 2.83 -13.31 15.58
CA ILE A 65 3.18 -13.55 14.14
C ILE A 65 4.57 -14.15 14.05
N ALA A 66 4.78 -15.05 13.10
CA ALA A 66 6.12 -15.68 12.94
C ALA A 66 7.00 -14.87 11.99
N PRO A 67 8.31 -14.99 12.13
CA PRO A 67 9.24 -14.23 11.24
C PRO A 67 9.07 -14.68 9.78
N ARG A 68 9.06 -13.74 8.87
CA ARG A 68 8.92 -14.09 7.42
C ARG A 68 9.85 -13.23 6.57
N ASP A 69 10.65 -13.84 5.74
CA ASP A 69 11.59 -13.06 4.87
C ASP A 69 11.26 -13.29 3.39
N GLU A 70 10.00 -13.50 3.08
CA GLU A 70 9.61 -13.75 1.66
C GLU A 70 8.83 -12.54 1.11
N THR A 71 8.79 -12.40 -0.20
CA THR A 71 8.05 -11.27 -0.81
C THR A 71 6.71 -11.76 -1.38
N PHE A 72 5.69 -10.93 -1.33
CA PHE A 72 4.35 -11.34 -1.85
C PHE A 72 4.12 -10.74 -3.24
N GLU A 73 3.79 -11.56 -4.20
CA GLU A 73 3.58 -11.06 -5.60
C GLU A 73 2.32 -10.17 -5.66
N TYR A 74 1.26 -10.58 -5.01
CA TYR A 74 -0.02 -9.81 -5.08
C TYR A 74 -0.81 -9.97 -3.78
N ILE A 75 -1.11 -8.88 -3.12
CA ILE A 75 -2.04 -8.94 -1.93
C ILE A 75 -3.13 -7.88 -2.08
N ILE A 76 -4.32 -8.18 -1.64
CA ILE A 76 -5.45 -7.22 -1.77
C ILE A 76 -5.83 -6.66 -0.39
N PHE A 77 -6.01 -5.37 -0.30
CA PHE A 77 -6.44 -4.74 0.99
C PHE A 77 -7.72 -3.94 0.77
N ARG A 78 -8.63 -3.99 1.71
CA ARG A 78 -9.91 -3.23 1.56
C ARG A 78 -9.89 -2.00 2.49
N GLY A 79 -10.60 -0.96 2.13
CA GLY A 79 -10.62 0.29 2.96
C GLY A 79 -11.08 -0.02 4.39
N SER A 80 -11.84 -1.07 4.58
CA SER A 80 -12.36 -1.40 5.95
C SER A 80 -11.21 -1.80 6.88
N ASP A 81 -10.29 -2.61 6.40
CA ASP A 81 -9.17 -3.09 7.27
C ASP A 81 -8.03 -2.06 7.30
N ILE A 82 -7.83 -1.34 6.22
CA ILE A 82 -6.73 -0.32 6.18
C ILE A 82 -7.02 0.81 7.17
N LYS A 83 -6.02 1.31 7.84
CA LYS A 83 -6.22 2.41 8.82
C LYS A 83 -5.72 3.73 8.24
N ASP A 84 -4.58 3.72 7.60
CA ASP A 84 -4.00 4.99 7.04
C ASP A 84 -3.26 4.72 5.73
N LEU A 85 -3.28 5.66 4.82
CA LEU A 85 -2.56 5.49 3.53
C LEU A 85 -1.70 6.73 3.24
N THR A 86 -0.44 6.52 2.93
CA THR A 86 0.48 7.68 2.64
C THR A 86 1.30 7.41 1.37
N VAL A 87 1.57 8.45 0.61
CA VAL A 87 2.38 8.28 -0.64
C VAL A 87 3.87 8.51 -0.34
N CYS A 88 4.74 7.78 -0.98
CA CYS A 88 6.20 7.89 -0.67
C CYS A 88 6.91 8.74 -1.73
N GLU A 89 6.51 8.61 -2.97
CA GLU A 89 7.19 9.38 -4.07
C GLU A 89 6.34 10.61 -4.45
N PRO A 90 7.01 11.67 -4.86
CA PRO A 90 6.29 12.91 -5.27
C PRO A 90 5.64 12.71 -6.65
N PRO A 91 4.70 13.58 -6.99
CA PRO A 91 4.03 13.51 -8.31
C PRO A 91 5.04 13.74 -9.44
N LYS A 92 5.01 12.94 -10.47
CA LYS A 92 5.96 13.11 -11.60
C LYS A 92 5.27 13.79 -12.80
N PRO A 93 6.06 14.28 -13.74
CA PRO A 93 5.49 14.96 -14.94
C PRO A 93 4.64 13.97 -15.76
N ILE A 94 3.56 14.45 -16.32
CA ILE A 94 2.67 13.55 -17.13
C ILE A 94 3.06 13.66 -18.63
N MET A 95 3.46 14.82 -19.06
CA MET A 95 3.84 15.00 -20.50
C MET A 95 5.16 15.78 -20.59
N LEU A 8 0.06 15.73 -20.54
CA LEU A 8 -1.15 16.59 -20.35
C LEU A 8 -0.76 17.90 -19.67
N GLU A 9 -1.62 18.89 -19.71
CA GLU A 9 -1.30 20.21 -19.08
C GLU A 9 -1.20 20.07 -17.56
N ASP A 10 -1.98 19.18 -16.98
CA ASP A 10 -1.95 18.99 -15.50
C ASP A 10 -0.79 18.03 -15.11
N PRO A 11 -0.24 18.23 -13.92
CA PRO A 11 0.89 17.37 -13.47
C PRO A 11 0.41 15.93 -13.28
N SER A 12 -0.80 15.74 -12.82
CA SER A 12 -1.33 14.35 -12.61
C SER A 12 -1.53 13.66 -13.97
N GLY A 13 -1.89 14.41 -14.99
CA GLY A 13 -2.08 13.81 -16.35
C GLY A 13 -0.72 13.36 -16.91
N GLY A 14 0.32 14.08 -16.60
CA GLY A 14 1.68 13.72 -17.13
C GLY A 14 2.12 12.38 -16.53
N THR A 15 1.77 12.12 -15.29
CA THR A 15 2.16 10.83 -14.66
C THR A 15 0.96 10.21 -13.92
N PRO A 16 0.59 8.99 -14.29
CA PRO A 16 -0.56 8.32 -13.63
C PRO A 16 -0.18 7.91 -12.20
N TYR A 17 -1.14 7.90 -11.30
CA TYR A 17 -0.86 7.48 -9.89
C TYR A 17 -0.46 6.00 -9.85
N ILE A 18 -1.02 5.19 -10.72
CA ILE A 18 -0.66 3.74 -10.75
C ILE A 18 0.81 3.58 -11.15
N GLY A 19 1.53 2.71 -10.49
CA GLY A 19 2.99 2.57 -10.74
C GLY A 19 3.81 3.38 -9.70
N SER A 20 3.14 4.10 -8.81
CA SER A 20 3.88 4.86 -7.75
C SER A 20 4.06 4.00 -6.50
N LYS A 21 5.09 4.25 -5.73
CA LYS A 21 5.34 3.47 -4.48
C LYS A 21 4.51 4.04 -3.32
N ILE A 22 3.75 3.21 -2.66
CA ILE A 22 2.87 3.70 -1.56
C ILE A 22 3.04 2.83 -0.31
N SER A 23 2.84 3.41 0.85
CA SER A 23 2.91 2.62 2.12
C SER A 23 1.53 2.61 2.78
N LEU A 24 1.09 1.45 3.22
CA LEU A 24 -0.27 1.33 3.82
C LEU A 24 -0.18 0.79 5.25
N ILE A 25 -0.91 1.36 6.16
CA ILE A 25 -0.91 0.86 7.57
C ILE A 25 -2.24 0.17 7.86
N SER A 26 -2.19 -1.08 8.27
CA SER A 26 -3.45 -1.88 8.42
C SER A 26 -3.95 -1.85 9.87
N LYS A 27 -5.14 -2.33 10.10
CA LYS A 27 -5.74 -2.30 11.49
C LYS A 27 -4.88 -3.08 12.48
N ALA A 28 -4.01 -3.95 12.01
CA ALA A 28 -3.18 -4.77 12.95
C ALA A 28 -1.84 -4.06 13.28
N GLU A 29 -1.76 -2.76 13.03
CA GLU A 29 -0.51 -1.99 13.37
C GLU A 29 0.72 -2.58 12.66
N ILE A 30 0.51 -3.21 11.53
CA ILE A 30 1.67 -3.67 10.70
C ILE A 30 1.81 -2.73 9.49
N ARG A 31 3.03 -2.51 9.05
CA ARG A 31 3.24 -1.59 7.89
C ARG A 31 3.60 -2.39 6.63
N TYR A 32 2.81 -2.26 5.60
CA TYR A 32 3.12 -2.97 4.31
C TYR A 32 3.51 -1.94 3.24
N GLU A 33 4.58 -2.18 2.53
CA GLU A 33 4.96 -1.27 1.42
C GLU A 33 4.96 -2.03 0.09
N GLY A 34 4.50 -1.40 -0.96
CA GLY A 34 4.44 -2.09 -2.28
C GLY A 34 4.14 -1.06 -3.38
N ILE A 35 4.04 -1.48 -4.61
CA ILE A 35 3.76 -0.51 -5.72
C ILE A 35 2.30 -0.65 -6.17
N LEU A 36 1.61 0.46 -6.30
CA LEU A 36 0.15 0.41 -6.66
C LEU A 36 -0.04 -0.24 -8.03
N TYR A 37 -0.62 -1.42 -8.07
CA TYR A 37 -0.79 -2.13 -9.37
C TYR A 37 -2.14 -1.78 -9.99
N THR A 38 -3.21 -1.93 -9.24
CA THR A 38 -4.58 -1.65 -9.80
C THR A 38 -5.48 -1.04 -8.74
N ILE A 39 -6.32 -0.12 -9.12
CA ILE A 39 -7.24 0.54 -8.14
C ILE A 39 -8.70 0.21 -8.51
N ASP A 40 -9.45 -0.32 -7.57
CA ASP A 40 -10.89 -0.62 -7.83
C ASP A 40 -11.77 0.31 -7.00
N THR A 41 -12.22 1.39 -7.57
CA THR A 41 -13.05 2.38 -6.80
C THR A 41 -14.43 1.80 -6.48
N GLU A 42 -14.99 1.06 -7.40
CA GLU A 42 -16.41 0.59 -7.24
C GLU A 42 -16.59 -0.22 -5.95
N ASN A 43 -15.55 -0.90 -5.52
CA ASN A 43 -15.68 -1.77 -4.30
C ASN A 43 -14.80 -1.27 -3.16
N SER A 44 -14.30 -0.05 -3.24
CA SER A 44 -13.37 0.49 -2.18
C SER A 44 -12.23 -0.49 -1.87
N THR A 45 -11.60 -1.02 -2.89
CA THR A 45 -10.51 -2.03 -2.66
C THR A 45 -9.27 -1.66 -3.50
N VAL A 46 -8.11 -2.02 -3.03
CA VAL A 46 -6.84 -1.71 -3.77
C VAL A 46 -5.97 -2.96 -3.84
N ALA A 47 -5.34 -3.20 -4.97
CA ALA A 47 -4.43 -4.38 -5.09
C ALA A 47 -2.99 -3.91 -5.26
N LEU A 48 -2.09 -4.42 -4.45
CA LEU A 48 -0.65 -3.99 -4.53
C LEU A 48 0.21 -5.18 -4.92
N ALA A 49 1.18 -4.97 -5.78
CA ALA A 49 2.08 -6.07 -6.21
C ALA A 49 3.52 -5.80 -5.75
N LYS A 50 4.36 -6.81 -5.72
CA LYS A 50 5.77 -6.64 -5.22
C LYS A 50 5.78 -5.94 -3.85
N VAL A 51 5.09 -6.50 -2.89
CA VAL A 51 4.94 -5.83 -1.56
C VAL A 51 5.56 -6.68 -0.45
N ARG A 52 6.09 -6.05 0.57
CA ARG A 52 6.70 -6.81 1.70
C ARG A 52 6.27 -6.17 3.04
N SER A 53 6.24 -6.96 4.09
CA SER A 53 5.84 -6.42 5.42
C SER A 53 7.07 -6.12 6.26
N PHE A 54 7.13 -4.96 6.86
CA PHE A 54 8.35 -4.57 7.65
C PHE A 54 8.46 -5.43 8.91
N GLY A 55 7.36 -5.69 9.57
CA GLY A 55 7.39 -6.54 10.79
C GLY A 55 6.06 -6.45 11.53
N THR A 56 5.85 -7.29 12.51
CA THR A 56 4.58 -7.25 13.30
C THR A 56 4.86 -6.94 14.78
N GLU A 57 6.09 -6.62 15.14
CA GLU A 57 6.46 -6.42 16.59
C GLU A 57 5.53 -5.37 17.25
N ASP A 58 4.97 -4.47 16.47
CA ASP A 58 4.00 -3.49 17.05
C ASP A 58 2.76 -4.22 17.59
N ARG A 59 2.38 -5.29 16.97
CA ARG A 59 1.22 -6.10 17.48
C ARG A 59 1.48 -7.60 17.23
N PRO A 60 2.06 -8.27 18.21
CA PRO A 60 2.41 -9.71 18.04
C PRO A 60 1.15 -10.55 17.85
N THR A 61 1.20 -11.50 16.95
CA THR A 61 0.00 -12.38 16.71
C THR A 61 0.42 -13.85 16.79
N ASP A 62 -0.54 -14.74 16.89
CA ASP A 62 -0.22 -16.21 16.95
C ASP A 62 0.11 -16.77 15.56
N ARG A 63 0.00 -15.96 14.52
CA ARG A 63 0.33 -16.47 13.15
C ARG A 63 1.75 -16.01 12.74
N PRO A 64 2.59 -16.96 12.37
CA PRO A 64 3.99 -16.61 11.99
C PRO A 64 3.99 -15.82 10.67
N ILE A 65 4.84 -14.81 10.58
CA ILE A 65 4.92 -14.00 9.32
C ILE A 65 6.27 -14.25 8.64
N ALA A 66 6.29 -14.23 7.33
CA ALA A 66 7.57 -14.50 6.59
C ALA A 66 8.57 -13.34 6.83
N PRO A 67 9.85 -13.64 6.67
CA PRO A 67 10.90 -12.60 6.87
C PRO A 67 10.72 -11.44 5.87
N ARG A 68 11.25 -10.29 6.19
CA ARG A 68 11.14 -9.11 5.26
C ARG A 68 11.83 -9.40 3.92
N ASP A 69 12.83 -10.25 3.93
CA ASP A 69 13.56 -10.58 2.65
C ASP A 69 12.61 -11.24 1.65
N GLU A 70 11.67 -12.02 2.12
CA GLU A 70 10.68 -12.67 1.20
C GLU A 70 9.58 -11.67 0.83
N THR A 71 9.13 -11.70 -0.41
CA THR A 71 8.10 -10.72 -0.85
C THR A 71 6.89 -11.45 -1.46
N PHE A 72 5.74 -10.84 -1.42
CA PHE A 72 4.52 -11.47 -2.02
C PHE A 72 4.22 -10.83 -3.37
N GLU A 73 3.89 -11.62 -4.36
CA GLU A 73 3.66 -11.08 -5.73
C GLU A 73 2.40 -10.21 -5.77
N TYR A 74 1.33 -10.67 -5.16
CA TYR A 74 0.05 -9.90 -5.23
C TYR A 74 -0.76 -10.11 -3.94
N ILE A 75 -1.08 -9.04 -3.26
CA ILE A 75 -1.99 -9.14 -2.07
C ILE A 75 -3.08 -8.07 -2.17
N ILE A 76 -4.26 -8.36 -1.67
CA ILE A 76 -5.40 -7.39 -1.78
C ILE A 76 -5.76 -6.85 -0.38
N PHE A 77 -6.02 -5.57 -0.29
CA PHE A 77 -6.46 -4.98 1.01
C PHE A 77 -7.73 -4.15 0.80
N ARG A 78 -8.62 -4.15 1.76
CA ARG A 78 -9.89 -3.37 1.63
C ARG A 78 -9.85 -2.13 2.52
N GLY A 79 -10.55 -1.09 2.15
CA GLY A 79 -10.55 0.17 2.96
C GLY A 79 -11.00 -0.11 4.40
N SER A 80 -11.79 -1.15 4.61
CA SER A 80 -12.30 -1.44 5.99
C SER A 80 -11.16 -1.84 6.92
N ASP A 81 -10.24 -2.65 6.44
CA ASP A 81 -9.12 -3.12 7.33
C ASP A 81 -7.97 -2.10 7.33
N ILE A 82 -7.78 -1.39 6.24
CA ILE A 82 -6.68 -0.38 6.17
C ILE A 82 -6.97 0.77 7.15
N LYS A 83 -5.95 1.35 7.72
CA LYS A 83 -6.15 2.47 8.69
C LYS A 83 -5.73 3.80 8.06
N ASP A 84 -4.60 3.82 7.39
CA ASP A 84 -4.10 5.09 6.78
C ASP A 84 -3.30 4.81 5.50
N LEU A 85 -3.33 5.74 4.57
CA LEU A 85 -2.57 5.55 3.30
C LEU A 85 -1.69 6.79 3.02
N THR A 86 -0.42 6.57 2.76
CA THR A 86 0.50 7.73 2.47
C THR A 86 1.37 7.43 1.25
N VAL A 87 1.64 8.43 0.44
CA VAL A 87 2.51 8.23 -0.76
C VAL A 87 3.96 8.60 -0.43
N CYS A 88 4.91 7.89 -0.99
CA CYS A 88 6.35 8.13 -0.63
C CYS A 88 7.12 8.65 -1.84
N GLU A 89 6.81 8.16 -3.01
CA GLU A 89 7.55 8.58 -4.24
C GLU A 89 6.79 9.69 -4.97
N PRO A 90 7.39 10.87 -5.07
CA PRO A 90 6.76 11.98 -5.82
C PRO A 90 6.86 11.73 -7.34
N PRO A 91 6.28 12.62 -8.12
CA PRO A 91 6.36 12.50 -9.60
C PRO A 91 7.81 12.60 -10.07
N LYS A 92 8.13 12.01 -11.21
CA LYS A 92 9.52 12.06 -11.73
C LYS A 92 9.71 13.29 -12.63
N PRO A 93 10.96 13.67 -12.84
CA PRO A 93 11.27 14.85 -13.71
C PRO A 93 10.79 14.60 -15.14
N ILE A 94 10.35 15.64 -15.82
CA ILE A 94 9.87 15.48 -17.23
C ILE A 94 10.65 16.43 -18.16
N MET A 95 10.64 16.15 -19.45
CA MET A 95 11.37 17.02 -20.41
C MET A 95 10.55 17.20 -21.69
N LEU A 8 -10.75 11.80 -24.44
CA LEU A 8 -9.90 12.98 -24.10
C LEU A 8 -9.38 12.86 -22.66
N GLU A 9 -8.13 13.18 -22.45
CA GLU A 9 -7.54 13.07 -21.08
C GLU A 9 -7.13 14.46 -20.57
N ASP A 10 -7.07 14.62 -19.27
CA ASP A 10 -6.66 15.94 -18.69
C ASP A 10 -5.17 15.92 -18.32
N PRO A 11 -4.54 17.08 -18.39
CA PRO A 11 -3.08 17.17 -18.08
C PRO A 11 -2.81 16.82 -16.61
N SER A 12 -3.67 17.27 -15.73
CA SER A 12 -3.49 16.94 -14.27
C SER A 12 -3.74 15.45 -14.03
N GLY A 13 -4.69 14.88 -14.73
CA GLY A 13 -4.99 13.43 -14.57
C GLY A 13 -4.21 12.59 -15.60
N GLY A 14 -3.34 13.21 -16.38
CA GLY A 14 -2.60 12.47 -17.44
C GLY A 14 -1.72 11.39 -16.82
N THR A 15 -1.21 11.63 -15.64
CA THR A 15 -0.34 10.60 -14.97
C THR A 15 -1.21 9.62 -14.16
N PRO A 16 -1.10 8.34 -14.46
CA PRO A 16 -1.90 7.32 -13.73
C PRO A 16 -1.34 7.11 -12.32
N TYR A 17 -2.19 6.80 -11.37
CA TYR A 17 -1.71 6.49 -9.99
C TYR A 17 -0.94 5.16 -9.98
N ILE A 18 -1.30 4.25 -10.85
CA ILE A 18 -0.60 2.92 -10.90
C ILE A 18 0.88 3.14 -11.28
N GLY A 19 1.76 2.43 -10.63
CA GLY A 19 3.23 2.64 -10.86
C GLY A 19 3.82 3.57 -9.79
N SER A 20 3.02 4.09 -8.88
CA SER A 20 3.58 4.93 -7.78
C SER A 20 3.83 4.09 -6.53
N LYS A 21 4.78 4.48 -5.72
CA LYS A 21 5.08 3.72 -4.46
C LYS A 21 4.13 4.16 -3.34
N ILE A 22 3.52 3.22 -2.66
CA ILE A 22 2.55 3.58 -1.57
C ILE A 22 2.87 2.77 -0.31
N SER A 23 2.67 3.37 0.84
CA SER A 23 2.85 2.64 2.13
C SER A 23 1.51 2.57 2.86
N LEU A 24 1.10 1.39 3.28
CA LEU A 24 -0.24 1.23 3.90
C LEU A 24 -0.10 0.68 5.33
N ILE A 25 -0.84 1.24 6.26
CA ILE A 25 -0.81 0.71 7.66
C ILE A 25 -2.13 -0.02 7.94
N SER A 26 -2.04 -1.29 8.27
CA SER A 26 -3.28 -2.13 8.36
C SER A 26 -3.83 -2.12 9.80
N LYS A 27 -5.00 -2.69 9.99
CA LYS A 27 -5.64 -2.68 11.35
C LYS A 27 -4.75 -3.38 12.40
N ALA A 28 -3.81 -4.19 11.98
CA ALA A 28 -2.94 -4.93 12.96
C ALA A 28 -1.66 -4.12 13.28
N GLU A 29 -1.65 -2.84 12.97
CA GLU A 29 -0.47 -1.97 13.31
C GLU A 29 0.81 -2.51 12.66
N ILE A 30 0.68 -3.20 11.54
CA ILE A 30 1.89 -3.62 10.76
C ILE A 30 2.02 -2.74 9.52
N ARG A 31 3.22 -2.46 9.09
CA ARG A 31 3.42 -1.55 7.92
C ARG A 31 3.80 -2.37 6.67
N TYR A 32 3.01 -2.27 5.63
CA TYR A 32 3.34 -2.96 4.35
C TYR A 32 3.69 -1.93 3.27
N GLU A 33 4.73 -2.15 2.52
CA GLU A 33 5.05 -1.24 1.38
C GLU A 33 4.99 -2.01 0.06
N GLY A 34 4.46 -1.40 -0.97
CA GLY A 34 4.35 -2.09 -2.30
C GLY A 34 4.05 -1.05 -3.37
N ILE A 35 3.89 -1.47 -4.60
CA ILE A 35 3.60 -0.49 -5.70
C ILE A 35 2.16 -0.65 -6.17
N LEU A 36 1.51 0.45 -6.49
CA LEU A 36 0.08 0.38 -6.94
C LEU A 36 -0.02 -0.39 -8.26
N TYR A 37 -0.68 -1.53 -8.23
CA TYR A 37 -0.80 -2.36 -9.48
C TYR A 37 -2.15 -2.11 -10.15
N THR A 38 -3.23 -2.23 -9.40
CA THR A 38 -4.58 -2.01 -10.00
C THR A 38 -5.51 -1.34 -8.98
N ILE A 39 -6.37 -0.47 -9.45
CA ILE A 39 -7.28 0.27 -8.51
C ILE A 39 -8.74 -0.08 -8.83
N ASP A 40 -9.49 -0.52 -7.85
CA ASP A 40 -10.94 -0.80 -8.06
C ASP A 40 -11.79 0.21 -7.28
N THR A 41 -12.24 1.25 -7.92
CA THR A 41 -12.99 2.32 -7.20
C THR A 41 -14.39 1.82 -6.80
N GLU A 42 -15.01 1.04 -7.64
CA GLU A 42 -16.44 0.65 -7.40
C GLU A 42 -16.60 -0.06 -6.05
N ASN A 43 -15.58 -0.74 -5.59
CA ASN A 43 -15.70 -1.52 -4.31
C ASN A 43 -14.76 -0.96 -3.23
N SER A 44 -14.21 0.22 -3.42
CA SER A 44 -13.25 0.81 -2.42
C SER A 44 -12.14 -0.20 -2.07
N THR A 45 -11.54 -0.81 -3.06
CA THR A 45 -10.47 -1.82 -2.80
C THR A 45 -9.24 -1.55 -3.68
N VAL A 46 -8.06 -1.84 -3.18
CA VAL A 46 -6.82 -1.61 -3.97
C VAL A 46 -5.94 -2.87 -3.95
N ALA A 47 -5.36 -3.21 -5.07
CA ALA A 47 -4.45 -4.41 -5.11
C ALA A 47 -3.01 -3.96 -5.33
N LEU A 48 -2.10 -4.42 -4.50
CA LEU A 48 -0.67 -3.99 -4.61
C LEU A 48 0.20 -5.20 -4.94
N ALA A 49 1.16 -5.03 -5.82
CA ALA A 49 2.07 -6.16 -6.18
C ALA A 49 3.50 -5.83 -5.75
N LYS A 50 4.37 -6.82 -5.72
CA LYS A 50 5.79 -6.59 -5.26
C LYS A 50 5.81 -5.89 -3.89
N VAL A 51 5.20 -6.50 -2.91
CA VAL A 51 5.05 -5.82 -1.58
C VAL A 51 5.72 -6.65 -0.47
N ARG A 52 6.25 -5.99 0.52
CA ARG A 52 6.91 -6.72 1.66
C ARG A 52 6.47 -6.11 3.00
N SER A 53 6.42 -6.91 4.03
CA SER A 53 6.05 -6.38 5.38
C SER A 53 7.32 -6.08 6.18
N PHE A 54 7.42 -4.90 6.75
CA PHE A 54 8.68 -4.49 7.43
C PHE A 54 8.87 -5.29 8.72
N GLY A 55 7.82 -5.48 9.47
CA GLY A 55 7.91 -6.27 10.73
C GLY A 55 6.63 -6.11 11.55
N THR A 56 6.50 -6.87 12.62
CA THR A 56 5.32 -6.72 13.52
C THR A 56 5.76 -6.30 14.94
N GLU A 57 7.01 -6.54 15.28
CA GLU A 57 7.50 -6.22 16.67
C GLU A 57 7.43 -4.71 16.94
N ASP A 58 7.48 -3.90 15.90
CA ASP A 58 7.42 -2.41 16.10
C ASP A 58 6.11 -2.01 16.80
N ARG A 59 5.06 -2.75 16.55
CA ARG A 59 3.77 -2.48 17.26
C ARG A 59 3.31 -3.75 18.01
N PRO A 60 3.63 -3.83 19.28
CA PRO A 60 3.33 -5.07 20.07
C PRO A 60 1.83 -5.43 20.00
N THR A 61 1.54 -6.67 19.73
CA THR A 61 0.11 -7.12 19.65
C THR A 61 -0.10 -8.36 20.51
N ASP A 62 -1.33 -8.71 20.80
CA ASP A 62 -1.61 -9.93 21.62
C ASP A 62 -1.47 -11.21 20.77
N ARG A 63 -1.19 -11.09 19.49
CA ARG A 63 -0.98 -12.30 18.64
C ARG A 63 0.47 -12.35 18.14
N PRO A 64 1.27 -13.24 18.69
CA PRO A 64 2.72 -13.32 18.29
C PRO A 64 2.85 -13.68 16.81
N ILE A 65 3.67 -12.96 16.09
CA ILE A 65 3.90 -13.27 14.64
C ILE A 65 5.38 -13.58 14.41
N ALA A 66 5.67 -14.53 13.56
CA ALA A 66 7.10 -14.90 13.31
C ALA A 66 7.67 -14.04 12.17
N PRO A 67 8.97 -13.82 12.19
CA PRO A 67 9.62 -12.99 11.14
C PRO A 67 9.59 -13.71 9.79
N ARG A 68 9.44 -12.98 8.72
CA ARG A 68 9.41 -13.61 7.36
C ARG A 68 10.32 -12.85 6.41
N ASP A 69 11.14 -13.55 5.66
CA ASP A 69 12.06 -12.88 4.69
C ASP A 69 11.63 -13.18 3.25
N GLU A 70 10.34 -13.34 3.03
CA GLU A 70 9.84 -13.64 1.65
C GLU A 70 9.03 -12.47 1.11
N THR A 71 8.96 -12.34 -0.19
CA THR A 71 8.17 -11.22 -0.79
C THR A 71 6.83 -11.74 -1.32
N PHE A 72 5.81 -10.93 -1.27
CA PHE A 72 4.46 -11.36 -1.77
C PHE A 72 4.19 -10.78 -3.15
N GLU A 73 3.84 -11.63 -4.09
CA GLU A 73 3.61 -11.15 -5.50
C GLU A 73 2.35 -10.27 -5.57
N TYR A 74 1.30 -10.69 -4.93
CA TYR A 74 0.01 -9.91 -5.01
C TYR A 74 -0.79 -10.06 -3.71
N ILE A 75 -1.09 -8.95 -3.07
CA ILE A 75 -1.99 -8.99 -1.87
C ILE A 75 -3.08 -7.91 -2.01
N ILE A 76 -4.25 -8.18 -1.49
CA ILE A 76 -5.39 -7.20 -1.63
C ILE A 76 -5.71 -6.57 -0.28
N PHE A 77 -5.97 -5.28 -0.26
CA PHE A 77 -6.40 -4.61 1.00
C PHE A 77 -7.66 -3.78 0.75
N ARG A 78 -8.57 -3.77 1.68
CA ARG A 78 -9.84 -3.00 1.50
C ARG A 78 -9.85 -1.78 2.44
N GLY A 79 -10.54 -0.73 2.07
CA GLY A 79 -10.58 0.51 2.92
C GLY A 79 -11.07 0.18 4.33
N SER A 80 -11.86 -0.87 4.48
CA SER A 80 -12.41 -1.21 5.83
C SER A 80 -11.30 -1.65 6.78
N ASP A 81 -10.40 -2.50 6.33
CA ASP A 81 -9.33 -3.03 7.24
C ASP A 81 -8.17 -2.04 7.34
N ILE A 82 -7.91 -1.31 6.29
CA ILE A 82 -6.76 -0.33 6.30
C ILE A 82 -7.04 0.78 7.32
N LYS A 83 -6.02 1.21 8.03
CA LYS A 83 -6.20 2.30 9.04
C LYS A 83 -5.70 3.63 8.47
N ASP A 84 -4.58 3.63 7.81
CA ASP A 84 -4.02 4.91 7.27
C ASP A 84 -3.28 4.66 5.94
N LEU A 85 -3.32 5.61 5.05
CA LEU A 85 -2.62 5.45 3.74
C LEU A 85 -1.74 6.68 3.46
N THR A 86 -0.48 6.46 3.12
CA THR A 86 0.44 7.61 2.82
C THR A 86 1.17 7.36 1.51
N VAL A 87 1.44 8.40 0.75
CA VAL A 87 2.16 8.23 -0.56
C VAL A 87 3.65 8.51 -0.36
N CYS A 88 4.50 7.79 -1.07
CA CYS A 88 5.97 7.95 -0.89
C CYS A 88 6.52 8.95 -1.92
N GLU A 89 5.97 8.96 -3.11
CA GLU A 89 6.45 9.93 -4.15
C GLU A 89 5.74 11.28 -3.97
N PRO A 90 6.41 12.35 -4.39
CA PRO A 90 5.83 13.71 -4.22
C PRO A 90 4.60 13.89 -5.13
N PRO A 91 3.65 14.68 -4.67
CA PRO A 91 2.43 14.93 -5.49
C PRO A 91 2.77 15.81 -6.70
N LYS A 92 1.97 15.74 -7.73
CA LYS A 92 2.22 16.59 -8.94
C LYS A 92 1.38 17.87 -8.87
N PRO A 93 1.82 18.90 -9.57
CA PRO A 93 1.09 20.20 -9.55
C PRO A 93 -0.28 20.05 -10.23
N ILE A 94 -1.30 20.64 -9.65
CA ILE A 94 -2.68 20.54 -10.25
C ILE A 94 -3.14 21.92 -10.75
N MET A 95 -2.66 22.98 -10.16
CA MET A 95 -3.05 24.34 -10.63
C MET A 95 -1.88 25.01 -11.36
N LEU A 8 1.20 15.25 -25.04
CA LEU A 8 0.23 15.80 -24.05
C LEU A 8 0.97 16.57 -22.95
N GLU A 9 0.54 17.77 -22.66
CA GLU A 9 1.25 18.61 -21.64
C GLU A 9 0.45 18.63 -20.33
N ASP A 10 -0.21 17.55 -20.01
CA ASP A 10 -1.00 17.50 -18.74
C ASP A 10 -0.19 16.81 -17.63
N PRO A 11 -0.32 17.28 -16.41
CA PRO A 11 0.45 16.69 -15.28
C PRO A 11 0.01 15.24 -15.02
N SER A 12 -1.28 15.00 -15.07
CA SER A 12 -1.79 13.60 -14.86
C SER A 12 -1.45 12.74 -16.07
N GLY A 13 -1.47 13.30 -17.25
CA GLY A 13 -1.12 12.53 -18.47
C GLY A 13 0.39 12.23 -18.48
N GLY A 14 1.18 13.09 -17.88
CA GLY A 14 2.67 12.89 -17.88
C GLY A 14 3.01 11.60 -17.12
N THR A 15 2.37 11.37 -16.00
CA THR A 15 2.64 10.13 -15.21
C THR A 15 1.33 9.60 -14.58
N PRO A 16 0.98 8.36 -14.89
CA PRO A 16 -0.21 7.74 -14.25
C PRO A 16 0.05 7.48 -12.76
N TYR A 17 -0.97 7.54 -11.95
CA TYR A 17 -0.80 7.25 -10.48
C TYR A 17 -0.37 5.79 -10.28
N ILE A 18 -0.84 4.90 -11.12
CA ILE A 18 -0.44 3.46 -11.01
C ILE A 18 1.06 3.32 -11.31
N GLY A 19 1.75 2.53 -10.54
CA GLY A 19 3.24 2.44 -10.68
C GLY A 19 3.94 3.33 -9.64
N SER A 20 3.21 4.06 -8.83
CA SER A 20 3.85 4.87 -7.75
C SER A 20 4.04 4.02 -6.48
N LYS A 21 4.95 4.42 -5.63
CA LYS A 21 5.22 3.65 -4.36
C LYS A 21 4.27 4.11 -3.25
N ILE A 22 3.67 3.19 -2.56
CA ILE A 22 2.71 3.57 -1.47
C ILE A 22 2.99 2.74 -0.21
N SER A 23 2.77 3.32 0.96
CA SER A 23 2.90 2.56 2.23
C SER A 23 1.55 2.50 2.94
N LEU A 24 1.15 1.32 3.35
CA LEU A 24 -0.19 1.15 3.97
C LEU A 24 -0.06 0.62 5.40
N ILE A 25 -0.81 1.17 6.32
CA ILE A 25 -0.75 0.69 7.74
C ILE A 25 -2.07 0.03 8.11
N SER A 26 -2.02 -1.22 8.53
CA SER A 26 -3.29 -1.98 8.77
C SER A 26 -3.71 -1.88 10.25
N LYS A 27 -4.89 -2.34 10.57
CA LYS A 27 -5.40 -2.26 11.98
C LYS A 27 -4.49 -3.04 12.94
N ALA A 28 -3.64 -3.91 12.44
CA ALA A 28 -2.73 -4.68 13.34
C ALA A 28 -1.42 -3.92 13.60
N GLU A 29 -1.36 -2.65 13.27
CA GLU A 29 -0.12 -1.83 13.50
C GLU A 29 1.09 -2.47 12.81
N ILE A 30 0.85 -3.17 11.72
CA ILE A 30 1.98 -3.66 10.88
C ILE A 30 2.08 -2.79 9.62
N ARG A 31 3.29 -2.54 9.16
CA ARG A 31 3.47 -1.65 7.98
C ARG A 31 3.79 -2.48 6.73
N TYR A 32 2.98 -2.36 5.71
CA TYR A 32 3.27 -3.06 4.42
C TYR A 32 3.65 -2.03 3.34
N GLU A 33 4.71 -2.27 2.62
CA GLU A 33 5.06 -1.36 1.48
C GLU A 33 4.98 -2.12 0.17
N GLY A 34 4.49 -1.48 -0.87
CA GLY A 34 4.36 -2.16 -2.19
C GLY A 34 4.10 -1.11 -3.26
N ILE A 35 3.94 -1.51 -4.50
CA ILE A 35 3.67 -0.52 -5.58
C ILE A 35 2.22 -0.64 -6.06
N LEU A 36 1.60 0.48 -6.37
CA LEU A 36 0.16 0.45 -6.80
C LEU A 36 0.03 -0.28 -8.14
N TYR A 37 -0.54 -1.46 -8.14
CA TYR A 37 -0.66 -2.24 -9.41
C TYR A 37 -2.01 -1.95 -10.09
N THR A 38 -3.10 -2.07 -9.37
CA THR A 38 -4.43 -1.80 -9.97
C THR A 38 -5.36 -1.14 -8.95
N ILE A 39 -6.20 -0.24 -9.40
CA ILE A 39 -7.12 0.48 -8.46
C ILE A 39 -8.57 0.14 -8.81
N ASP A 40 -9.33 -0.33 -7.84
CA ASP A 40 -10.78 -0.63 -8.09
C ASP A 40 -11.65 0.34 -7.29
N THR A 41 -12.11 1.39 -7.93
CA THR A 41 -12.91 2.42 -7.19
C THR A 41 -14.30 1.87 -6.83
N GLU A 42 -14.87 1.07 -7.70
CA GLU A 42 -16.30 0.65 -7.51
C GLU A 42 -16.50 -0.08 -6.18
N ASN A 43 -15.47 -0.75 -5.69
CA ASN A 43 -15.62 -1.54 -4.43
C ASN A 43 -14.72 -0.99 -3.31
N SER A 44 -14.19 0.21 -3.47
CA SER A 44 -13.24 0.78 -2.45
C SER A 44 -12.12 -0.22 -2.11
N THR A 45 -11.48 -0.78 -3.11
CA THR A 45 -10.41 -1.80 -2.86
C THR A 45 -9.17 -1.50 -3.70
N VAL A 46 -8.01 -1.81 -3.18
CA VAL A 46 -6.75 -1.55 -3.94
C VAL A 46 -5.89 -2.82 -3.96
N ALA A 47 -5.29 -3.12 -5.09
CA ALA A 47 -4.40 -4.32 -5.16
C ALA A 47 -2.94 -3.89 -5.34
N LEU A 48 -2.06 -4.39 -4.51
CA LEU A 48 -0.62 -3.99 -4.59
C LEU A 48 0.24 -5.19 -4.95
N ALA A 49 1.19 -5.02 -5.83
CA ALA A 49 2.10 -6.15 -6.19
C ALA A 49 3.52 -5.84 -5.73
N LYS A 50 4.38 -6.84 -5.68
CA LYS A 50 5.78 -6.65 -5.18
C LYS A 50 5.77 -5.97 -3.80
N VAL A 51 5.10 -6.56 -2.85
CA VAL A 51 4.93 -5.90 -1.51
C VAL A 51 5.53 -6.78 -0.40
N ARG A 52 6.04 -6.17 0.64
CA ARG A 52 6.61 -6.95 1.77
C ARG A 52 6.22 -6.31 3.11
N SER A 53 6.10 -7.10 4.15
CA SER A 53 5.76 -6.56 5.49
C SER A 53 7.04 -6.40 6.33
N PHE A 54 7.22 -5.25 6.93
CA PHE A 54 8.52 -4.98 7.63
C PHE A 54 8.62 -5.81 8.92
N GLY A 55 7.54 -5.94 9.66
CA GLY A 55 7.58 -6.76 10.90
C GLY A 55 6.32 -6.52 11.73
N THR A 56 6.22 -7.16 12.86
CA THR A 56 5.06 -6.91 13.78
C THR A 56 5.54 -6.33 15.12
N GLU A 57 6.80 -6.00 15.25
CA GLU A 57 7.36 -5.54 16.57
C GLU A 57 6.67 -4.27 17.05
N ASP A 58 6.02 -3.53 16.17
CA ASP A 58 5.35 -2.25 16.59
C ASP A 58 4.30 -2.52 17.67
N ARG A 59 3.68 -3.67 17.62
CA ARG A 59 2.68 -4.04 18.67
C ARG A 59 2.80 -5.53 19.02
N PRO A 60 3.55 -5.83 20.07
CA PRO A 60 3.77 -7.25 20.47
C PRO A 60 2.43 -7.96 20.73
N THR A 61 2.32 -9.20 20.33
CA THR A 61 1.04 -9.94 20.51
C THR A 61 1.31 -11.30 21.17
N ASP A 62 0.27 -11.94 21.67
CA ASP A 62 0.46 -13.29 22.32
C ASP A 62 0.63 -14.40 21.26
N ARG A 63 0.55 -14.06 19.99
CA ARG A 63 0.81 -15.08 18.92
C ARG A 63 2.11 -14.72 18.18
N PRO A 64 3.17 -15.48 18.42
CA PRO A 64 4.49 -15.16 17.80
C PRO A 64 4.43 -15.35 16.28
N ILE A 65 4.94 -14.41 15.53
CA ILE A 65 4.97 -14.54 14.05
C ILE A 65 6.36 -15.04 13.61
N ALA A 66 6.39 -16.07 12.79
CA ALA A 66 7.70 -16.64 12.35
C ALA A 66 8.42 -15.65 11.42
N PRO A 67 9.74 -15.75 11.36
CA PRO A 67 10.53 -14.85 10.48
C PRO A 67 10.15 -15.07 9.00
N ARG A 68 10.09 -14.01 8.24
CA ARG A 68 9.72 -14.13 6.79
C ARG A 68 10.79 -13.46 5.92
N ASP A 69 11.40 -14.19 5.03
CA ASP A 69 12.43 -13.60 4.12
C ASP A 69 11.99 -13.71 2.66
N GLU A 70 10.70 -13.66 2.42
CA GLU A 70 10.18 -13.76 1.02
C GLU A 70 9.25 -12.58 0.71
N THR A 71 8.99 -12.35 -0.55
CA THR A 71 8.08 -11.22 -0.94
C THR A 71 6.77 -11.77 -1.49
N PHE A 72 5.71 -10.99 -1.41
CA PHE A 72 4.39 -11.46 -1.93
C PHE A 72 4.13 -10.83 -3.31
N GLU A 73 3.80 -11.65 -4.28
CA GLU A 73 3.59 -11.13 -5.66
C GLU A 73 2.34 -10.26 -5.73
N TYR A 74 1.27 -10.66 -5.08
CA TYR A 74 -0.01 -9.88 -5.15
C TYR A 74 -0.82 -10.07 -3.87
N ILE A 75 -1.12 -8.98 -3.19
CA ILE A 75 -2.05 -9.05 -2.02
C ILE A 75 -3.14 -7.97 -2.15
N ILE A 76 -4.32 -8.24 -1.67
CA ILE A 76 -5.44 -7.26 -1.81
C ILE A 76 -5.78 -6.66 -0.44
N PHE A 77 -6.00 -5.36 -0.39
CA PHE A 77 -6.42 -4.72 0.88
C PHE A 77 -7.68 -3.88 0.65
N ARG A 78 -8.60 -3.89 1.59
CA ARG A 78 -9.86 -3.10 1.43
C ARG A 78 -9.85 -1.90 2.38
N GLY A 79 -10.55 -0.84 2.02
CA GLY A 79 -10.57 0.39 2.87
C GLY A 79 -11.04 0.05 4.30
N SER A 80 -11.81 -1.00 4.46
CA SER A 80 -12.34 -1.36 5.82
C SER A 80 -11.20 -1.80 6.75
N ASP A 81 -10.31 -2.63 6.28
CA ASP A 81 -9.20 -3.14 7.15
C ASP A 81 -8.05 -2.13 7.22
N ILE A 82 -7.86 -1.37 6.17
CA ILE A 82 -6.76 -0.33 6.18
C ILE A 82 -7.11 0.78 7.17
N LYS A 83 -6.13 1.25 7.90
CA LYS A 83 -6.39 2.36 8.89
C LYS A 83 -5.79 3.67 8.36
N ASP A 84 -4.59 3.62 7.84
CA ASP A 84 -3.94 4.87 7.34
C ASP A 84 -3.24 4.60 6.00
N LEU A 85 -3.31 5.54 5.09
CA LEU A 85 -2.65 5.37 3.76
C LEU A 85 -1.78 6.59 3.43
N THR A 86 -0.53 6.37 3.09
CA THR A 86 0.37 7.50 2.72
C THR A 86 1.06 7.21 1.38
N VAL A 87 1.12 8.18 0.50
CA VAL A 87 1.75 7.96 -0.84
C VAL A 87 3.09 8.72 -0.91
N CYS A 88 4.06 8.15 -1.59
CA CYS A 88 5.39 8.83 -1.70
C CYS A 88 5.36 9.83 -2.86
N GLU A 89 4.68 9.51 -3.92
CA GLU A 89 4.54 10.49 -5.06
C GLU A 89 3.37 11.44 -4.77
N PRO A 90 3.66 12.73 -4.66
CA PRO A 90 2.59 13.72 -4.33
C PRO A 90 1.52 13.74 -5.45
N PRO A 91 0.29 14.08 -5.08
CA PRO A 91 -0.80 14.13 -6.08
C PRO A 91 -0.60 15.33 -7.02
N LYS A 92 -1.17 15.27 -8.20
CA LYS A 92 -1.04 16.41 -9.16
C LYS A 92 -2.28 17.32 -9.07
N PRO A 93 -2.12 18.56 -9.50
CA PRO A 93 -3.25 19.53 -9.45
C PRO A 93 -4.36 19.11 -10.42
N ILE A 94 -5.60 19.23 -10.02
CA ILE A 94 -6.74 18.84 -10.91
C ILE A 94 -7.73 20.01 -11.03
N MET A 95 -8.52 20.02 -12.08
CA MET A 95 -9.53 21.11 -12.27
C MET A 95 -10.69 20.62 -13.13
N LEU A 8 5.31 16.33 -26.95
CA LEU A 8 5.15 17.40 -25.93
C LEU A 8 3.99 17.05 -24.99
N GLU A 9 4.22 17.05 -23.70
CA GLU A 9 3.14 16.73 -22.73
C GLU A 9 3.51 17.22 -21.33
N ASP A 10 2.64 17.04 -20.37
CA ASP A 10 2.95 17.48 -18.96
C ASP A 10 3.55 16.29 -18.18
N PRO A 11 4.40 16.60 -17.21
CA PRO A 11 5.04 15.52 -16.40
C PRO A 11 3.98 14.69 -15.66
N SER A 12 2.97 15.35 -15.13
CA SER A 12 1.89 14.60 -14.40
C SER A 12 1.06 13.77 -15.39
N GLY A 13 0.81 14.31 -16.56
CA GLY A 13 0.03 13.56 -17.59
C GLY A 13 0.90 12.46 -18.20
N GLY A 14 2.18 12.71 -18.33
CA GLY A 14 3.10 11.70 -18.95
C GLY A 14 3.21 10.47 -18.04
N THR A 15 3.17 10.67 -16.75
CA THR A 15 3.29 9.51 -15.80
C THR A 15 1.94 9.22 -15.14
N PRO A 16 1.45 7.99 -15.28
CA PRO A 16 0.19 7.60 -14.61
C PRO A 16 0.42 7.40 -13.11
N TYR A 17 -0.58 7.66 -12.30
CA TYR A 17 -0.43 7.46 -10.82
C TYR A 17 -0.17 5.99 -10.50
N ILE A 18 -0.73 5.09 -11.28
CA ILE A 18 -0.47 3.63 -11.06
C ILE A 18 1.00 3.33 -11.34
N GLY A 19 1.61 2.52 -10.51
CA GLY A 19 3.09 2.27 -10.62
C GLY A 19 3.85 3.15 -9.62
N SER A 20 3.17 3.99 -8.86
CA SER A 20 3.87 4.81 -7.81
C SER A 20 4.06 3.99 -6.53
N LYS A 21 4.99 4.39 -5.69
CA LYS A 21 5.24 3.64 -4.42
C LYS A 21 4.27 4.11 -3.32
N ILE A 22 3.63 3.19 -2.64
CA ILE A 22 2.69 3.57 -1.55
C ILE A 22 2.94 2.73 -0.30
N SER A 23 2.73 3.30 0.87
CA SER A 23 2.87 2.53 2.13
C SER A 23 1.52 2.47 2.84
N LEU A 24 1.09 1.30 3.24
CA LEU A 24 -0.25 1.15 3.87
C LEU A 24 -0.12 0.62 5.30
N ILE A 25 -0.85 1.19 6.23
CA ILE A 25 -0.81 0.68 7.63
C ILE A 25 -2.14 -0.03 7.93
N SER A 26 -2.08 -1.30 8.28
CA SER A 26 -3.33 -2.11 8.40
C SER A 26 -3.86 -2.07 9.84
N LYS A 27 -5.03 -2.61 10.07
CA LYS A 27 -5.65 -2.57 11.43
C LYS A 27 -4.76 -3.28 12.47
N ALA A 28 -3.85 -4.11 12.04
CA ALA A 28 -2.98 -4.84 13.02
C ALA A 28 -1.70 -4.04 13.33
N GLU A 29 -1.66 -2.76 13.00
CA GLU A 29 -0.47 -1.90 13.29
C GLU A 29 0.80 -2.48 12.65
N ILE A 30 0.65 -3.16 11.55
CA ILE A 30 1.83 -3.62 10.76
C ILE A 30 1.98 -2.75 9.50
N ARG A 31 3.19 -2.51 9.08
CA ARG A 31 3.42 -1.61 7.91
C ARG A 31 3.77 -2.43 6.67
N TYR A 32 2.99 -2.33 5.62
CA TYR A 32 3.32 -3.03 4.34
C TYR A 32 3.67 -2.01 3.27
N GLU A 33 4.73 -2.23 2.54
CA GLU A 33 5.07 -1.32 1.39
C GLU A 33 4.99 -2.09 0.07
N GLY A 34 4.49 -1.47 -0.96
CA GLY A 34 4.36 -2.15 -2.28
C GLY A 34 4.08 -1.10 -3.36
N ILE A 35 3.93 -1.52 -4.59
CA ILE A 35 3.65 -0.52 -5.67
C ILE A 35 2.19 -0.65 -6.12
N LEU A 36 1.56 0.46 -6.42
CA LEU A 36 0.11 0.43 -6.82
C LEU A 36 -0.05 -0.29 -8.16
N TYR A 37 -0.61 -1.48 -8.15
CA TYR A 37 -0.75 -2.25 -9.42
C TYR A 37 -2.10 -1.96 -10.08
N THR A 38 -3.17 -2.09 -9.34
CA THR A 38 -4.52 -1.85 -9.93
C THR A 38 -5.44 -1.16 -8.91
N ILE A 39 -6.27 -0.26 -9.36
CA ILE A 39 -7.18 0.47 -8.42
C ILE A 39 -8.64 0.13 -8.75
N ASP A 40 -9.39 -0.36 -7.79
CA ASP A 40 -10.83 -0.67 -8.03
C ASP A 40 -11.71 0.29 -7.23
N THR A 41 -12.19 1.34 -7.85
CA THR A 41 -13.01 2.36 -7.12
C THR A 41 -14.38 1.79 -6.76
N GLU A 42 -14.95 0.98 -7.63
CA GLU A 42 -16.37 0.53 -7.43
C GLU A 42 -16.56 -0.20 -6.10
N ASN A 43 -15.52 -0.85 -5.61
CA ASN A 43 -15.65 -1.62 -4.34
C ASN A 43 -14.75 -1.05 -3.24
N SER A 44 -14.23 0.15 -3.41
CA SER A 44 -13.28 0.74 -2.40
C SER A 44 -12.15 -0.26 -2.05
N THR A 45 -11.51 -0.82 -3.05
CA THR A 45 -10.43 -1.82 -2.79
C THR A 45 -9.19 -1.50 -3.63
N VAL A 46 -8.03 -1.81 -3.13
CA VAL A 46 -6.77 -1.54 -3.88
C VAL A 46 -5.91 -2.81 -3.90
N ALA A 47 -5.31 -3.11 -5.03
CA ALA A 47 -4.42 -4.31 -5.11
C ALA A 47 -2.97 -3.86 -5.31
N LEU A 48 -2.08 -4.36 -4.48
CA LEU A 48 -0.64 -3.95 -4.57
C LEU A 48 0.22 -5.16 -4.93
N ALA A 49 1.15 -5.00 -5.83
CA ALA A 49 2.04 -6.14 -6.22
C ALA A 49 3.47 -5.85 -5.76
N LYS A 50 4.31 -6.87 -5.72
CA LYS A 50 5.73 -6.70 -5.24
C LYS A 50 5.75 -5.99 -3.88
N VAL A 51 5.16 -6.60 -2.87
CA VAL A 51 5.00 -5.92 -1.55
C VAL A 51 5.66 -6.75 -0.44
N ARG A 52 6.20 -6.09 0.55
CA ARG A 52 6.86 -6.82 1.68
C ARG A 52 6.44 -6.20 3.01
N SER A 53 6.35 -6.99 4.05
CA SER A 53 6.00 -6.45 5.39
C SER A 53 7.28 -6.17 6.20
N PHE A 54 7.40 -5.00 6.77
CA PHE A 54 8.68 -4.62 7.46
C PHE A 54 8.84 -5.42 8.76
N GLY A 55 7.76 -5.60 9.49
CA GLY A 55 7.84 -6.39 10.76
C GLY A 55 6.55 -6.20 11.57
N THR A 56 6.39 -6.97 12.62
CA THR A 56 5.20 -6.79 13.51
C THR A 56 5.65 -6.42 14.94
N GLU A 57 6.89 -6.69 15.29
CA GLU A 57 7.37 -6.41 16.70
C GLU A 57 7.30 -4.91 17.01
N ASP A 58 7.41 -4.07 16.00
CA ASP A 58 7.37 -2.58 16.24
C ASP A 58 6.04 -2.18 16.90
N ARG A 59 4.98 -2.89 16.60
CA ARG A 59 3.66 -2.61 17.24
C ARG A 59 3.17 -3.86 17.99
N PRO A 60 3.45 -3.91 19.28
CA PRO A 60 3.11 -5.13 20.08
C PRO A 60 1.59 -5.37 20.08
N THR A 61 1.18 -6.58 19.80
CA THR A 61 -0.29 -6.91 19.79
C THR A 61 -0.55 -8.17 20.60
N ASP A 62 -1.79 -8.42 20.94
CA ASP A 62 -2.14 -9.66 21.72
C ASP A 62 -2.14 -10.91 20.83
N ARG A 63 -1.90 -10.76 19.54
CA ARG A 63 -1.83 -11.95 18.64
C ARG A 63 -0.42 -12.05 18.02
N PRO A 64 0.37 -13.02 18.49
CA PRO A 64 1.78 -13.16 17.99
C PRO A 64 1.80 -13.40 16.48
N ILE A 65 2.73 -12.77 15.79
CA ILE A 65 2.84 -12.97 14.31
C ILE A 65 4.24 -13.52 13.97
N ALA A 66 4.32 -14.37 12.96
CA ALA A 66 5.64 -14.94 12.56
C ALA A 66 6.24 -14.12 11.40
N PRO A 67 7.31 -13.38 11.69
CA PRO A 67 7.96 -12.57 10.64
C PRO A 67 8.62 -13.46 9.59
N ARG A 68 8.54 -13.09 8.34
CA ARG A 68 9.16 -13.90 7.25
C ARG A 68 10.01 -13.02 6.33
N ASP A 69 11.04 -13.58 5.74
CA ASP A 69 11.91 -12.78 4.82
C ASP A 69 11.54 -13.04 3.36
N GLU A 70 10.28 -13.30 3.09
CA GLU A 70 9.83 -13.57 1.69
C GLU A 70 8.95 -12.43 1.19
N THR A 71 8.93 -12.21 -0.10
CA THR A 71 8.08 -11.12 -0.67
C THR A 71 6.83 -11.72 -1.32
N PHE A 72 5.72 -11.02 -1.27
CA PHE A 72 4.46 -11.55 -1.85
C PHE A 72 4.19 -10.89 -3.21
N GLU A 73 3.84 -11.68 -4.20
CA GLU A 73 3.62 -11.12 -5.58
C GLU A 73 2.37 -10.23 -5.60
N TYR A 74 1.32 -10.62 -4.91
CA TYR A 74 0.04 -9.85 -4.99
C TYR A 74 -0.75 -9.99 -3.68
N ILE A 75 -1.06 -8.90 -3.04
CA ILE A 75 -1.98 -8.94 -1.86
C ILE A 75 -3.09 -7.89 -2.03
N ILE A 76 -4.27 -8.16 -1.53
CA ILE A 76 -5.41 -7.21 -1.69
C ILE A 76 -5.76 -6.60 -0.32
N PHE A 77 -5.98 -5.31 -0.28
CA PHE A 77 -6.42 -4.65 0.99
C PHE A 77 -7.69 -3.84 0.76
N ARG A 78 -8.61 -3.86 1.69
CA ARG A 78 -9.88 -3.10 1.52
C ARG A 78 -9.88 -1.88 2.45
N GLY A 79 -10.58 -0.84 2.08
CA GLY A 79 -10.61 0.41 2.92
C GLY A 79 -11.10 0.09 4.34
N SER A 80 -11.87 -0.96 4.50
CA SER A 80 -12.42 -1.30 5.86
C SER A 80 -11.28 -1.71 6.81
N ASP A 81 -10.39 -2.56 6.36
CA ASP A 81 -9.30 -3.06 7.26
C ASP A 81 -8.14 -2.05 7.34
N ILE A 82 -7.91 -1.32 6.27
CA ILE A 82 -6.78 -0.33 6.28
C ILE A 82 -7.07 0.79 7.28
N LYS A 83 -6.06 1.25 7.98
CA LYS A 83 -6.26 2.33 8.98
C LYS A 83 -5.73 3.66 8.43
N ASP A 84 -4.57 3.64 7.81
CA ASP A 84 -3.96 4.90 7.30
C ASP A 84 -3.24 4.64 5.97
N LEU A 85 -3.24 5.61 5.08
CA LEU A 85 -2.54 5.44 3.77
C LEU A 85 -1.64 6.65 3.49
N THR A 86 -0.40 6.40 3.12
CA THR A 86 0.53 7.54 2.80
C THR A 86 1.21 7.30 1.45
N VAL A 87 1.38 8.32 0.67
CA VAL A 87 2.02 8.17 -0.68
C VAL A 87 3.48 8.65 -0.63
N CYS A 88 4.36 7.98 -1.35
CA CYS A 88 5.80 8.37 -1.33
C CYS A 88 6.09 9.40 -2.43
N GLU A 89 5.48 9.24 -3.57
CA GLU A 89 5.68 10.22 -4.69
C GLU A 89 4.76 11.43 -4.50
N PRO A 90 5.19 12.58 -4.97
CA PRO A 90 4.38 13.82 -4.79
C PRO A 90 3.10 13.76 -5.64
N PRO A 91 1.97 14.16 -5.06
CA PRO A 91 0.70 14.19 -5.83
C PRO A 91 0.79 15.21 -6.98
N LYS A 92 0.07 14.98 -8.05
CA LYS A 92 0.10 15.92 -9.20
C LYS A 92 -1.16 16.81 -9.19
N PRO A 93 -1.08 17.96 -9.83
CA PRO A 93 -2.24 18.88 -9.90
C PRO A 93 -3.40 18.23 -10.66
N ILE A 94 -4.62 18.42 -10.21
CA ILE A 94 -5.80 17.83 -10.90
C ILE A 94 -6.84 18.92 -11.22
N MET A 95 -7.59 18.74 -12.28
CA MET A 95 -8.63 19.75 -12.66
C MET A 95 -9.75 19.10 -13.46
N LEU A 8 -2.60 12.96 -20.57
CA LEU A 8 -3.54 14.13 -20.61
C LEU A 8 -2.77 15.44 -20.47
N GLU A 9 -3.38 16.54 -20.85
CA GLU A 9 -2.68 17.87 -20.76
C GLU A 9 -2.44 18.24 -19.28
N ASP A 10 -3.29 17.81 -18.40
CA ASP A 10 -3.11 18.16 -16.95
C ASP A 10 -1.98 17.32 -16.34
N PRO A 11 -1.30 17.88 -15.34
CA PRO A 11 -0.15 17.17 -14.71
C PRO A 11 -0.64 15.91 -13.99
N SER A 12 -1.76 16.00 -13.31
CA SER A 12 -2.30 14.81 -12.59
C SER A 12 -2.79 13.77 -13.60
N GLY A 13 -3.32 14.22 -14.71
CA GLY A 13 -3.80 13.27 -15.76
C GLY A 13 -2.62 12.75 -16.57
N GLY A 14 -1.58 13.55 -16.72
CA GLY A 14 -0.40 13.12 -17.53
C GLY A 14 0.27 11.90 -16.88
N THR A 15 0.33 11.88 -15.57
CA THR A 15 0.95 10.72 -14.86
C THR A 15 -0.13 9.93 -14.09
N PRO A 16 -0.26 8.64 -14.39
CA PRO A 16 -1.25 7.79 -13.68
C PRO A 16 -0.76 7.50 -12.26
N TYR A 17 -1.68 7.33 -11.33
CA TYR A 17 -1.29 6.96 -9.92
C TYR A 17 -0.68 5.55 -9.92
N ILE A 18 -1.14 4.69 -10.79
CA ILE A 18 -0.58 3.30 -10.83
C ILE A 18 0.90 3.35 -11.23
N GLY A 19 1.73 2.57 -10.58
CA GLY A 19 3.20 2.63 -10.82
C GLY A 19 3.89 3.51 -9.78
N SER A 20 3.15 4.11 -8.86
CA SER A 20 3.80 4.90 -7.77
C SER A 20 3.95 4.03 -6.51
N LYS A 21 4.91 4.33 -5.67
CA LYS A 21 5.13 3.53 -4.43
C LYS A 21 4.25 4.06 -3.29
N ILE A 22 3.59 3.18 -2.59
CA ILE A 22 2.67 3.62 -1.48
C ILE A 22 2.96 2.81 -0.21
N SER A 23 2.78 3.43 0.93
CA SER A 23 2.94 2.69 2.22
C SER A 23 1.57 2.55 2.90
N LEU A 24 1.22 1.36 3.31
CA LEU A 24 -0.13 1.11 3.87
C LEU A 24 -0.02 0.61 5.32
N ILE A 25 -0.77 1.20 6.21
CA ILE A 25 -0.76 0.73 7.64
C ILE A 25 -2.10 0.05 7.94
N SER A 26 -2.07 -1.20 8.31
CA SER A 26 -3.34 -1.98 8.46
C SER A 26 -3.85 -1.92 9.90
N LYS A 27 -5.05 -2.40 10.14
CA LYS A 27 -5.66 -2.35 11.51
C LYS A 27 -4.80 -3.14 12.52
N ALA A 28 -3.93 -4.00 12.06
CA ALA A 28 -3.08 -4.81 13.00
C ALA A 28 -1.77 -4.07 13.34
N GLU A 29 -1.68 -2.79 13.06
CA GLU A 29 -0.44 -2.01 13.36
C GLU A 29 0.78 -2.63 12.68
N ILE A 30 0.58 -3.28 11.56
CA ILE A 30 1.73 -3.78 10.75
C ILE A 30 1.91 -2.87 9.53
N ARG A 31 3.13 -2.65 9.12
CA ARG A 31 3.40 -1.74 7.97
C ARG A 31 3.75 -2.54 6.71
N TYR A 32 2.97 -2.40 5.68
CA TYR A 32 3.29 -3.07 4.38
C TYR A 32 3.66 -2.03 3.33
N GLU A 33 4.68 -2.28 2.55
CA GLU A 33 5.02 -1.34 1.43
C GLU A 33 4.98 -2.07 0.09
N GLY A 34 4.48 -1.44 -0.93
CA GLY A 34 4.38 -2.09 -2.27
C GLY A 34 4.07 -1.04 -3.33
N ILE A 35 3.92 -1.45 -4.57
CA ILE A 35 3.64 -0.45 -5.65
C ILE A 35 2.18 -0.59 -6.11
N LEU A 36 1.53 0.50 -6.40
CA LEU A 36 0.09 0.44 -6.84
C LEU A 36 -0.04 -0.29 -8.17
N TYR A 37 -0.65 -1.44 -8.15
CA TYR A 37 -0.78 -2.24 -9.42
C TYR A 37 -2.14 -1.98 -10.08
N THR A 38 -3.21 -2.12 -9.34
CA THR A 38 -4.56 -1.90 -9.92
C THR A 38 -5.49 -1.25 -8.90
N ILE A 39 -6.35 -0.36 -9.34
CA ILE A 39 -7.27 0.34 -8.40
C ILE A 39 -8.73 0.00 -8.74
N ASP A 40 -9.48 -0.48 -7.78
CA ASP A 40 -10.93 -0.78 -8.01
C ASP A 40 -11.81 0.19 -7.23
N THR A 41 -12.25 1.24 -7.87
CA THR A 41 -13.05 2.28 -7.15
C THR A 41 -14.43 1.73 -6.77
N GLU A 42 -15.01 0.92 -7.64
CA GLU A 42 -16.43 0.49 -7.44
C GLU A 42 -16.61 -0.24 -6.10
N ASN A 43 -15.57 -0.88 -5.62
CA ASN A 43 -15.70 -1.67 -4.34
C ASN A 43 -14.80 -1.09 -3.24
N SER A 44 -14.29 0.11 -3.41
CA SER A 44 -13.34 0.70 -2.40
C SER A 44 -12.21 -0.28 -2.05
N THR A 45 -11.59 -0.88 -3.04
CA THR A 45 -10.52 -1.87 -2.77
C THR A 45 -9.28 -1.57 -3.64
N VAL A 46 -8.11 -1.89 -3.14
CA VAL A 46 -6.86 -1.64 -3.92
C VAL A 46 -5.98 -2.89 -3.91
N ALA A 47 -5.35 -3.20 -5.02
CA ALA A 47 -4.44 -4.38 -5.07
C ALA A 47 -3.00 -3.92 -5.27
N LEU A 48 -2.10 -4.40 -4.45
CA LEU A 48 -0.67 -3.97 -4.56
C LEU A 48 0.21 -5.18 -4.90
N ALA A 49 1.16 -5.00 -5.78
CA ALA A 49 2.07 -6.12 -6.16
C ALA A 49 3.51 -5.79 -5.74
N LYS A 50 4.38 -6.78 -5.72
CA LYS A 50 5.80 -6.56 -5.27
C LYS A 50 5.82 -5.89 -3.89
N VAL A 51 5.25 -6.52 -2.90
CA VAL A 51 5.10 -5.87 -1.57
C VAL A 51 5.84 -6.68 -0.48
N ARG A 52 6.40 -6.00 0.48
CA ARG A 52 7.11 -6.70 1.60
C ARG A 52 6.57 -6.22 2.95
N SER A 53 6.62 -7.06 3.95
CA SER A 53 6.15 -6.64 5.31
C SER A 53 7.35 -6.33 6.20
N PHE A 54 7.34 -5.18 6.86
CA PHE A 54 8.52 -4.78 7.68
C PHE A 54 8.60 -5.64 8.94
N GLY A 55 7.46 -5.92 9.55
CA GLY A 55 7.46 -6.78 10.77
C GLY A 55 6.09 -6.71 11.45
N THR A 56 5.83 -7.61 12.36
CA THR A 56 4.52 -7.61 13.09
C THR A 56 4.73 -7.39 14.60
N GLU A 57 5.93 -7.12 15.04
CA GLU A 57 6.21 -7.02 16.51
C GLU A 57 5.29 -5.99 17.19
N ASP A 58 4.78 -5.04 16.43
CA ASP A 58 3.83 -4.03 17.02
C ASP A 58 2.57 -4.72 17.54
N ARG A 59 2.15 -5.79 16.90
CA ARG A 59 0.95 -6.54 17.36
C ARG A 59 1.22 -8.06 17.31
N PRO A 60 1.65 -8.61 18.43
CA PRO A 60 1.94 -10.07 18.48
C PRO A 60 0.69 -10.90 18.17
N THR A 61 0.81 -11.90 17.34
CA THR A 61 -0.37 -12.75 16.98
C THR A 61 -0.02 -14.23 17.17
N ASP A 62 -1.03 -15.08 17.18
CA ASP A 62 -0.77 -16.55 17.33
C ASP A 62 -0.30 -17.17 16.00
N ARG A 63 -0.23 -16.40 14.94
CA ARG A 63 0.24 -16.95 13.63
C ARG A 63 1.63 -16.39 13.29
N PRO A 64 2.67 -17.20 13.41
CA PRO A 64 4.05 -16.73 13.12
C PRO A 64 4.17 -16.29 11.65
N ILE A 65 4.87 -15.22 11.40
CA ILE A 65 5.04 -14.72 9.99
C ILE A 65 6.35 -15.25 9.41
N ALA A 66 6.35 -15.58 8.15
CA ALA A 66 7.60 -16.10 7.51
C ALA A 66 8.66 -15.00 7.41
N PRO A 67 9.92 -15.39 7.29
CA PRO A 67 11.03 -14.40 7.19
C PRO A 67 10.81 -13.46 5.99
N ARG A 68 11.53 -12.37 5.95
CA ARG A 68 11.34 -11.38 4.84
C ARG A 68 12.30 -11.66 3.68
N ASP A 69 12.84 -12.86 3.58
CA ASP A 69 13.73 -13.19 2.43
C ASP A 69 12.91 -13.28 1.14
N GLU A 70 11.69 -13.75 1.23
CA GLU A 70 10.82 -13.85 0.02
C GLU A 70 9.79 -12.72 0.02
N THR A 71 9.39 -12.27 -1.14
CA THR A 71 8.39 -11.16 -1.23
C THR A 71 7.01 -11.69 -1.64
N PHE A 72 5.98 -10.91 -1.44
CA PHE A 72 4.61 -11.35 -1.84
C PHE A 72 4.27 -10.77 -3.22
N GLU A 73 3.90 -11.62 -4.15
CA GLU A 73 3.65 -11.14 -5.55
C GLU A 73 2.39 -10.25 -5.60
N TYR A 74 1.35 -10.61 -4.88
CA TYR A 74 0.07 -9.84 -4.97
C TYR A 74 -0.74 -10.01 -3.69
N ILE A 75 -1.07 -8.92 -3.03
CA ILE A 75 -2.00 -8.98 -1.87
C ILE A 75 -3.11 -7.93 -2.03
N ILE A 76 -4.29 -8.23 -1.53
CA ILE A 76 -5.44 -7.28 -1.67
C ILE A 76 -5.78 -6.67 -0.31
N PHE A 77 -6.04 -5.38 -0.27
CA PHE A 77 -6.46 -4.72 1.00
C PHE A 77 -7.73 -3.89 0.75
N ARG A 78 -8.62 -3.85 1.71
CA ARG A 78 -9.89 -3.06 1.53
C ARG A 78 -9.86 -1.83 2.44
N GLY A 79 -10.54 -0.77 2.04
CA GLY A 79 -10.55 0.48 2.85
C GLY A 79 -11.06 0.22 4.27
N SER A 80 -11.88 -0.81 4.44
CA SER A 80 -12.46 -1.08 5.79
C SER A 80 -11.37 -1.52 6.78
N ASP A 81 -10.44 -2.33 6.34
CA ASP A 81 -9.38 -2.84 7.26
C ASP A 81 -8.21 -1.86 7.36
N ILE A 82 -7.93 -1.15 6.29
CA ILE A 82 -6.78 -0.18 6.31
C ILE A 82 -7.05 0.96 7.31
N LYS A 83 -6.05 1.35 8.05
CA LYS A 83 -6.24 2.47 9.03
C LYS A 83 -5.70 3.77 8.45
N ASP A 84 -4.56 3.72 7.78
CA ASP A 84 -3.97 4.96 7.20
C ASP A 84 -3.22 4.64 5.90
N LEU A 85 -3.26 5.54 4.95
CA LEU A 85 -2.53 5.33 3.67
C LEU A 85 -1.73 6.59 3.29
N THR A 86 -0.47 6.45 2.97
CA THR A 86 0.37 7.63 2.61
C THR A 86 1.16 7.36 1.33
N VAL A 87 1.35 8.37 0.51
CA VAL A 87 2.11 8.18 -0.77
C VAL A 87 3.56 8.62 -0.56
N CYS A 88 4.49 7.93 -1.20
CA CYS A 88 5.94 8.25 -0.99
C CYS A 88 6.44 9.19 -2.09
N GLU A 89 5.96 9.01 -3.30
CA GLU A 89 6.40 9.89 -4.42
C GLU A 89 5.57 11.19 -4.44
N PRO A 90 6.22 12.33 -4.24
CA PRO A 90 5.50 13.62 -4.26
C PRO A 90 5.05 13.97 -5.68
N PRO A 91 4.07 14.85 -5.79
CA PRO A 91 3.57 15.28 -7.12
C PRO A 91 4.63 16.09 -7.86
N LYS A 92 4.57 16.13 -9.16
CA LYS A 92 5.58 16.90 -9.94
C LYS A 92 5.10 18.36 -10.15
N PRO A 93 6.04 19.24 -10.39
CA PRO A 93 5.68 20.68 -10.60
C PRO A 93 4.88 20.85 -11.89
N ILE A 94 3.95 21.77 -11.90
CA ILE A 94 3.12 22.00 -13.13
C ILE A 94 3.99 22.63 -14.23
N MET A 95 4.92 23.48 -13.85
CA MET A 95 5.80 24.14 -14.86
C MET A 95 7.27 23.80 -14.56
N LEU A 8 -6.57 16.04 -21.85
CA LEU A 8 -6.32 16.00 -20.38
C LEU A 8 -6.88 17.26 -19.71
N GLU A 9 -7.41 17.12 -18.52
CA GLU A 9 -7.99 18.29 -17.80
C GLU A 9 -7.88 18.10 -16.29
N ASP A 10 -8.24 16.93 -15.79
CA ASP A 10 -8.17 16.67 -14.33
C ASP A 10 -6.71 16.45 -13.91
N PRO A 11 -6.39 16.80 -12.67
CA PRO A 11 -4.98 16.65 -12.18
C PRO A 11 -4.60 15.16 -12.12
N SER A 12 -5.55 14.30 -11.84
CA SER A 12 -5.25 12.84 -11.80
C SER A 12 -4.88 12.32 -13.19
N GLY A 13 -5.46 12.90 -14.22
CA GLY A 13 -5.14 12.47 -15.61
C GLY A 13 -3.68 12.81 -15.95
N GLY A 14 -3.16 13.87 -15.37
CA GLY A 14 -1.75 14.27 -15.65
C GLY A 14 -0.78 13.18 -15.19
N THR A 15 -1.09 12.54 -14.08
CA THR A 15 -0.22 11.43 -13.59
C THR A 15 -1.07 10.31 -12.98
N PRO A 16 -0.93 9.09 -13.49
CA PRO A 16 -1.71 7.95 -12.95
C PRO A 16 -1.15 7.53 -11.59
N TYR A 17 -2.01 7.12 -10.69
CA TYR A 17 -1.53 6.61 -9.35
C TYR A 17 -0.81 5.27 -9.53
N ILE A 18 -1.22 4.48 -10.49
CA ILE A 18 -0.58 3.15 -10.71
C ILE A 18 0.89 3.35 -11.13
N GLY A 19 1.78 2.58 -10.56
CA GLY A 19 3.24 2.75 -10.85
C GLY A 19 3.91 3.62 -9.77
N SER A 20 3.17 4.12 -8.80
CA SER A 20 3.80 4.94 -7.71
C SER A 20 4.01 4.07 -6.46
N LYS A 21 4.97 4.43 -5.65
CA LYS A 21 5.25 3.66 -4.39
C LYS A 21 4.31 4.14 -3.27
N ILE A 22 3.69 3.22 -2.57
CA ILE A 22 2.74 3.61 -1.48
C ILE A 22 3.03 2.80 -0.22
N SER A 23 2.85 3.40 0.93
CA SER A 23 2.98 2.65 2.22
C SER A 23 1.62 2.60 2.93
N LEU A 24 1.21 1.43 3.34
CA LEU A 24 -0.15 1.28 3.94
C LEU A 24 -0.05 0.71 5.36
N ILE A 25 -0.80 1.26 6.28
CA ILE A 25 -0.80 0.72 7.68
C ILE A 25 -2.16 0.05 7.95
N SER A 26 -2.13 -1.23 8.28
CA SER A 26 -3.41 -2.00 8.37
C SER A 26 -3.96 -1.99 9.81
N LYS A 27 -5.15 -2.50 10.00
CA LYS A 27 -5.78 -2.49 11.36
C LYS A 27 -4.93 -3.25 12.39
N ALA A 28 -4.03 -4.11 11.94
CA ALA A 28 -3.19 -4.89 12.90
C ALA A 28 -1.89 -4.14 13.24
N GLU A 29 -1.82 -2.85 12.97
CA GLU A 29 -0.61 -2.04 13.33
C GLU A 29 0.66 -2.62 12.68
N ILE A 30 0.51 -3.27 11.55
CA ILE A 30 1.69 -3.73 10.77
C ILE A 30 1.88 -2.82 9.55
N ARG A 31 3.10 -2.60 9.14
CA ARG A 31 3.35 -1.69 7.99
C ARG A 31 3.72 -2.49 6.73
N TYR A 32 2.97 -2.34 5.68
CA TYR A 32 3.30 -3.01 4.40
C TYR A 32 3.70 -1.97 3.35
N GLU A 33 4.73 -2.23 2.59
CA GLU A 33 5.10 -1.31 1.46
C GLU A 33 5.01 -2.07 0.14
N GLY A 34 4.51 -1.44 -0.89
CA GLY A 34 4.38 -2.10 -2.21
C GLY A 34 4.11 -1.05 -3.28
N ILE A 35 3.94 -1.45 -4.52
CA ILE A 35 3.66 -0.46 -5.60
C ILE A 35 2.21 -0.60 -6.08
N LEU A 36 1.57 0.50 -6.39
CA LEU A 36 0.14 0.45 -6.83
C LEU A 36 0.02 -0.29 -8.17
N TYR A 37 -0.63 -1.43 -8.17
CA TYR A 37 -0.77 -2.20 -9.44
C TYR A 37 -2.13 -1.92 -10.09
N THR A 38 -3.20 -2.05 -9.35
CA THR A 38 -4.55 -1.80 -9.93
C THR A 38 -5.48 -1.17 -8.89
N ILE A 39 -6.33 -0.26 -9.32
CA ILE A 39 -7.25 0.42 -8.37
C ILE A 39 -8.70 0.06 -8.70
N ASP A 40 -9.44 -0.45 -7.74
CA ASP A 40 -10.87 -0.79 -7.97
C ASP A 40 -11.77 0.15 -7.17
N THR A 41 -12.28 1.18 -7.80
CA THR A 41 -13.12 2.18 -7.06
C THR A 41 -14.47 1.58 -6.69
N GLU A 42 -15.02 0.75 -7.56
CA GLU A 42 -16.43 0.26 -7.36
C GLU A 42 -16.57 -0.48 -6.02
N ASN A 43 -15.50 -1.09 -5.56
CA ASN A 43 -15.60 -1.89 -4.30
C ASN A 43 -14.72 -1.30 -3.18
N SER A 44 -14.25 -0.07 -3.35
CA SER A 44 -13.33 0.56 -2.33
C SER A 44 -12.16 -0.38 -1.99
N THR A 45 -11.53 -0.94 -2.99
CA THR A 45 -10.41 -1.90 -2.73
C THR A 45 -9.19 -1.56 -3.59
N VAL A 46 -8.01 -1.84 -3.10
CA VAL A 46 -6.77 -1.57 -3.88
C VAL A 46 -5.88 -2.82 -3.90
N ALA A 47 -5.31 -3.15 -5.03
CA ALA A 47 -4.41 -4.33 -5.11
C ALA A 47 -2.96 -3.88 -5.31
N LEU A 48 -2.06 -4.37 -4.49
CA LEU A 48 -0.63 -3.96 -4.60
C LEU A 48 0.24 -5.17 -4.95
N ALA A 49 1.19 -4.99 -5.83
CA ALA A 49 2.10 -6.10 -6.21
C ALA A 49 3.53 -5.79 -5.75
N LYS A 50 4.39 -6.79 -5.72
CA LYS A 50 5.80 -6.60 -5.24
C LYS A 50 5.80 -5.91 -3.86
N VAL A 51 5.14 -6.51 -2.91
CA VAL A 51 4.97 -5.86 -1.57
C VAL A 51 5.58 -6.73 -0.46
N ARG A 52 6.08 -6.11 0.58
CA ARG A 52 6.67 -6.89 1.71
C ARG A 52 6.29 -6.26 3.05
N SER A 53 6.18 -7.06 4.08
CA SER A 53 5.84 -6.51 5.43
C SER A 53 7.12 -6.32 6.25
N PHE A 54 7.28 -5.17 6.87
CA PHE A 54 8.57 -4.88 7.58
C PHE A 54 8.67 -5.70 8.87
N GLY A 55 7.59 -5.83 9.58
CA GLY A 55 7.61 -6.67 10.83
C GLY A 55 6.32 -6.42 11.64
N THR A 56 6.11 -7.21 12.66
CA THR A 56 4.96 -6.97 13.58
C THR A 56 5.45 -6.67 15.02
N GLU A 57 6.75 -6.60 15.23
CA GLU A 57 7.27 -6.40 16.62
C GLU A 57 6.89 -5.03 17.17
N ASP A 58 6.75 -4.04 16.30
CA ASP A 58 6.42 -2.66 16.77
C ASP A 58 5.09 -2.64 17.52
N ARG A 59 4.16 -3.47 17.10
CA ARG A 59 2.83 -3.52 17.79
C ARG A 59 2.34 -4.98 17.87
N PRO A 60 2.62 -5.63 18.99
CA PRO A 60 2.24 -7.06 19.15
C PRO A 60 0.73 -7.26 18.97
N THR A 61 0.34 -8.32 18.29
CA THR A 61 -1.12 -8.58 18.04
C THR A 61 -1.46 -10.01 18.48
N ASP A 62 -2.74 -10.30 18.62
CA ASP A 62 -3.16 -11.68 19.02
C ASP A 62 -3.09 -12.66 17.82
N ARG A 63 -2.72 -12.17 16.65
CA ARG A 63 -2.56 -13.09 15.47
C ARG A 63 -1.07 -13.25 15.14
N PRO A 64 -0.52 -14.42 15.45
CA PRO A 64 0.94 -14.65 15.21
C PRO A 64 1.27 -14.58 13.71
N ILE A 65 2.39 -13.98 13.37
CA ILE A 65 2.78 -13.88 11.94
C ILE A 65 4.04 -14.71 11.67
N ALA A 66 4.10 -15.36 10.53
CA ALA A 66 5.29 -16.22 10.21
C ALA A 66 6.53 -15.34 9.99
N PRO A 67 7.70 -15.94 10.15
CA PRO A 67 8.97 -15.18 9.96
C PRO A 67 9.07 -14.65 8.52
N ARG A 68 9.96 -13.72 8.29
CA ARG A 68 10.12 -13.15 6.92
C ARG A 68 11.14 -13.96 6.12
N ASP A 69 10.91 -14.11 4.84
CA ASP A 69 11.86 -14.90 3.99
C ASP A 69 11.74 -14.48 2.52
N GLU A 70 10.52 -14.36 2.03
CA GLU A 70 10.32 -13.97 0.60
C GLU A 70 9.30 -12.83 0.50
N THR A 71 9.07 -12.34 -0.69
CA THR A 71 8.09 -11.21 -0.87
C THR A 71 6.78 -11.74 -1.44
N PHE A 72 5.73 -10.96 -1.40
CA PHE A 72 4.41 -11.41 -1.92
C PHE A 72 4.15 -10.79 -3.30
N GLU A 73 3.82 -11.61 -4.26
CA GLU A 73 3.59 -11.09 -5.66
C GLU A 73 2.35 -10.21 -5.72
N TYR A 74 1.28 -10.61 -5.07
CA TYR A 74 0.01 -9.84 -5.14
C TYR A 74 -0.81 -10.02 -3.87
N ILE A 75 -1.11 -8.94 -3.19
CA ILE A 75 -2.04 -9.01 -2.01
C ILE A 75 -3.13 -7.94 -2.14
N ILE A 76 -4.31 -8.21 -1.64
CA ILE A 76 -5.44 -7.24 -1.75
C ILE A 76 -5.76 -6.65 -0.37
N PHE A 77 -5.96 -5.35 -0.31
CA PHE A 77 -6.37 -4.72 0.98
C PHE A 77 -7.65 -3.89 0.77
N ARG A 78 -8.55 -3.92 1.72
CA ARG A 78 -9.82 -3.15 1.59
C ARG A 78 -9.77 -1.90 2.47
N GLY A 79 -10.46 -0.86 2.08
CA GLY A 79 -10.46 0.41 2.89
C GLY A 79 -10.93 0.14 4.33
N SER A 80 -11.73 -0.89 4.53
CA SER A 80 -12.24 -1.19 5.91
C SER A 80 -11.09 -1.57 6.84
N ASP A 81 -10.20 -2.42 6.40
CA ASP A 81 -9.10 -2.89 7.29
C ASP A 81 -7.96 -1.86 7.33
N ILE A 82 -7.75 -1.15 6.25
CA ILE A 82 -6.66 -0.11 6.22
C ILE A 82 -6.98 1.02 7.20
N LYS A 83 -6.01 1.46 7.96
CA LYS A 83 -6.24 2.55 8.93
C LYS A 83 -5.63 3.87 8.40
N ASP A 84 -4.46 3.79 7.81
CA ASP A 84 -3.79 5.03 7.30
C ASP A 84 -3.12 4.76 5.95
N LEU A 85 -3.15 5.72 5.06
CA LEU A 85 -2.49 5.54 3.73
C LEU A 85 -1.60 6.75 3.42
N THR A 86 -0.35 6.52 3.08
CA THR A 86 0.56 7.65 2.74
C THR A 86 1.28 7.37 1.41
N VAL A 87 1.41 8.38 0.58
CA VAL A 87 2.08 8.18 -0.75
C VAL A 87 3.52 8.70 -0.69
N CYS A 88 4.42 8.03 -1.37
CA CYS A 88 5.86 8.45 -1.34
C CYS A 88 6.13 9.49 -2.42
N GLU A 89 5.51 9.35 -3.57
CA GLU A 89 5.68 10.36 -4.66
C GLU A 89 4.71 11.53 -4.44
N PRO A 90 5.26 12.72 -4.23
CA PRO A 90 4.39 13.90 -3.98
C PRO A 90 3.65 14.32 -5.28
N PRO A 91 2.51 14.96 -5.13
CA PRO A 91 1.75 15.45 -6.31
C PRO A 91 2.56 16.50 -7.08
N LYS A 92 2.27 16.68 -8.34
CA LYS A 92 3.02 17.71 -9.15
C LYS A 92 2.33 19.09 -9.00
N PRO A 93 3.13 20.14 -8.94
CA PRO A 93 2.56 21.50 -8.78
C PRO A 93 1.77 21.90 -10.03
N ILE A 94 0.58 22.43 -9.86
CA ILE A 94 -0.24 22.86 -11.03
C ILE A 94 -0.75 24.29 -10.83
N MET A 95 -0.73 25.08 -11.87
CA MET A 95 -1.21 26.50 -11.76
C MET A 95 -2.62 26.63 -12.34
N LEU A 8 -11.62 18.79 -0.28
CA LEU A 8 -11.92 19.12 -1.70
C LEU A 8 -11.00 18.34 -2.64
N GLU A 9 -11.49 17.97 -3.79
CA GLU A 9 -10.64 17.19 -4.77
C GLU A 9 -9.50 18.07 -5.29
N ASP A 10 -8.30 17.52 -5.38
CA ASP A 10 -7.14 18.32 -5.87
C ASP A 10 -6.78 17.91 -7.30
N PRO A 11 -6.24 18.84 -8.08
CA PRO A 11 -5.86 18.53 -9.47
C PRO A 11 -4.74 17.49 -9.52
N SER A 12 -3.91 17.45 -8.51
CA SER A 12 -2.80 16.44 -8.47
C SER A 12 -3.38 15.02 -8.39
N GLY A 13 -4.53 14.88 -7.77
CA GLY A 13 -5.18 13.53 -7.67
C GLY A 13 -5.57 13.02 -9.07
N GLY A 14 -5.76 13.91 -10.02
CA GLY A 14 -6.16 13.48 -11.40
C GLY A 14 -5.08 12.57 -12.01
N THR A 15 -3.85 12.76 -11.64
CA THR A 15 -2.75 11.88 -12.16
C THR A 15 -2.92 10.45 -11.62
N PRO A 16 -2.69 9.46 -12.46
CA PRO A 16 -2.91 8.04 -12.04
C PRO A 16 -1.92 7.65 -10.94
N TYR A 17 -2.42 7.17 -9.83
CA TYR A 17 -1.52 6.71 -8.72
C TYR A 17 -0.78 5.42 -9.12
N ILE A 18 -1.27 4.70 -10.10
CA ILE A 18 -0.63 3.40 -10.49
C ILE A 18 0.82 3.63 -10.94
N GLY A 19 1.73 2.78 -10.52
CA GLY A 19 3.17 2.96 -10.87
C GLY A 19 3.91 3.76 -9.78
N SER A 20 3.22 4.21 -8.76
CA SER A 20 3.90 4.98 -7.67
C SER A 20 4.12 4.11 -6.43
N LYS A 21 5.14 4.39 -5.66
CA LYS A 21 5.39 3.63 -4.39
C LYS A 21 4.45 4.13 -3.29
N ILE A 22 3.77 3.23 -2.62
CA ILE A 22 2.82 3.66 -1.53
C ILE A 22 3.05 2.80 -0.28
N SER A 23 2.85 3.38 0.88
CA SER A 23 2.94 2.60 2.15
C SER A 23 1.57 2.57 2.83
N LEU A 24 1.16 1.41 3.29
CA LEU A 24 -0.21 1.28 3.88
C LEU A 24 -0.11 0.70 5.31
N ILE A 25 -0.86 1.27 6.23
CA ILE A 25 -0.87 0.73 7.62
C ILE A 25 -2.22 0.03 7.88
N SER A 26 -2.18 -1.23 8.24
CA SER A 26 -3.44 -2.03 8.32
C SER A 26 -3.99 -2.03 9.76
N LYS A 27 -5.16 -2.58 9.95
CA LYS A 27 -5.81 -2.57 11.31
C LYS A 27 -4.93 -3.29 12.35
N ALA A 28 -4.03 -4.14 11.91
CA ALA A 28 -3.18 -4.89 12.88
C ALA A 28 -1.89 -4.13 13.23
N GLU A 29 -1.83 -2.84 12.94
CA GLU A 29 -0.64 -2.00 13.30
C GLU A 29 0.63 -2.56 12.65
N ILE A 30 0.50 -3.23 11.53
CA ILE A 30 1.70 -3.66 10.76
C ILE A 30 1.86 -2.75 9.53
N ARG A 31 3.08 -2.51 9.11
CA ARG A 31 3.31 -1.61 7.94
C ARG A 31 3.71 -2.42 6.70
N TYR A 32 2.95 -2.29 5.64
CA TYR A 32 3.29 -2.99 4.36
C TYR A 32 3.68 -1.95 3.31
N GLU A 33 4.72 -2.20 2.55
CA GLU A 33 5.07 -1.29 1.42
C GLU A 33 5.01 -2.06 0.10
N GLY A 34 4.51 -1.44 -0.93
CA GLY A 34 4.41 -2.12 -2.26
C GLY A 34 4.15 -1.08 -3.34
N ILE A 35 4.01 -1.50 -4.57
CA ILE A 35 3.74 -0.53 -5.68
C ILE A 35 2.28 -0.64 -6.13
N LEU A 36 1.63 0.47 -6.38
CA LEU A 36 0.19 0.44 -6.78
C LEU A 36 0.03 -0.25 -8.14
N TYR A 37 -0.62 -1.38 -8.18
CA TYR A 37 -0.79 -2.11 -9.46
C TYR A 37 -2.15 -1.81 -10.09
N THR A 38 -3.22 -1.96 -9.33
CA THR A 38 -4.59 -1.71 -9.88
C THR A 38 -5.50 -1.10 -8.82
N ILE A 39 -6.36 -0.20 -9.21
CA ILE A 39 -7.28 0.46 -8.24
C ILE A 39 -8.74 0.11 -8.60
N ASP A 40 -9.49 -0.39 -7.64
CA ASP A 40 -10.93 -0.70 -7.88
C ASP A 40 -11.80 0.25 -7.07
N THR A 41 -12.25 1.33 -7.68
CA THR A 41 -13.06 2.34 -6.92
C THR A 41 -14.43 1.77 -6.56
N GLU A 42 -15.02 1.00 -7.45
CA GLU A 42 -16.44 0.56 -7.25
C GLU A 42 -16.58 -0.25 -5.94
N ASN A 43 -15.54 -0.93 -5.52
CA ASN A 43 -15.63 -1.78 -4.30
C ASN A 43 -14.75 -1.25 -3.16
N SER A 44 -14.27 -0.02 -3.27
CA SER A 44 -13.35 0.55 -2.22
C SER A 44 -12.19 -0.41 -1.91
N THR A 45 -11.57 -0.97 -2.92
CA THR A 45 -10.45 -1.94 -2.70
C THR A 45 -9.24 -1.59 -3.57
N VAL A 46 -8.06 -1.90 -3.10
CA VAL A 46 -6.83 -1.63 -3.90
C VAL A 46 -5.93 -2.87 -3.90
N ALA A 47 -5.32 -3.17 -5.03
CA ALA A 47 -4.41 -4.35 -5.10
C ALA A 47 -2.96 -3.89 -5.29
N LEU A 48 -2.06 -4.39 -4.48
CA LEU A 48 -0.63 -3.98 -4.58
C LEU A 48 0.24 -5.18 -4.95
N ALA A 49 1.20 -4.99 -5.82
CA ALA A 49 2.10 -6.11 -6.21
C ALA A 49 3.53 -5.82 -5.75
N LYS A 50 4.37 -6.84 -5.70
CA LYS A 50 5.78 -6.65 -5.21
C LYS A 50 5.79 -5.95 -3.85
N VAL A 51 5.16 -6.55 -2.87
CA VAL A 51 5.00 -5.86 -1.54
C VAL A 51 5.62 -6.72 -0.43
N ARG A 52 6.14 -6.09 0.59
CA ARG A 52 6.75 -6.84 1.73
C ARG A 52 6.31 -6.22 3.06
N SER A 53 6.21 -7.01 4.10
CA SER A 53 5.85 -6.47 5.44
C SER A 53 7.12 -6.25 6.27
N PHE A 54 7.26 -5.10 6.87
CA PHE A 54 8.54 -4.75 7.58
C PHE A 54 8.67 -5.55 8.88
N GLY A 55 7.58 -5.68 9.61
CA GLY A 55 7.64 -6.47 10.88
C GLY A 55 6.36 -6.22 11.70
N THR A 56 6.21 -6.94 12.78
CA THR A 56 5.06 -6.68 13.71
C THR A 56 5.57 -6.20 15.09
N GLU A 57 6.85 -5.96 15.23
CA GLU A 57 7.42 -5.60 16.57
C GLU A 57 6.87 -4.26 17.07
N ASP A 58 6.48 -3.39 16.17
CA ASP A 58 5.96 -2.04 16.58
C ASP A 58 4.71 -2.20 17.46
N ARG A 59 3.90 -3.18 17.16
CA ARG A 59 2.68 -3.44 18.00
C ARG A 59 2.45 -4.96 18.12
N PRO A 60 2.94 -5.54 19.19
CA PRO A 60 2.85 -7.02 19.36
C PRO A 60 1.38 -7.46 19.46
N THR A 61 1.06 -8.60 18.88
CA THR A 61 -0.36 -9.11 18.92
C THR A 61 -0.40 -10.49 19.57
N ASP A 62 -1.57 -10.93 19.95
CA ASP A 62 -1.70 -12.30 20.57
C ASP A 62 -1.64 -13.41 19.51
N ARG A 63 -1.54 -13.07 18.24
CA ARG A 63 -1.42 -14.11 17.18
C ARG A 63 -0.03 -14.03 16.52
N PRO A 64 0.59 -15.17 16.30
CA PRO A 64 1.95 -15.19 15.70
C PRO A 64 1.89 -14.75 14.24
N ILE A 65 2.88 -14.02 13.77
CA ILE A 65 2.90 -13.58 12.35
C ILE A 65 4.10 -14.24 11.63
N ALA A 66 3.94 -14.56 10.36
CA ALA A 66 5.03 -15.25 9.61
C ALA A 66 6.27 -14.35 9.52
N PRO A 67 7.43 -14.96 9.30
CA PRO A 67 8.70 -14.19 9.22
C PRO A 67 8.63 -13.14 8.09
N ARG A 68 9.54 -12.20 8.09
CA ARG A 68 9.54 -11.13 7.03
C ARG A 68 10.68 -11.35 6.04
N ASP A 69 11.04 -12.59 5.79
CA ASP A 69 12.14 -12.88 4.82
C ASP A 69 11.56 -13.40 3.51
N GLU A 70 10.38 -12.96 3.15
CA GLU A 70 9.75 -13.44 1.87
C GLU A 70 8.98 -12.29 1.21
N THR A 71 8.85 -12.33 -0.09
CA THR A 71 8.13 -11.25 -0.82
C THR A 71 6.81 -11.78 -1.38
N PHE A 72 5.77 -10.99 -1.34
CA PHE A 72 4.44 -11.43 -1.86
C PHE A 72 4.20 -10.82 -3.25
N GLU A 73 3.87 -11.63 -4.22
CA GLU A 73 3.66 -11.11 -5.61
C GLU A 73 2.41 -10.23 -5.68
N TYR A 74 1.34 -10.64 -5.04
CA TYR A 74 0.06 -9.86 -5.14
C TYR A 74 -0.77 -10.04 -3.86
N ILE A 75 -1.08 -8.96 -3.18
CA ILE A 75 -2.01 -9.05 -2.01
C ILE A 75 -3.10 -7.97 -2.14
N ILE A 76 -4.28 -8.25 -1.64
CA ILE A 76 -5.41 -7.28 -1.76
C ILE A 76 -5.74 -6.69 -0.38
N PHE A 77 -5.95 -5.40 -0.32
CA PHE A 77 -6.37 -4.78 0.98
C PHE A 77 -7.65 -3.96 0.77
N ARG A 78 -8.54 -3.97 1.73
CA ARG A 78 -9.81 -3.20 1.60
C ARG A 78 -9.78 -1.96 2.50
N GLY A 79 -10.50 -0.93 2.13
CA GLY A 79 -10.51 0.32 2.95
C GLY A 79 -10.96 0.04 4.39
N SER A 80 -11.73 -1.01 4.59
CA SER A 80 -12.24 -1.33 5.96
C SER A 80 -11.08 -1.71 6.89
N ASP A 81 -10.19 -2.56 6.42
CA ASP A 81 -9.06 -3.02 7.31
C ASP A 81 -7.93 -1.98 7.32
N ILE A 82 -7.75 -1.26 6.23
CA ILE A 82 -6.66 -0.23 6.18
C ILE A 82 -6.98 0.91 7.15
N LYS A 83 -5.99 1.39 7.87
CA LYS A 83 -6.22 2.50 8.84
C LYS A 83 -5.67 3.81 8.28
N ASP A 84 -4.52 3.76 7.65
CA ASP A 84 -3.89 5.01 7.11
C ASP A 84 -3.19 4.73 5.77
N LEU A 85 -3.26 5.67 4.85
CA LEU A 85 -2.59 5.50 3.52
C LEU A 85 -1.71 6.71 3.23
N THR A 86 -0.45 6.49 2.91
CA THR A 86 0.46 7.63 2.60
C THR A 86 1.24 7.35 1.30
N VAL A 87 1.42 8.35 0.47
CA VAL A 87 2.17 8.15 -0.81
C VAL A 87 3.60 8.70 -0.66
N CYS A 88 4.56 8.05 -1.27
CA CYS A 88 5.98 8.50 -1.13
C CYS A 88 6.37 9.42 -2.30
N GLU A 89 5.88 9.12 -3.48
CA GLU A 89 6.20 9.97 -4.67
C GLU A 89 4.94 10.71 -5.14
N PRO A 90 4.97 12.04 -5.08
CA PRO A 90 3.80 12.84 -5.54
C PRO A 90 3.73 12.83 -7.08
N PRO A 91 2.52 12.83 -7.62
CA PRO A 91 2.36 12.87 -9.10
C PRO A 91 2.76 14.24 -9.65
N LYS A 92 3.18 14.29 -10.89
CA LYS A 92 3.56 15.59 -11.50
C LYS A 92 2.41 16.15 -12.34
N PRO A 93 2.38 17.46 -12.52
CA PRO A 93 1.29 18.10 -13.30
C PRO A 93 1.42 17.72 -14.78
N ILE A 94 0.32 17.65 -15.49
CA ILE A 94 0.35 17.31 -16.94
C ILE A 94 -0.12 18.51 -17.77
N MET A 95 0.58 18.81 -18.84
CA MET A 95 0.19 19.97 -19.70
C MET A 95 0.08 19.53 -21.16
N LEU A 8 2.89 15.18 -25.64
CA LEU A 8 3.08 15.05 -24.17
C LEU A 8 3.70 16.33 -23.60
N GLU A 9 3.14 16.85 -22.54
CA GLU A 9 3.66 18.13 -21.95
C GLU A 9 3.90 17.96 -20.45
N ASP A 10 2.87 17.59 -19.71
CA ASP A 10 3.03 17.45 -18.22
C ASP A 10 3.44 16.02 -17.86
N PRO A 11 4.27 15.88 -16.83
CA PRO A 11 4.72 14.53 -16.40
C PRO A 11 3.53 13.69 -15.90
N SER A 12 2.57 14.31 -15.26
CA SER A 12 1.42 13.55 -14.69
C SER A 12 0.59 12.91 -15.81
N GLY A 13 0.42 13.61 -16.91
CA GLY A 13 -0.35 13.04 -18.05
C GLY A 13 0.48 11.94 -18.72
N GLY A 14 1.76 12.12 -18.82
CA GLY A 14 2.64 11.10 -19.47
C GLY A 14 2.73 9.86 -18.57
N THR A 15 2.81 10.06 -17.27
CA THR A 15 2.96 8.90 -16.34
C THR A 15 1.66 8.72 -15.52
N PRO A 16 1.07 7.53 -15.61
CA PRO A 16 -0.15 7.24 -14.81
C PRO A 16 0.21 7.09 -13.33
N TYR A 17 -0.69 7.44 -12.44
CA TYR A 17 -0.42 7.30 -10.96
C TYR A 17 -0.13 5.83 -10.61
N ILE A 18 -0.71 4.90 -11.35
CA ILE A 18 -0.42 3.46 -11.08
C ILE A 18 1.07 3.17 -11.35
N GLY A 19 1.68 2.39 -10.51
CA GLY A 19 3.16 2.16 -10.61
C GLY A 19 3.91 3.08 -9.61
N SER A 20 3.22 3.92 -8.88
CA SER A 20 3.90 4.75 -7.83
C SER A 20 4.07 3.94 -6.54
N LYS A 21 4.99 4.35 -5.70
CA LYS A 21 5.24 3.60 -4.42
C LYS A 21 4.29 4.09 -3.32
N ILE A 22 3.65 3.19 -2.61
CA ILE A 22 2.71 3.60 -1.52
C ILE A 22 2.99 2.77 -0.26
N SER A 23 2.78 3.36 0.89
CA SER A 23 2.92 2.60 2.17
C SER A 23 1.57 2.55 2.88
N LEU A 24 1.18 1.39 3.34
CA LEU A 24 -0.17 1.24 3.96
C LEU A 24 -0.05 0.66 5.38
N ILE A 25 -0.80 1.19 6.32
CA ILE A 25 -0.79 0.63 7.70
C ILE A 25 -2.11 -0.10 7.96
N SER A 26 -2.06 -1.36 8.28
CA SER A 26 -3.30 -2.19 8.36
C SER A 26 -3.87 -2.19 9.79
N LYS A 27 -5.02 -2.78 9.97
CA LYS A 27 -5.68 -2.78 11.32
C LYS A 27 -4.79 -3.46 12.37
N ALA A 28 -3.85 -4.27 11.96
CA ALA A 28 -2.98 -4.99 12.95
C ALA A 28 -1.72 -4.19 13.28
N GLU A 29 -1.70 -2.90 12.96
CA GLU A 29 -0.52 -2.02 13.29
C GLU A 29 0.76 -2.58 12.66
N ILE A 30 0.64 -3.26 11.55
CA ILE A 30 1.85 -3.69 10.79
C ILE A 30 2.00 -2.79 9.55
N ARG A 31 3.22 -2.52 9.15
CA ARG A 31 3.45 -1.61 7.99
C ARG A 31 3.83 -2.41 6.74
N TYR A 32 3.04 -2.31 5.69
CA TYR A 32 3.37 -2.99 4.40
C TYR A 32 3.73 -1.96 3.34
N GLU A 33 4.76 -2.19 2.58
CA GLU A 33 5.09 -1.28 1.44
C GLU A 33 5.01 -2.05 0.12
N GLY A 34 4.49 -1.44 -0.91
CA GLY A 34 4.37 -2.12 -2.22
C GLY A 34 4.07 -1.07 -3.30
N ILE A 35 3.91 -1.48 -4.54
CA ILE A 35 3.62 -0.50 -5.63
C ILE A 35 2.16 -0.65 -6.08
N LEU A 36 1.53 0.46 -6.40
CA LEU A 36 0.09 0.42 -6.82
C LEU A 36 -0.05 -0.34 -8.14
N TYR A 37 -0.61 -1.52 -8.11
CA TYR A 37 -0.72 -2.34 -9.36
C TYR A 37 -2.08 -2.08 -10.04
N THR A 38 -3.16 -2.20 -9.31
CA THR A 38 -4.51 -1.96 -9.92
C THR A 38 -5.43 -1.28 -8.91
N ILE A 39 -6.27 -0.39 -9.37
CA ILE A 39 -7.18 0.36 -8.44
C ILE A 39 -8.63 0.03 -8.77
N ASP A 40 -9.39 -0.42 -7.79
CA ASP A 40 -10.84 -0.70 -8.04
C ASP A 40 -11.70 0.29 -7.24
N THR A 41 -12.15 1.34 -7.89
CA THR A 41 -12.92 2.40 -7.17
C THR A 41 -14.31 1.88 -6.80
N GLU A 42 -14.91 1.08 -7.64
CA GLU A 42 -16.34 0.68 -7.43
C GLU A 42 -16.54 -0.02 -6.07
N ASN A 43 -15.52 -0.69 -5.60
CA ASN A 43 -15.66 -1.46 -4.31
C ASN A 43 -14.75 -0.89 -3.21
N SER A 44 -14.20 0.29 -3.40
CA SER A 44 -13.23 0.87 -2.41
C SER A 44 -12.13 -0.15 -2.05
N THR A 45 -11.52 -0.75 -3.05
CA THR A 45 -10.46 -1.77 -2.77
C THR A 45 -9.22 -1.51 -3.63
N VAL A 46 -8.06 -1.84 -3.12
CA VAL A 46 -6.79 -1.60 -3.88
C VAL A 46 -5.94 -2.87 -3.88
N ALA A 47 -5.33 -3.19 -4.99
CA ALA A 47 -4.44 -4.38 -5.06
C ALA A 47 -2.98 -3.94 -5.26
N LEU A 48 -2.09 -4.42 -4.44
CA LEU A 48 -0.66 -4.01 -4.54
C LEU A 48 0.22 -5.22 -4.89
N ALA A 49 1.16 -5.04 -5.78
CA ALA A 49 2.06 -6.17 -6.15
C ALA A 49 3.50 -5.85 -5.72
N LYS A 50 4.37 -6.84 -5.70
CA LYS A 50 5.78 -6.62 -5.24
C LYS A 50 5.81 -5.93 -3.87
N VAL A 51 5.17 -6.53 -2.89
CA VAL A 51 5.02 -5.86 -1.56
C VAL A 51 5.65 -6.72 -0.46
N ARG A 52 6.17 -6.09 0.57
CA ARG A 52 6.77 -6.85 1.70
C ARG A 52 6.41 -6.18 3.04
N SER A 53 6.36 -6.94 4.10
CA SER A 53 6.03 -6.37 5.43
C SER A 53 7.32 -6.10 6.22
N PHE A 54 7.46 -4.92 6.77
CA PHE A 54 8.75 -4.54 7.44
C PHE A 54 8.94 -5.33 8.74
N GLY A 55 7.88 -5.50 9.49
CA GLY A 55 7.98 -6.29 10.76
C GLY A 55 6.72 -6.10 11.60
N THR A 56 6.58 -6.86 12.65
CA THR A 56 5.40 -6.68 13.57
C THR A 56 5.88 -6.31 14.99
N GLU A 57 7.13 -6.57 15.31
CA GLU A 57 7.63 -6.30 16.70
C GLU A 57 7.58 -4.79 17.01
N ASP A 58 7.72 -3.96 16.01
CA ASP A 58 7.66 -2.48 16.24
C ASP A 58 6.31 -2.07 16.85
N ARG A 59 5.27 -2.77 16.48
CA ARG A 59 3.92 -2.50 17.08
C ARG A 59 3.33 -3.82 17.63
N PRO A 60 3.52 -4.06 18.92
CA PRO A 60 3.14 -5.37 19.51
C PRO A 60 1.67 -5.72 19.21
N THR A 61 1.42 -6.95 18.81
CA THR A 61 0.02 -7.39 18.49
C THR A 61 -0.31 -8.65 19.27
N ASP A 62 -1.58 -9.00 19.34
CA ASP A 62 -1.98 -10.26 20.07
C ASP A 62 -1.70 -11.50 19.21
N ARG A 63 -1.21 -11.35 18.00
CA ARG A 63 -0.85 -12.53 17.17
C ARG A 63 0.68 -12.56 16.94
N PRO A 64 1.36 -13.48 17.61
CA PRO A 64 2.85 -13.55 17.49
C PRO A 64 3.25 -13.96 16.06
N ILE A 65 4.18 -13.24 15.47
CA ILE A 65 4.66 -13.60 14.10
C ILE A 65 6.18 -13.80 14.12
N ALA A 66 6.68 -14.71 13.33
CA ALA A 66 8.15 -14.96 13.30
C ALA A 66 8.81 -14.13 12.18
N PRO A 67 10.09 -13.86 12.32
CA PRO A 67 10.83 -13.07 11.29
C PRO A 67 10.82 -13.81 9.94
N ARG A 68 10.73 -13.08 8.85
CA ARG A 68 10.73 -13.74 7.51
C ARG A 68 11.25 -12.76 6.45
N ASP A 69 11.80 -13.27 5.37
CA ASP A 69 12.32 -12.38 4.29
C ASP A 69 11.70 -12.76 2.94
N GLU A 70 10.47 -13.20 2.95
CA GLU A 70 9.80 -13.60 1.67
C GLU A 70 8.96 -12.45 1.12
N THR A 71 8.93 -12.30 -0.19
CA THR A 71 8.13 -11.20 -0.81
C THR A 71 6.82 -11.75 -1.37
N PHE A 72 5.77 -10.96 -1.32
CA PHE A 72 4.44 -11.42 -1.83
C PHE A 72 4.17 -10.82 -3.22
N GLU A 73 3.83 -11.65 -4.17
CA GLU A 73 3.60 -11.14 -5.56
C GLU A 73 2.34 -10.27 -5.62
N TYR A 74 1.29 -10.68 -4.94
CA TYR A 74 0.00 -9.90 -5.01
C TYR A 74 -0.80 -10.06 -3.71
N ILE A 75 -1.09 -8.97 -3.06
CA ILE A 75 -2.00 -9.02 -1.85
C ILE A 75 -3.08 -7.95 -1.99
N ILE A 76 -4.27 -8.23 -1.48
CA ILE A 76 -5.40 -7.26 -1.62
C ILE A 76 -5.74 -6.64 -0.26
N PHE A 77 -6.01 -5.36 -0.24
CA PHE A 77 -6.45 -4.69 1.02
C PHE A 77 -7.69 -3.84 0.76
N ARG A 78 -8.61 -3.80 1.70
CA ARG A 78 -9.86 -3.00 1.51
C ARG A 78 -9.85 -1.78 2.44
N GLY A 79 -10.53 -0.73 2.06
CA GLY A 79 -10.54 0.51 2.92
C GLY A 79 -11.07 0.20 4.33
N SER A 80 -11.87 -0.84 4.46
CA SER A 80 -12.46 -1.17 5.80
C SER A 80 -11.37 -1.63 6.77
N ASP A 81 -10.44 -2.42 6.31
CA ASP A 81 -9.39 -2.98 7.23
C ASP A 81 -8.19 -2.02 7.33
N ILE A 82 -7.91 -1.29 6.27
CA ILE A 82 -6.74 -0.35 6.29
C ILE A 82 -6.98 0.76 7.33
N LYS A 83 -5.95 1.17 8.02
CA LYS A 83 -6.10 2.25 9.05
C LYS A 83 -5.63 3.59 8.47
N ASP A 84 -4.52 3.59 7.78
CA ASP A 84 -3.99 4.88 7.22
C ASP A 84 -3.26 4.62 5.90
N LEU A 85 -3.31 5.57 4.98
CA LEU A 85 -2.63 5.41 3.67
C LEU A 85 -1.76 6.63 3.36
N THR A 86 -0.51 6.42 3.01
CA THR A 86 0.39 7.56 2.66
C THR A 86 1.11 7.29 1.34
N VAL A 87 1.24 8.30 0.51
CA VAL A 87 1.92 8.11 -0.81
C VAL A 87 3.34 8.70 -0.76
N CYS A 88 4.28 8.06 -1.42
CA CYS A 88 5.69 8.55 -1.37
C CYS A 88 5.95 9.54 -2.52
N GLU A 89 5.36 9.30 -3.67
CA GLU A 89 5.52 10.25 -4.80
C GLU A 89 4.44 11.36 -4.72
N PRO A 90 4.88 12.60 -4.56
CA PRO A 90 3.90 13.72 -4.44
C PRO A 90 3.24 14.00 -5.81
N PRO A 91 2.03 14.52 -5.78
CA PRO A 91 1.33 14.89 -7.04
C PRO A 91 2.08 16.00 -7.77
N LYS A 92 1.89 16.10 -9.06
CA LYS A 92 2.57 17.18 -9.84
C LYS A 92 1.65 18.41 -9.96
N PRO A 93 2.21 19.60 -9.83
CA PRO A 93 1.38 20.84 -9.92
C PRO A 93 0.84 21.02 -11.34
N ILE A 94 -0.43 21.33 -11.47
CA ILE A 94 -1.03 21.52 -12.83
C ILE A 94 -1.77 22.86 -12.90
N MET A 95 -1.65 23.56 -14.01
CA MET A 95 -2.33 24.88 -14.16
C MET A 95 -3.21 24.88 -15.41
N LEU A 8 7.13 17.46 -18.83
CA LEU A 8 8.49 17.00 -18.40
C LEU A 8 8.91 17.70 -17.11
N GLU A 9 8.54 18.95 -16.96
CA GLU A 9 8.94 19.71 -15.72
C GLU A 9 8.26 19.11 -14.49
N ASP A 10 7.06 18.60 -14.63
CA ASP A 10 6.33 18.00 -13.48
C ASP A 10 6.47 16.47 -13.50
N PRO A 11 7.06 15.91 -12.45
CA PRO A 11 7.20 14.42 -12.37
C PRO A 11 5.82 13.76 -12.28
N SER A 12 4.88 14.40 -11.63
CA SER A 12 3.52 13.78 -11.46
C SER A 12 2.81 13.67 -12.81
N GLY A 13 2.97 14.67 -13.66
CA GLY A 13 2.32 14.64 -15.00
C GLY A 13 3.08 13.69 -15.92
N GLY A 14 4.38 13.65 -15.80
CA GLY A 14 5.20 12.77 -16.68
C GLY A 14 4.94 11.29 -16.34
N THR A 15 4.74 11.00 -15.07
CA THR A 15 4.53 9.58 -14.65
C THR A 15 3.06 9.34 -14.27
N PRO A 16 2.53 8.18 -14.61
CA PRO A 16 1.13 7.84 -14.25
C PRO A 16 1.03 7.54 -12.75
N TYR A 17 -0.10 7.82 -12.15
CA TYR A 17 -0.29 7.54 -10.68
C TYR A 17 -0.09 6.04 -10.40
N ILE A 18 -0.66 5.19 -11.22
CA ILE A 18 -0.46 3.72 -11.04
C ILE A 18 1.01 3.37 -11.32
N GLY A 19 1.58 2.53 -10.50
CA GLY A 19 3.06 2.26 -10.59
C GLY A 19 3.84 3.12 -9.57
N SER A 20 3.17 3.98 -8.83
CA SER A 20 3.88 4.79 -7.79
C SER A 20 4.06 3.97 -6.51
N LYS A 21 4.99 4.37 -5.67
CA LYS A 21 5.25 3.62 -4.40
C LYS A 21 4.30 4.10 -3.30
N ILE A 22 3.69 3.18 -2.58
CA ILE A 22 2.74 3.58 -1.49
C ILE A 22 3.03 2.76 -0.22
N SER A 23 2.83 3.36 0.92
CA SER A 23 2.98 2.60 2.20
C SER A 23 1.63 2.53 2.92
N LEU A 24 1.25 1.38 3.40
CA LEU A 24 -0.10 1.20 4.01
C LEU A 24 0.02 0.63 5.42
N ILE A 25 -0.75 1.16 6.34
CA ILE A 25 -0.77 0.60 7.73
C ILE A 25 -2.10 -0.12 7.97
N SER A 26 -2.05 -1.39 8.29
CA SER A 26 -3.30 -2.21 8.33
C SER A 26 -3.89 -2.24 9.75
N LYS A 27 -5.03 -2.85 9.91
CA LYS A 27 -5.72 -2.89 11.24
C LYS A 27 -4.83 -3.54 12.31
N ALA A 28 -3.87 -4.33 11.92
CA ALA A 28 -3.00 -5.04 12.91
C ALA A 28 -1.76 -4.20 13.27
N GLU A 29 -1.76 -2.92 12.94
CA GLU A 29 -0.61 -2.02 13.30
C GLU A 29 0.70 -2.55 12.71
N ILE A 30 0.62 -3.24 11.60
CA ILE A 30 1.87 -3.65 10.87
C ILE A 30 2.03 -2.76 9.62
N ARG A 31 3.25 -2.51 9.22
CA ARG A 31 3.48 -1.61 8.05
C ARG A 31 3.90 -2.41 6.81
N TYR A 32 3.14 -2.29 5.75
CA TYR A 32 3.51 -2.97 4.48
C TYR A 32 3.88 -1.94 3.42
N GLU A 33 4.86 -2.22 2.60
CA GLU A 33 5.17 -1.31 1.44
C GLU A 33 5.05 -2.08 0.13
N GLY A 34 4.51 -1.46 -0.88
CA GLY A 34 4.36 -2.14 -2.20
C GLY A 34 4.10 -1.09 -3.27
N ILE A 35 3.92 -1.49 -4.51
CA ILE A 35 3.64 -0.50 -5.59
C ILE A 35 2.19 -0.62 -6.05
N LEU A 36 1.55 0.48 -6.36
CA LEU A 36 0.11 0.44 -6.79
C LEU A 36 -0.02 -0.30 -8.13
N TYR A 37 -0.59 -1.48 -8.10
CA TYR A 37 -0.70 -2.27 -9.36
C TYR A 37 -2.05 -1.99 -10.04
N THR A 38 -3.13 -2.11 -9.31
CA THR A 38 -4.47 -1.85 -9.93
C THR A 38 -5.40 -1.20 -8.91
N ILE A 39 -6.22 -0.27 -9.36
CA ILE A 39 -7.14 0.46 -8.42
C ILE A 39 -8.60 0.10 -8.76
N ASP A 40 -9.35 -0.36 -7.79
CA ASP A 40 -10.80 -0.68 -8.02
C ASP A 40 -11.67 0.31 -7.24
N THR A 41 -12.14 1.35 -7.90
CA THR A 41 -12.94 2.39 -7.18
C THR A 41 -14.32 1.86 -6.80
N GLU A 42 -14.90 1.03 -7.65
CA GLU A 42 -16.33 0.62 -7.45
C GLU A 42 -16.53 -0.08 -6.09
N ASN A 43 -15.50 -0.72 -5.59
CA ASN A 43 -15.64 -1.49 -4.31
C ASN A 43 -14.72 -0.91 -3.21
N SER A 44 -14.19 0.28 -3.41
CA SER A 44 -13.22 0.87 -2.42
C SER A 44 -12.11 -0.13 -2.06
N THR A 45 -11.49 -0.73 -3.05
CA THR A 45 -10.43 -1.75 -2.77
C THR A 45 -9.18 -1.47 -3.63
N VAL A 46 -8.02 -1.79 -3.12
CA VAL A 46 -6.76 -1.55 -3.89
C VAL A 46 -5.90 -2.81 -3.89
N ALA A 47 -5.31 -3.13 -5.02
CA ALA A 47 -4.41 -4.33 -5.09
C ALA A 47 -2.96 -3.89 -5.27
N LEU A 48 -2.07 -4.38 -4.45
CA LEU A 48 -0.64 -3.98 -4.54
C LEU A 48 0.22 -5.19 -4.90
N ALA A 49 1.16 -5.02 -5.80
CA ALA A 49 2.06 -6.15 -6.17
C ALA A 49 3.50 -5.84 -5.73
N LYS A 50 4.35 -6.84 -5.68
CA LYS A 50 5.76 -6.64 -5.21
C LYS A 50 5.78 -5.94 -3.83
N VAL A 51 5.17 -6.55 -2.85
CA VAL A 51 5.00 -5.88 -1.52
C VAL A 51 5.62 -6.74 -0.41
N ARG A 52 6.14 -6.12 0.61
CA ARG A 52 6.74 -6.88 1.75
C ARG A 52 6.37 -6.24 3.09
N SER A 53 6.28 -7.02 4.13
CA SER A 53 5.99 -6.46 5.48
C SER A 53 7.29 -6.28 6.26
N PHE A 54 7.52 -5.12 6.83
CA PHE A 54 8.85 -4.83 7.45
C PHE A 54 9.00 -5.57 8.78
N GLY A 55 7.95 -5.63 9.57
CA GLY A 55 8.03 -6.37 10.87
C GLY A 55 6.81 -6.02 11.73
N THR A 56 6.80 -6.49 12.95
CA THR A 56 5.74 -6.07 13.92
C THR A 56 6.35 -5.35 15.13
N GLU A 57 7.65 -5.10 15.11
CA GLU A 57 8.33 -4.48 16.31
C GLU A 57 7.83 -3.05 16.54
N ASP A 58 7.50 -2.34 15.47
CA ASP A 58 7.06 -0.91 15.63
C ASP A 58 5.79 -0.83 16.49
N ARG A 59 4.94 -1.82 16.39
CA ARG A 59 3.69 -1.84 17.22
C ARG A 59 3.43 -3.25 17.75
N PRO A 60 3.88 -3.53 18.97
CA PRO A 60 3.74 -4.89 19.54
C PRO A 60 2.26 -5.33 19.57
N THR A 61 2.01 -6.61 19.43
CA THR A 61 0.60 -7.12 19.43
C THR A 61 0.45 -8.26 20.43
N ASP A 62 -0.76 -8.61 20.77
CA ASP A 62 -0.99 -9.73 21.74
C ASP A 62 -0.81 -11.10 21.05
N ARG A 63 -0.52 -11.14 19.77
CA ARG A 63 -0.28 -12.45 19.09
C ARG A 63 1.19 -12.54 18.64
N PRO A 64 1.82 -13.68 18.92
CA PRO A 64 3.26 -13.83 18.56
C PRO A 64 3.43 -13.91 17.05
N ILE A 65 4.36 -13.16 16.51
CA ILE A 65 4.64 -13.22 15.04
C ILE A 65 6.11 -13.58 14.80
N ALA A 66 6.36 -14.46 13.87
CA ALA A 66 7.77 -14.88 13.59
C ALA A 66 8.36 -14.04 12.44
N PRO A 67 9.67 -13.85 12.47
CA PRO A 67 10.34 -13.04 11.41
C PRO A 67 10.30 -13.80 10.07
N ARG A 68 10.23 -13.08 8.98
CA ARG A 68 10.22 -13.74 7.64
C ARG A 68 10.80 -12.80 6.58
N ASP A 69 11.47 -13.35 5.59
CA ASP A 69 12.08 -12.50 4.52
C ASP A 69 11.51 -12.89 3.15
N GLU A 70 10.26 -13.29 3.10
CA GLU A 70 9.63 -13.69 1.81
C GLU A 70 8.85 -12.52 1.22
N THR A 71 8.83 -12.40 -0.09
CA THR A 71 8.08 -11.28 -0.75
C THR A 71 6.76 -11.80 -1.32
N PHE A 72 5.73 -10.99 -1.28
CA PHE A 72 4.40 -11.43 -1.80
C PHE A 72 4.15 -10.83 -3.18
N GLU A 73 3.81 -11.65 -4.14
CA GLU A 73 3.59 -11.15 -5.53
C GLU A 73 2.34 -10.26 -5.59
N TYR A 74 1.27 -10.66 -4.94
CA TYR A 74 0.00 -9.89 -5.02
C TYR A 74 -0.81 -10.04 -3.74
N ILE A 75 -1.11 -8.94 -3.07
CA ILE A 75 -2.02 -8.99 -1.89
C ILE A 75 -3.11 -7.91 -2.02
N ILE A 76 -4.29 -8.18 -1.53
CA ILE A 76 -5.41 -7.20 -1.67
C ILE A 76 -5.74 -6.58 -0.29
N PHE A 77 -5.99 -5.30 -0.26
CA PHE A 77 -6.42 -4.63 1.01
C PHE A 77 -7.67 -3.79 0.76
N ARG A 78 -8.58 -3.79 1.69
CA ARG A 78 -9.84 -2.99 1.51
C ARG A 78 -9.83 -1.77 2.44
N GLY A 79 -10.50 -0.71 2.07
CA GLY A 79 -10.52 0.53 2.91
C GLY A 79 -11.02 0.22 4.33
N SER A 80 -11.81 -0.82 4.48
CA SER A 80 -12.37 -1.15 5.84
C SER A 80 -11.26 -1.60 6.79
N ASP A 81 -10.38 -2.46 6.34
CA ASP A 81 -9.32 -3.01 7.24
C ASP A 81 -8.14 -2.03 7.35
N ILE A 82 -7.86 -1.30 6.28
CA ILE A 82 -6.71 -0.35 6.31
C ILE A 82 -6.98 0.78 7.32
N LYS A 83 -5.97 1.20 8.04
CA LYS A 83 -6.15 2.29 9.04
C LYS A 83 -5.64 3.61 8.48
N ASP A 84 -4.52 3.59 7.81
CA ASP A 84 -3.94 4.85 7.25
C ASP A 84 -3.22 4.59 5.92
N LEU A 85 -3.30 5.52 5.00
CA LEU A 85 -2.63 5.35 3.67
C LEU A 85 -1.77 6.57 3.35
N THR A 86 -0.52 6.36 3.01
CA THR A 86 0.36 7.51 2.64
C THR A 86 1.06 7.23 1.31
N VAL A 87 1.12 8.21 0.43
CA VAL A 87 1.74 8.00 -0.92
C VAL A 87 3.09 8.72 -0.99
N CYS A 88 4.06 8.15 -1.67
CA CYS A 88 5.39 8.82 -1.80
C CYS A 88 5.39 9.79 -2.98
N GLU A 89 4.72 9.44 -4.04
CA GLU A 89 4.61 10.38 -5.21
C GLU A 89 3.45 11.37 -4.97
N PRO A 90 3.57 12.55 -5.55
CA PRO A 90 2.54 13.61 -5.33
C PRO A 90 1.21 13.20 -5.98
N PRO A 91 0.11 13.73 -5.47
CA PRO A 91 -1.23 13.43 -6.06
C PRO A 91 -1.31 13.96 -7.50
N LYS A 92 -2.18 13.39 -8.29
CA LYS A 92 -2.33 13.86 -9.71
C LYS A 92 -3.21 15.12 -9.76
N PRO A 93 -2.97 15.98 -10.74
CA PRO A 93 -3.77 17.23 -10.88
C PRO A 93 -5.26 16.89 -11.11
N ILE A 94 -6.14 17.78 -10.73
CA ILE A 94 -7.61 17.53 -10.92
C ILE A 94 -8.19 18.48 -11.98
N MET A 95 -7.58 19.63 -12.16
CA MET A 95 -8.07 20.59 -13.21
C MET A 95 -7.27 20.41 -14.50
N LEU A 8 5.49 23.84 -17.95
CA LEU A 8 4.25 24.08 -17.13
C LEU A 8 3.84 22.80 -16.41
N GLU A 9 4.01 21.67 -17.05
CA GLU A 9 3.60 20.37 -16.43
C GLU A 9 4.82 19.68 -15.82
N ASP A 10 4.63 18.99 -14.72
CA ASP A 10 5.77 18.26 -14.08
C ASP A 10 5.84 16.81 -14.59
N PRO A 11 7.04 16.26 -14.63
CA PRO A 11 7.21 14.86 -15.15
C PRO A 11 6.51 13.86 -14.22
N SER A 12 6.55 14.10 -12.93
CA SER A 12 5.88 13.17 -11.97
C SER A 12 4.35 13.27 -12.10
N GLY A 13 3.86 14.46 -12.36
CA GLY A 13 2.39 14.65 -12.51
C GLY A 13 1.93 14.05 -13.85
N GLY A 14 2.75 14.14 -14.87
CA GLY A 14 2.38 13.58 -16.20
C GLY A 14 2.28 12.05 -16.12
N THR A 15 3.09 11.43 -15.31
CA THR A 15 3.06 9.94 -15.20
C THR A 15 1.74 9.49 -14.52
N PRO A 16 1.25 8.32 -14.93
CA PRO A 16 -0.01 7.79 -14.31
C PRO A 16 0.20 7.50 -12.82
N TYR A 17 -0.83 7.64 -12.03
CA TYR A 17 -0.72 7.35 -10.56
C TYR A 17 -0.36 5.88 -10.34
N ILE A 18 -0.89 5.00 -11.15
CA ILE A 18 -0.53 3.54 -11.02
C ILE A 18 0.96 3.35 -11.32
N GLY A 19 1.62 2.53 -10.54
CA GLY A 19 3.11 2.39 -10.67
C GLY A 19 3.83 3.28 -9.64
N SER A 20 3.11 4.05 -8.85
CA SER A 20 3.78 4.87 -7.79
C SER A 20 3.97 4.05 -6.51
N LYS A 21 4.87 4.47 -5.65
CA LYS A 21 5.14 3.71 -4.38
C LYS A 21 4.16 4.15 -3.28
N ILE A 22 3.54 3.21 -2.61
CA ILE A 22 2.58 3.58 -1.52
C ILE A 22 2.87 2.74 -0.27
N SER A 23 2.69 3.32 0.89
CA SER A 23 2.84 2.55 2.16
C SER A 23 1.50 2.50 2.88
N LEU A 24 1.06 1.32 3.25
CA LEU A 24 -0.28 1.17 3.88
C LEU A 24 -0.15 0.65 5.31
N ILE A 25 -0.85 1.25 6.24
CA ILE A 25 -0.80 0.77 7.66
C ILE A 25 -2.13 0.08 7.99
N SER A 26 -2.07 -1.18 8.33
CA SER A 26 -3.33 -1.98 8.51
C SER A 26 -3.83 -1.89 9.96
N LYS A 27 -5.00 -2.41 10.23
CA LYS A 27 -5.58 -2.34 11.61
C LYS A 27 -4.68 -3.07 12.64
N ALA A 28 -3.79 -3.92 12.18
CA ALA A 28 -2.90 -4.65 13.14
C ALA A 28 -1.60 -3.88 13.40
N GLU A 29 -1.55 -2.61 13.07
CA GLU A 29 -0.32 -1.77 13.31
C GLU A 29 0.90 -2.41 12.63
N ILE A 30 0.68 -3.10 11.54
CA ILE A 30 1.83 -3.61 10.72
C ILE A 30 1.97 -2.74 9.47
N ARG A 31 3.17 -2.49 9.03
CA ARG A 31 3.39 -1.61 7.85
C ARG A 31 3.71 -2.44 6.61
N TYR A 32 2.88 -2.35 5.59
CA TYR A 32 3.17 -3.06 4.31
C TYR A 32 3.53 -2.03 3.23
N GLU A 33 4.61 -2.25 2.52
CA GLU A 33 4.96 -1.32 1.39
C GLU A 33 4.92 -2.08 0.07
N GLY A 34 4.42 -1.45 -0.97
CA GLY A 34 4.34 -2.12 -2.29
C GLY A 34 4.04 -1.07 -3.36
N ILE A 35 3.91 -1.47 -4.60
CA ILE A 35 3.62 -0.48 -5.69
C ILE A 35 2.18 -0.63 -6.16
N LEU A 36 1.51 0.48 -6.41
CA LEU A 36 0.07 0.42 -6.83
C LEU A 36 -0.07 -0.31 -8.17
N TYR A 37 -0.61 -1.50 -8.15
CA TYR A 37 -0.74 -2.29 -9.41
C TYR A 37 -2.08 -2.01 -10.09
N THR A 38 -3.16 -2.14 -9.35
CA THR A 38 -4.51 -1.90 -9.96
C THR A 38 -5.44 -1.24 -8.93
N ILE A 39 -6.28 -0.34 -9.38
CA ILE A 39 -7.20 0.37 -8.44
C ILE A 39 -8.66 0.01 -8.76
N ASP A 40 -9.40 -0.45 -7.78
CA ASP A 40 -10.84 -0.77 -8.01
C ASP A 40 -11.72 0.21 -7.22
N THR A 41 -12.18 1.25 -7.87
CA THR A 41 -12.98 2.29 -7.15
C THR A 41 -14.37 1.74 -6.79
N GLU A 42 -14.94 0.95 -7.65
CA GLU A 42 -16.37 0.52 -7.46
C GLU A 42 -16.55 -0.23 -6.12
N ASN A 43 -15.51 -0.89 -5.65
CA ASN A 43 -15.65 -1.68 -4.39
C ASN A 43 -14.74 -1.12 -3.28
N SER A 44 -14.21 0.08 -3.44
CA SER A 44 -13.28 0.67 -2.43
C SER A 44 -12.15 -0.31 -2.05
N THR A 45 -11.51 -0.90 -3.04
CA THR A 45 -10.42 -1.88 -2.76
C THR A 45 -9.20 -1.58 -3.61
N VAL A 46 -8.02 -1.88 -3.12
CA VAL A 46 -6.77 -1.61 -3.89
C VAL A 46 -5.90 -2.87 -3.91
N ALA A 47 -5.30 -3.18 -5.04
CA ALA A 47 -4.40 -4.37 -5.12
C ALA A 47 -2.95 -3.92 -5.31
N LEU A 48 -2.06 -4.40 -4.49
CA LEU A 48 -0.62 -3.99 -4.59
C LEU A 48 0.24 -5.20 -4.95
N ALA A 49 1.19 -5.03 -5.84
CA ALA A 49 2.09 -6.15 -6.21
C ALA A 49 3.52 -5.84 -5.76
N LYS A 50 4.38 -6.85 -5.71
CA LYS A 50 5.78 -6.65 -5.22
C LYS A 50 5.79 -5.96 -3.85
N VAL A 51 5.09 -6.54 -2.89
CA VAL A 51 4.94 -5.87 -1.56
C VAL A 51 5.60 -6.70 -0.46
N ARG A 52 6.14 -6.06 0.54
CA ARG A 52 6.79 -6.80 1.67
C ARG A 52 6.36 -6.19 3.00
N SER A 53 6.31 -7.00 4.04
CA SER A 53 5.92 -6.47 5.39
C SER A 53 7.17 -6.21 6.23
N PHE A 54 7.23 -5.05 6.86
CA PHE A 54 8.47 -4.68 7.63
C PHE A 54 8.58 -5.52 8.91
N GLY A 55 7.48 -5.75 9.58
CA GLY A 55 7.51 -6.56 10.83
C GLY A 55 6.18 -6.42 11.57
N THR A 56 5.99 -7.21 12.60
CA THR A 56 4.72 -7.13 13.41
C THR A 56 5.02 -6.72 14.87
N GLU A 57 6.26 -6.39 15.19
CA GLU A 57 6.63 -6.10 16.61
C GLU A 57 5.77 -4.97 17.20
N ASP A 58 5.21 -4.12 16.36
CA ASP A 58 4.36 -2.99 16.88
C ASP A 58 3.14 -3.54 17.63
N ARG A 59 2.61 -4.66 17.17
CA ARG A 59 1.44 -5.28 17.86
C ARG A 59 1.55 -6.82 17.79
N PRO A 60 2.11 -7.42 18.83
CA PRO A 60 2.29 -8.91 18.84
C PRO A 60 0.95 -9.62 18.64
N THR A 61 0.95 -10.68 17.86
CA THR A 61 -0.33 -11.42 17.59
C THR A 61 -0.18 -12.88 18.01
N ASP A 62 -1.29 -13.59 18.11
CA ASP A 62 -1.22 -15.05 18.50
C ASP A 62 -0.80 -15.92 17.30
N ARG A 63 -0.59 -15.34 16.14
CA ARG A 63 -0.10 -16.13 14.97
C ARG A 63 1.35 -15.74 14.65
N PRO A 64 2.29 -16.60 14.97
CA PRO A 64 3.74 -16.28 14.74
C PRO A 64 4.01 -16.00 13.25
N ILE A 65 4.71 -14.93 12.97
CA ILE A 65 5.05 -14.61 11.55
C ILE A 65 6.55 -14.81 11.31
N ALA A 66 6.91 -15.38 10.19
CA ALA A 66 8.34 -15.63 9.88
C ALA A 66 9.07 -14.30 9.64
N PRO A 67 10.39 -14.32 9.81
CA PRO A 67 11.19 -13.08 9.60
C PRO A 67 11.18 -12.68 8.12
N ARG A 68 11.51 -11.45 7.82
CA ARG A 68 11.50 -10.98 6.40
C ARG A 68 12.53 -11.72 5.54
N ASP A 69 12.11 -12.29 4.43
CA ASP A 69 13.05 -13.03 3.54
C ASP A 69 12.47 -13.03 2.12
N GLU A 70 11.23 -13.45 1.98
CA GLU A 70 10.59 -13.46 0.63
C GLU A 70 9.53 -12.36 0.46
N THR A 71 9.17 -12.07 -0.77
CA THR A 71 8.16 -10.99 -1.02
C THR A 71 6.86 -11.61 -1.56
N PHE A 72 5.76 -10.91 -1.45
CA PHE A 72 4.46 -11.43 -1.96
C PHE A 72 4.16 -10.82 -3.33
N GLU A 73 3.85 -11.63 -4.31
CA GLU A 73 3.61 -11.11 -5.69
C GLU A 73 2.35 -10.25 -5.74
N TYR A 74 1.30 -10.67 -5.07
CA TYR A 74 0.01 -9.91 -5.14
C TYR A 74 -0.79 -10.08 -3.85
N ILE A 75 -1.09 -9.00 -3.18
CA ILE A 75 -2.01 -9.07 -1.99
C ILE A 75 -3.08 -7.98 -2.10
N ILE A 76 -4.26 -8.24 -1.60
CA ILE A 76 -5.38 -7.25 -1.71
C ILE A 76 -5.71 -6.66 -0.34
N PHE A 77 -5.94 -5.38 -0.28
CA PHE A 77 -6.39 -4.74 1.00
C PHE A 77 -7.64 -3.90 0.76
N ARG A 78 -8.55 -3.89 1.70
CA ARG A 78 -9.82 -3.11 1.52
C ARG A 78 -9.83 -1.89 2.44
N GLY A 79 -10.52 -0.84 2.06
CA GLY A 79 -10.56 0.40 2.90
C GLY A 79 -11.07 0.09 4.31
N SER A 80 -11.85 -0.95 4.47
CA SER A 80 -12.42 -1.26 5.82
C SER A 80 -11.32 -1.69 6.79
N ASP A 81 -10.40 -2.52 6.35
CA ASP A 81 -9.33 -3.03 7.27
C ASP A 81 -8.18 -2.02 7.36
N ILE A 82 -7.92 -1.30 6.30
CA ILE A 82 -6.79 -0.31 6.31
C ILE A 82 -7.09 0.81 7.32
N LYS A 83 -6.07 1.29 8.00
CA LYS A 83 -6.28 2.39 8.99
C LYS A 83 -5.77 3.72 8.43
N ASP A 84 -4.59 3.71 7.83
CA ASP A 84 -4.03 4.99 7.29
C ASP A 84 -3.26 4.72 5.99
N LEU A 85 -3.24 5.67 5.09
CA LEU A 85 -2.51 5.49 3.79
C LEU A 85 -1.59 6.69 3.54
N THR A 86 -0.34 6.45 3.21
CA THR A 86 0.60 7.56 2.91
C THR A 86 1.29 7.34 1.56
N VAL A 87 1.53 8.38 0.81
CA VAL A 87 2.17 8.23 -0.54
C VAL A 87 3.66 8.54 -0.44
N CYS A 88 4.48 7.83 -1.19
CA CYS A 88 5.95 8.05 -1.14
C CYS A 88 6.36 9.15 -2.11
N GLU A 89 5.72 9.22 -3.25
CA GLU A 89 6.02 10.32 -4.23
C GLU A 89 5.22 11.58 -3.86
N PRO A 90 5.81 12.74 -4.10
CA PRO A 90 5.17 14.01 -3.68
C PRO A 90 3.88 14.27 -4.50
N PRO A 91 2.91 14.89 -3.87
CA PRO A 91 1.65 15.23 -4.59
C PRO A 91 1.89 16.38 -5.57
N LYS A 92 1.06 16.49 -6.57
CA LYS A 92 1.22 17.60 -7.57
C LYS A 92 0.56 18.88 -7.05
N PRO A 93 1.04 20.02 -7.51
CA PRO A 93 0.49 21.33 -7.05
C PRO A 93 -0.95 21.50 -7.54
N ILE A 94 -1.82 22.01 -6.69
CA ILE A 94 -3.25 22.22 -7.10
C ILE A 94 -3.60 23.71 -6.99
N MET A 95 -4.23 24.25 -7.99
CA MET A 95 -4.61 25.70 -7.95
C MET A 95 -6.12 25.85 -7.79
N LEU A 8 -5.97 17.47 -17.57
CA LEU A 8 -4.82 18.40 -17.34
C LEU A 8 -5.24 19.53 -16.39
N GLU A 9 -6.13 19.25 -15.47
CA GLU A 9 -6.56 20.31 -14.51
C GLU A 9 -5.88 20.09 -13.15
N ASP A 10 -5.99 18.91 -12.60
CA ASP A 10 -5.36 18.62 -11.28
C ASP A 10 -4.01 17.91 -11.49
N PRO A 11 -3.07 18.13 -10.57
CA PRO A 11 -1.73 17.50 -10.70
C PRO A 11 -1.83 15.97 -10.59
N SER A 12 -2.76 15.49 -9.80
CA SER A 12 -2.94 14.01 -9.66
C SER A 12 -3.48 13.41 -10.96
N GLY A 13 -4.31 14.15 -11.67
CA GLY A 13 -4.87 13.65 -12.96
C GLY A 13 -3.77 13.58 -14.02
N GLY A 14 -2.84 14.50 -13.98
CA GLY A 14 -1.74 14.52 -15.00
C GLY A 14 -0.83 13.31 -14.80
N THR A 15 -0.50 12.99 -13.57
CA THR A 15 0.38 11.81 -13.30
C THR A 15 -0.46 10.64 -12.76
N PRO A 16 -0.38 9.50 -13.42
CA PRO A 16 -1.18 8.32 -12.98
C PRO A 16 -0.68 7.81 -11.62
N TYR A 17 -1.59 7.54 -10.71
CA TYR A 17 -1.19 7.02 -9.37
C TYR A 17 -0.63 5.60 -9.50
N ILE A 18 -1.13 4.84 -10.44
CA ILE A 18 -0.62 3.44 -10.63
C ILE A 18 0.86 3.47 -11.04
N GLY A 19 1.67 2.62 -10.47
CA GLY A 19 3.13 2.64 -10.74
C GLY A 19 3.88 3.47 -9.68
N SER A 20 3.17 4.07 -8.74
CA SER A 20 3.87 4.87 -7.68
C SER A 20 4.08 4.02 -6.42
N LYS A 21 5.08 4.36 -5.64
CA LYS A 21 5.35 3.61 -4.37
C LYS A 21 4.42 4.10 -3.26
N ILE A 22 3.74 3.20 -2.59
CA ILE A 22 2.78 3.63 -1.51
C ILE A 22 3.02 2.78 -0.26
N SER A 23 2.82 3.38 0.90
CA SER A 23 2.93 2.61 2.18
C SER A 23 1.56 2.58 2.87
N LEU A 24 1.13 1.42 3.28
CA LEU A 24 -0.24 1.27 3.87
C LEU A 24 -0.15 0.76 5.30
N ILE A 25 -0.89 1.37 6.20
CA ILE A 25 -0.89 0.90 7.62
C ILE A 25 -2.23 0.21 7.92
N SER A 26 -2.18 -1.05 8.31
CA SER A 26 -3.45 -1.84 8.46
C SER A 26 -3.95 -1.78 9.91
N LYS A 27 -5.15 -2.27 10.14
CA LYS A 27 -5.76 -2.22 11.51
C LYS A 27 -4.89 -2.98 12.54
N ALA A 28 -4.02 -3.84 12.08
CA ALA A 28 -3.17 -4.64 13.04
C ALA A 28 -1.86 -3.90 13.35
N GLU A 29 -1.77 -2.61 13.07
CA GLU A 29 -0.54 -1.82 13.39
C GLU A 29 0.70 -2.42 12.73
N ILE A 30 0.52 -3.09 11.61
CA ILE A 30 1.68 -3.58 10.81
C ILE A 30 1.82 -2.69 9.57
N ARG A 31 3.04 -2.44 9.14
CA ARG A 31 3.25 -1.54 7.97
C ARG A 31 3.63 -2.36 6.73
N TYR A 32 2.87 -2.25 5.67
CA TYR A 32 3.19 -2.96 4.40
C TYR A 32 3.60 -1.94 3.34
N GLU A 33 4.63 -2.23 2.58
CA GLU A 33 5.01 -1.32 1.45
C GLU A 33 4.97 -2.10 0.13
N GLY A 34 4.49 -1.47 -0.92
CA GLY A 34 4.41 -2.16 -2.24
C GLY A 34 4.15 -1.12 -3.33
N ILE A 35 4.02 -1.55 -4.56
CA ILE A 35 3.78 -0.57 -5.67
C ILE A 35 2.33 -0.73 -6.17
N LEU A 36 1.64 0.38 -6.33
CA LEU A 36 0.19 0.32 -6.73
C LEU A 36 0.04 -0.36 -8.09
N TYR A 37 -0.60 -1.52 -8.11
CA TYR A 37 -0.76 -2.26 -9.40
C TYR A 37 -2.11 -1.90 -10.04
N THR A 38 -3.19 -2.01 -9.30
CA THR A 38 -4.53 -1.71 -9.88
C THR A 38 -5.45 -1.10 -8.81
N ILE A 39 -6.31 -0.19 -9.21
CA ILE A 39 -7.25 0.45 -8.24
C ILE A 39 -8.69 0.09 -8.59
N ASP A 40 -9.44 -0.43 -7.65
CA ASP A 40 -10.87 -0.76 -7.91
C ASP A 40 -11.78 0.17 -7.11
N THR A 41 -12.27 1.22 -7.72
CA THR A 41 -13.12 2.21 -6.97
C THR A 41 -14.48 1.60 -6.63
N GLU A 42 -15.01 0.79 -7.50
CA GLU A 42 -16.43 0.30 -7.32
C GLU A 42 -16.59 -0.45 -5.99
N ASN A 43 -15.53 -1.09 -5.53
CA ASN A 43 -15.64 -1.89 -4.27
C ASN A 43 -14.76 -1.30 -3.15
N SER A 44 -14.28 -0.09 -3.30
CA SER A 44 -13.35 0.52 -2.28
C SER A 44 -12.19 -0.44 -1.93
N THR A 45 -11.57 -1.00 -2.94
CA THR A 45 -10.46 -1.98 -2.69
C THR A 45 -9.23 -1.63 -3.55
N VAL A 46 -8.06 -1.95 -3.06
CA VAL A 46 -6.82 -1.66 -3.83
C VAL A 46 -5.93 -2.92 -3.88
N ALA A 47 -5.33 -3.19 -5.01
CA ALA A 47 -4.43 -4.38 -5.13
C ALA A 47 -2.98 -3.92 -5.31
N LEU A 48 -2.08 -4.44 -4.50
CA LEU A 48 -0.65 -4.02 -4.58
C LEU A 48 0.22 -5.22 -4.97
N ALA A 49 1.18 -5.01 -5.84
CA ALA A 49 2.08 -6.13 -6.25
C ALA A 49 3.51 -5.84 -5.79
N LYS A 50 4.36 -6.84 -5.75
CA LYS A 50 5.76 -6.67 -5.24
C LYS A 50 5.75 -5.97 -3.86
N VAL A 51 5.14 -6.60 -2.89
CA VAL A 51 4.93 -5.93 -1.57
C VAL A 51 5.46 -6.81 -0.43
N ARG A 52 6.00 -6.19 0.59
CA ARG A 52 6.54 -6.98 1.75
C ARG A 52 6.17 -6.29 3.07
N SER A 53 6.12 -7.05 4.15
CA SER A 53 5.75 -6.45 5.47
C SER A 53 7.02 -6.17 6.29
N PHE A 54 7.13 -5.00 6.87
CA PHE A 54 8.37 -4.64 7.62
C PHE A 54 8.50 -5.48 8.89
N GLY A 55 7.40 -5.69 9.58
CA GLY A 55 7.44 -6.51 10.83
C GLY A 55 6.12 -6.37 11.58
N THR A 56 5.94 -7.16 12.62
CA THR A 56 4.67 -7.08 13.42
C THR A 56 4.96 -6.69 14.88
N GLU A 57 6.19 -6.34 15.20
CA GLU A 57 6.57 -6.05 16.62
C GLU A 57 5.66 -4.97 17.24
N ASP A 58 5.04 -4.15 16.42
CA ASP A 58 4.08 -3.12 16.97
C ASP A 58 2.93 -3.81 17.70
N ARG A 59 2.55 -4.98 17.26
CA ARG A 59 1.47 -5.74 17.97
C ARG A 59 2.01 -7.11 18.43
N PRO A 60 2.46 -7.17 19.68
CA PRO A 60 3.07 -8.43 20.20
C PRO A 60 2.02 -9.56 20.23
N THR A 61 2.37 -10.70 19.68
CA THR A 61 1.42 -11.85 19.67
C THR A 61 2.12 -13.14 20.13
N ASP A 62 1.36 -14.15 20.45
CA ASP A 62 1.99 -15.45 20.89
C ASP A 62 2.52 -16.25 19.67
N ARG A 63 2.32 -15.76 18.47
CA ARG A 63 2.85 -16.48 17.27
C ARG A 63 3.88 -15.60 16.54
N PRO A 64 5.15 -15.94 16.65
CA PRO A 64 6.21 -15.13 15.98
C PRO A 64 6.09 -15.24 14.46
N ILE A 65 6.39 -14.19 13.74
CA ILE A 65 6.31 -14.22 12.26
C ILE A 65 7.73 -14.28 11.67
N ALA A 66 7.93 -15.12 10.68
CA ALA A 66 9.29 -15.25 10.06
C ALA A 66 9.33 -14.50 8.72
N PRO A 67 10.07 -13.40 8.67
CA PRO A 67 10.19 -12.63 7.40
C PRO A 67 10.95 -13.44 6.36
N ARG A 68 10.69 -13.19 5.09
CA ARG A 68 11.38 -13.96 4.01
C ARG A 68 12.19 -13.01 3.13
N ASP A 69 13.24 -13.52 2.51
CA ASP A 69 14.08 -12.64 1.62
C ASP A 69 13.28 -12.22 0.38
N GLU A 70 12.38 -13.05 -0.08
CA GLU A 70 11.56 -12.70 -1.28
C GLU A 70 10.36 -11.84 -0.87
N THR A 71 9.45 -11.60 -1.77
CA THR A 71 8.26 -10.75 -1.45
C THR A 71 6.98 -11.40 -1.99
N PHE A 72 5.84 -10.86 -1.65
CA PHE A 72 4.55 -11.43 -2.14
C PHE A 72 4.20 -10.83 -3.50
N GLU A 73 3.82 -11.65 -4.45
CA GLU A 73 3.56 -11.15 -5.84
C GLU A 73 2.30 -10.27 -5.86
N TYR A 74 1.24 -10.72 -5.23
CA TYR A 74 -0.04 -9.95 -5.29
C TYR A 74 -0.83 -10.14 -3.98
N ILE A 75 -1.12 -9.06 -3.30
CA ILE A 75 -2.01 -9.13 -2.09
C ILE A 75 -3.08 -8.04 -2.17
N ILE A 76 -4.25 -8.31 -1.64
CA ILE A 76 -5.37 -7.32 -1.74
C ILE A 76 -5.70 -6.75 -0.35
N PHE A 77 -5.96 -5.48 -0.28
CA PHE A 77 -6.39 -4.86 1.01
C PHE A 77 -7.66 -4.03 0.79
N ARG A 78 -8.55 -4.00 1.76
CA ARG A 78 -9.82 -3.23 1.59
C ARG A 78 -9.80 -2.00 2.50
N GLY A 79 -10.50 -0.95 2.11
CA GLY A 79 -10.51 0.31 2.92
C GLY A 79 -10.99 0.03 4.36
N SER A 80 -11.76 -1.01 4.55
CA SER A 80 -12.30 -1.31 5.92
C SER A 80 -11.15 -1.70 6.87
N ASP A 81 -10.26 -2.55 6.43
CA ASP A 81 -9.15 -3.01 7.32
C ASP A 81 -8.01 -1.98 7.35
N ILE A 82 -7.81 -1.26 6.27
CA ILE A 82 -6.71 -0.23 6.23
C ILE A 82 -7.03 0.91 7.20
N LYS A 83 -6.04 1.42 7.89
CA LYS A 83 -6.28 2.53 8.85
C LYS A 83 -5.78 3.85 8.26
N ASP A 84 -4.63 3.84 7.62
CA ASP A 84 -4.09 5.11 7.05
C ASP A 84 -3.29 4.82 5.77
N LEU A 85 -3.27 5.76 4.85
CA LEU A 85 -2.50 5.57 3.58
C LEU A 85 -1.59 6.78 3.33
N THR A 86 -0.33 6.55 3.03
CA THR A 86 0.61 7.67 2.75
C THR A 86 1.39 7.40 1.46
N VAL A 87 1.65 8.43 0.68
CA VAL A 87 2.40 8.26 -0.59
C VAL A 87 3.90 8.56 -0.35
N CYS A 88 4.77 7.84 -1.01
CA CYS A 88 6.23 8.03 -0.78
C CYS A 88 6.83 8.95 -1.87
N GLU A 89 6.36 8.81 -3.08
CA GLU A 89 6.88 9.67 -4.19
C GLU A 89 5.94 10.87 -4.43
N PRO A 90 6.45 12.08 -4.23
CA PRO A 90 5.63 13.29 -4.47
C PRO A 90 5.31 13.43 -5.97
N PRO A 91 4.26 14.16 -6.29
CA PRO A 91 3.89 14.39 -7.71
C PRO A 91 5.00 15.17 -8.43
N LYS A 92 5.21 14.90 -9.69
CA LYS A 92 6.28 15.61 -10.46
C LYS A 92 5.66 16.78 -11.25
N PRO A 93 6.38 17.89 -11.33
CA PRO A 93 5.86 19.06 -12.07
C PRO A 93 5.82 18.77 -13.59
N ILE A 94 4.77 19.19 -14.25
CA ILE A 94 4.66 18.94 -15.72
C ILE A 94 4.32 20.25 -16.44
N MET A 95 4.94 20.50 -17.57
CA MET A 95 4.67 21.75 -18.33
C MET A 95 4.73 21.48 -19.84
N LEU A 8 -2.59 18.33 -18.96
CA LEU A 8 -3.41 19.48 -18.48
C LEU A 8 -2.50 20.65 -18.05
N GLU A 9 -1.61 20.40 -17.13
CA GLU A 9 -0.69 21.49 -16.66
C GLU A 9 0.71 20.91 -16.37
N ASP A 10 0.80 20.01 -15.42
CA ASP A 10 2.12 19.42 -15.07
C ASP A 10 2.23 17.99 -15.62
N PRO A 11 3.44 17.57 -15.95
CA PRO A 11 3.64 16.19 -16.49
C PRO A 11 3.30 15.14 -15.44
N SER A 12 3.53 15.43 -14.19
CA SER A 12 3.24 14.44 -13.09
C SER A 12 1.73 14.18 -13.01
N GLY A 13 0.93 15.20 -13.24
CA GLY A 13 -0.56 15.02 -13.19
C GLY A 13 -1.02 14.13 -14.34
N GLY A 14 -0.38 14.25 -15.49
CA GLY A 14 -0.77 13.42 -16.66
C GLY A 14 -0.43 11.95 -16.40
N THR A 15 0.63 11.70 -15.68
CA THR A 15 1.04 10.28 -15.40
C THR A 15 -0.01 9.60 -14.48
N PRO A 16 -0.38 8.38 -14.80
CA PRO A 16 -1.36 7.63 -13.95
C PRO A 16 -0.78 7.38 -12.55
N TYR A 17 -1.62 7.34 -11.55
CA TYR A 17 -1.13 7.05 -10.16
C TYR A 17 -0.57 5.63 -10.07
N ILE A 18 -1.07 4.73 -10.88
CA ILE A 18 -0.54 3.32 -10.87
C ILE A 18 0.94 3.33 -11.29
N GLY A 19 1.76 2.55 -10.61
CA GLY A 19 3.23 2.59 -10.86
C GLY A 19 3.94 3.47 -9.81
N SER A 20 3.20 4.09 -8.90
CA SER A 20 3.86 4.85 -7.80
C SER A 20 4.00 3.98 -6.55
N LYS A 21 4.88 4.34 -5.65
CA LYS A 21 5.09 3.51 -4.42
C LYS A 21 4.20 4.00 -3.28
N ILE A 22 3.58 3.10 -2.55
CA ILE A 22 2.67 3.51 -1.45
C ILE A 22 2.98 2.71 -0.18
N SER A 23 2.82 3.33 0.96
CA SER A 23 2.99 2.60 2.26
C SER A 23 1.63 2.54 2.98
N LEU A 24 1.21 1.38 3.38
CA LEU A 24 -0.15 1.23 3.99
C LEU A 24 -0.02 0.66 5.42
N ILE A 25 -0.75 1.21 6.34
CA ILE A 25 -0.74 0.68 7.75
C ILE A 25 -2.08 0.00 8.02
N SER A 26 -2.06 -1.28 8.31
CA SER A 26 -3.33 -2.05 8.44
C SER A 26 -3.88 -1.98 9.87
N LYS A 27 -5.06 -2.49 10.09
CA LYS A 27 -5.70 -2.43 11.45
C LYS A 27 -4.83 -3.14 12.51
N ALA A 28 -3.91 -3.99 12.10
CA ALA A 28 -3.05 -4.72 13.09
C ALA A 28 -1.77 -3.92 13.39
N GLU A 29 -1.71 -2.65 13.03
CA GLU A 29 -0.49 -1.82 13.29
C GLU A 29 0.75 -2.47 12.65
N ILE A 30 0.57 -3.20 11.59
CA ILE A 30 1.73 -3.73 10.81
C ILE A 30 1.92 -2.88 9.56
N ARG A 31 3.15 -2.63 9.17
CA ARG A 31 3.42 -1.75 8.01
C ARG A 31 3.72 -2.58 6.76
N TYR A 32 2.93 -2.41 5.72
CA TYR A 32 3.21 -3.11 4.43
C TYR A 32 3.60 -2.08 3.37
N GLU A 33 4.66 -2.32 2.63
CA GLU A 33 5.02 -1.41 1.51
C GLU A 33 4.98 -2.16 0.18
N GLY A 34 4.49 -1.52 -0.84
CA GLY A 34 4.40 -2.18 -2.19
C GLY A 34 4.13 -1.12 -3.25
N ILE A 35 4.00 -1.51 -4.49
CA ILE A 35 3.73 -0.51 -5.57
C ILE A 35 2.28 -0.65 -6.05
N LEU A 36 1.65 0.45 -6.39
CA LEU A 36 0.22 0.41 -6.83
C LEU A 36 0.10 -0.33 -8.16
N TYR A 37 -0.54 -1.46 -8.16
CA TYR A 37 -0.71 -2.25 -9.42
C TYR A 37 -2.04 -1.91 -10.08
N THR A 38 -3.13 -1.99 -9.35
CA THR A 38 -4.46 -1.69 -9.94
C THR A 38 -5.39 -1.07 -8.89
N ILE A 39 -6.22 -0.14 -9.30
CA ILE A 39 -7.18 0.50 -8.34
C ILE A 39 -8.62 0.10 -8.70
N ASP A 40 -9.36 -0.40 -7.75
CA ASP A 40 -10.79 -0.75 -8.00
C ASP A 40 -11.70 0.20 -7.22
N THR A 41 -12.19 1.23 -7.87
CA THR A 41 -13.03 2.24 -7.14
C THR A 41 -14.39 1.65 -6.78
N GLU A 42 -14.94 0.81 -7.63
CA GLU A 42 -16.34 0.33 -7.43
C GLU A 42 -16.52 -0.36 -6.08
N ASN A 43 -15.47 -0.97 -5.57
CA ASN A 43 -15.58 -1.72 -4.28
C ASN A 43 -14.69 -1.12 -3.18
N SER A 44 -14.19 0.09 -3.38
CA SER A 44 -13.25 0.72 -2.39
C SER A 44 -12.10 -0.25 -2.02
N THR A 45 -11.48 -0.84 -3.01
CA THR A 45 -10.37 -1.81 -2.73
C THR A 45 -9.14 -1.48 -3.60
N VAL A 46 -7.97 -1.78 -3.12
CA VAL A 46 -6.72 -1.52 -3.91
C VAL A 46 -5.86 -2.79 -3.93
N ALA A 47 -5.28 -3.11 -5.07
CA ALA A 47 -4.39 -4.31 -5.16
C ALA A 47 -2.94 -3.87 -5.34
N LEU A 48 -2.06 -4.36 -4.51
CA LEU A 48 -0.62 -3.95 -4.59
C LEU A 48 0.24 -5.16 -4.94
N ALA A 49 1.22 -4.97 -5.80
CA ALA A 49 2.11 -6.11 -6.18
C ALA A 49 3.55 -5.82 -5.71
N LYS A 50 4.39 -6.82 -5.68
CA LYS A 50 5.80 -6.64 -5.19
C LYS A 50 5.80 -5.97 -3.79
N VAL A 51 5.12 -6.57 -2.85
CA VAL A 51 4.96 -5.92 -1.51
C VAL A 51 5.60 -6.80 -0.42
N ARG A 52 6.11 -6.17 0.62
CA ARG A 52 6.72 -6.95 1.74
C ARG A 52 6.30 -6.35 3.09
N SER A 53 6.28 -7.16 4.12
CA SER A 53 5.88 -6.64 5.48
C SER A 53 7.12 -6.41 6.34
N PHE A 54 7.19 -5.28 7.00
CA PHE A 54 8.43 -4.96 7.79
C PHE A 54 8.49 -5.80 9.08
N GLY A 55 7.38 -5.99 9.74
CA GLY A 55 7.37 -6.80 10.98
C GLY A 55 6.04 -6.64 11.71
N THR A 56 5.81 -7.43 12.74
CA THR A 56 4.55 -7.30 13.53
C THR A 56 4.84 -6.93 14.99
N GLU A 57 6.09 -6.66 15.32
CA GLU A 57 6.47 -6.43 16.76
C GLU A 57 5.63 -5.30 17.39
N ASP A 58 5.09 -4.41 16.59
CA ASP A 58 4.26 -3.29 17.15
C ASP A 58 3.04 -3.84 17.90
N ARG A 59 2.52 -4.96 17.46
CA ARG A 59 1.35 -5.59 18.14
C ARG A 59 1.69 -7.04 18.57
N PRO A 60 2.12 -7.20 19.81
CA PRO A 60 2.49 -8.55 20.32
C PRO A 60 1.29 -9.51 20.23
N THR A 61 1.49 -10.67 19.66
CA THR A 61 0.38 -11.65 19.50
C THR A 61 0.82 -13.04 19.96
N ASP A 62 -0.12 -13.93 20.16
CA ASP A 62 0.25 -15.33 20.59
C ASP A 62 0.76 -16.16 19.40
N ARG A 63 0.79 -15.61 18.21
CA ARG A 63 1.38 -16.33 17.05
C ARG A 63 2.67 -15.61 16.58
N PRO A 64 3.81 -16.20 16.86
CA PRO A 64 5.10 -15.53 16.52
C PRO A 64 5.29 -15.48 15.00
N ILE A 65 5.64 -14.33 14.47
CA ILE A 65 5.93 -14.21 13.01
C ILE A 65 7.34 -13.66 12.80
N ALA A 66 8.20 -14.43 12.16
CA ALA A 66 9.61 -13.99 11.96
C ALA A 66 9.79 -13.38 10.56
N PRO A 67 10.79 -12.53 10.42
CA PRO A 67 11.07 -11.90 9.09
C PRO A 67 11.45 -12.98 8.06
N ARG A 68 11.06 -12.79 6.81
CA ARG A 68 11.40 -13.79 5.75
C ARG A 68 12.12 -13.09 4.60
N ASP A 69 12.84 -13.84 3.80
CA ASP A 69 13.58 -13.24 2.64
C ASP A 69 12.77 -13.44 1.34
N GLU A 70 11.46 -13.50 1.43
CA GLU A 70 10.62 -13.69 0.22
C GLU A 70 9.54 -12.60 0.15
N THR A 71 9.26 -12.10 -1.03
CA THR A 71 8.22 -11.04 -1.17
C THR A 71 6.92 -11.64 -1.72
N PHE A 72 5.81 -10.96 -1.53
CA PHE A 72 4.51 -11.48 -2.04
C PHE A 72 4.18 -10.83 -3.39
N GLU A 73 3.83 -11.63 -4.37
CA GLU A 73 3.58 -11.08 -5.74
C GLU A 73 2.32 -10.19 -5.76
N TYR A 74 1.28 -10.60 -5.07
CA TYR A 74 -0.01 -9.84 -5.14
C TYR A 74 -0.80 -10.02 -3.84
N ILE A 75 -1.11 -8.92 -3.18
CA ILE A 75 -2.04 -8.99 -2.00
C ILE A 75 -3.13 -7.92 -2.14
N ILE A 76 -4.32 -8.19 -1.64
CA ILE A 76 -5.44 -7.20 -1.77
C ILE A 76 -5.77 -6.62 -0.38
N PHE A 77 -5.95 -5.32 -0.32
CA PHE A 77 -6.36 -4.68 0.96
C PHE A 77 -7.61 -3.83 0.74
N ARG A 78 -8.52 -3.83 1.69
CA ARG A 78 -9.78 -3.05 1.54
C ARG A 78 -9.76 -1.82 2.46
N GLY A 79 -10.45 -0.77 2.07
CA GLY A 79 -10.47 0.49 2.90
C GLY A 79 -10.97 0.18 4.32
N SER A 80 -11.75 -0.85 4.49
CA SER A 80 -12.31 -1.16 5.85
C SER A 80 -11.19 -1.59 6.80
N ASP A 81 -10.30 -2.44 6.37
CA ASP A 81 -9.22 -2.94 7.28
C ASP A 81 -8.07 -1.93 7.37
N ILE A 82 -7.82 -1.21 6.30
CA ILE A 82 -6.69 -0.22 6.32
C ILE A 82 -7.00 0.91 7.31
N LYS A 83 -6.01 1.36 8.04
CA LYS A 83 -6.22 2.46 9.03
C LYS A 83 -5.62 3.77 8.50
N ASP A 84 -4.45 3.70 7.92
CA ASP A 84 -3.79 4.95 7.41
C ASP A 84 -3.12 4.68 6.06
N LEU A 85 -3.16 5.64 5.16
CA LEU A 85 -2.54 5.46 3.82
C LEU A 85 -1.66 6.67 3.48
N THR A 86 -0.41 6.43 3.13
CA THR A 86 0.49 7.55 2.73
C THR A 86 1.16 7.23 1.39
N VAL A 87 1.23 8.20 0.50
CA VAL A 87 1.83 7.95 -0.85
C VAL A 87 3.18 8.66 -0.97
N CYS A 88 4.12 8.05 -1.65
CA CYS A 88 5.46 8.69 -1.82
C CYS A 88 5.41 9.75 -2.93
N GLU A 89 4.66 9.48 -3.97
CA GLU A 89 4.47 10.50 -5.05
C GLU A 89 3.34 11.47 -4.66
N PRO A 90 3.66 12.75 -4.50
CA PRO A 90 2.64 13.74 -4.03
C PRO A 90 1.44 13.79 -4.98
N PRO A 91 0.30 13.29 -4.53
CA PRO A 91 -0.92 13.34 -5.37
C PRO A 91 -1.39 14.78 -5.55
N LYS A 92 -2.14 15.06 -6.60
CA LYS A 92 -2.65 16.44 -6.83
C LYS A 92 -4.09 16.57 -6.32
N PRO A 93 -4.53 17.80 -6.09
CA PRO A 93 -5.91 18.04 -5.59
C PRO A 93 -6.94 17.55 -6.61
N ILE A 94 -8.07 17.07 -6.14
CA ILE A 94 -9.13 16.58 -7.09
C ILE A 94 -10.51 16.67 -6.42
N MET A 95 -10.84 17.82 -5.88
CA MET A 95 -12.17 17.99 -5.21
C MET A 95 -12.79 19.32 -5.62
N LEU A 8 4.47 20.72 -22.26
CA LEU A 8 3.27 21.55 -21.92
C LEU A 8 2.60 21.03 -20.65
N GLU A 9 2.64 19.73 -20.44
CA GLU A 9 1.98 19.15 -19.23
C GLU A 9 3.02 18.97 -18.11
N ASP A 10 2.58 19.00 -16.87
CA ASP A 10 3.53 18.84 -15.74
C ASP A 10 3.95 17.35 -15.60
N PRO A 11 5.15 17.12 -15.12
CA PRO A 11 5.65 15.72 -14.97
C PRO A 11 4.74 14.93 -14.01
N SER A 12 4.21 15.57 -13.01
CA SER A 12 3.32 14.86 -12.03
C SER A 12 2.00 14.49 -12.71
N GLY A 13 1.51 15.34 -13.58
CA GLY A 13 0.22 15.04 -14.30
C GLY A 13 0.50 14.05 -15.43
N GLY A 14 1.64 14.15 -16.07
CA GLY A 14 1.97 13.23 -17.20
C GLY A 14 2.14 11.80 -16.67
N THR A 15 2.65 11.65 -15.46
CA THR A 15 2.87 10.29 -14.89
C THR A 15 1.58 9.78 -14.21
N PRO A 16 1.07 8.64 -14.64
CA PRO A 16 -0.14 8.06 -14.00
C PRO A 16 0.13 7.69 -12.55
N TYR A 17 -0.87 7.77 -11.70
CA TYR A 17 -0.68 7.40 -10.26
C TYR A 17 -0.31 5.91 -10.14
N ILE A 18 -0.87 5.09 -10.99
CA ILE A 18 -0.53 3.63 -10.95
C ILE A 18 0.95 3.43 -11.30
N GLY A 19 1.63 2.57 -10.58
CA GLY A 19 3.10 2.40 -10.78
C GLY A 19 3.88 3.24 -9.75
N SER A 20 3.22 3.99 -8.90
CA SER A 20 3.94 4.76 -7.85
C SER A 20 4.05 3.91 -6.56
N LYS A 21 5.03 4.20 -5.73
CA LYS A 21 5.21 3.41 -4.47
C LYS A 21 4.34 3.98 -3.36
N ILE A 22 3.63 3.12 -2.65
CA ILE A 22 2.74 3.59 -1.55
C ILE A 22 2.95 2.73 -0.31
N SER A 23 2.66 3.29 0.85
CA SER A 23 2.77 2.51 2.11
C SER A 23 1.38 2.37 2.77
N LEU A 24 1.04 1.18 3.17
CA LEU A 24 -0.32 0.94 3.77
C LEU A 24 -0.17 0.49 5.23
N ILE A 25 -0.89 1.11 6.12
CA ILE A 25 -0.87 0.67 7.55
C ILE A 25 -2.17 -0.05 7.88
N SER A 26 -2.10 -1.31 8.25
CA SER A 26 -3.33 -2.14 8.39
C SER A 26 -3.87 -2.09 9.82
N LYS A 27 -5.05 -2.63 10.03
CA LYS A 27 -5.67 -2.59 11.40
C LYS A 27 -4.81 -3.32 12.44
N ALA A 28 -3.90 -4.16 12.00
CA ALA A 28 -3.04 -4.90 12.97
C ALA A 28 -1.75 -4.12 13.30
N GLU A 29 -1.72 -2.84 13.00
CA GLU A 29 -0.53 -1.98 13.34
C GLU A 29 0.74 -2.54 12.69
N ILE A 30 0.61 -3.21 11.57
CA ILE A 30 1.82 -3.65 10.79
C ILE A 30 1.96 -2.75 9.56
N ARG A 31 3.17 -2.51 9.13
CA ARG A 31 3.40 -1.59 7.97
C ARG A 31 3.81 -2.39 6.73
N TYR A 32 3.02 -2.31 5.68
CA TYR A 32 3.37 -3.00 4.40
C TYR A 32 3.73 -1.97 3.33
N GLU A 33 4.77 -2.22 2.57
CA GLU A 33 5.10 -1.31 1.43
C GLU A 33 5.05 -2.09 0.12
N GLY A 34 4.54 -1.47 -0.92
CA GLY A 34 4.45 -2.15 -2.24
C GLY A 34 4.17 -1.12 -3.33
N ILE A 35 4.04 -1.54 -4.56
CA ILE A 35 3.76 -0.57 -5.67
C ILE A 35 2.31 -0.70 -6.13
N LEU A 36 1.63 0.41 -6.32
CA LEU A 36 0.19 0.37 -6.70
C LEU A 36 0.01 -0.32 -8.06
N TYR A 37 -0.54 -1.52 -8.06
CA TYR A 37 -0.71 -2.26 -9.34
C TYR A 37 -2.05 -1.92 -10.00
N THR A 38 -3.13 -2.03 -9.26
CA THR A 38 -4.48 -1.75 -9.85
C THR A 38 -5.39 -1.08 -8.80
N ILE A 39 -6.22 -0.17 -9.25
CA ILE A 39 -7.15 0.53 -8.30
C ILE A 39 -8.61 0.20 -8.65
N ASP A 40 -9.37 -0.29 -7.70
CA ASP A 40 -10.81 -0.58 -7.96
C ASP A 40 -11.68 0.39 -7.15
N THR A 41 -12.12 1.45 -7.77
CA THR A 41 -12.93 2.48 -7.03
C THR A 41 -14.32 1.92 -6.70
N GLU A 42 -14.89 1.15 -7.57
CA GLU A 42 -16.32 0.72 -7.40
C GLU A 42 -16.51 -0.05 -6.08
N ASN A 43 -15.49 -0.73 -5.63
CA ASN A 43 -15.63 -1.56 -4.39
C ASN A 43 -14.74 -1.02 -3.25
N SER A 44 -14.23 0.19 -3.38
CA SER A 44 -13.30 0.75 -2.33
C SER A 44 -12.17 -0.25 -1.99
N THR A 45 -11.54 -0.81 -3.00
CA THR A 45 -10.46 -1.81 -2.74
C THR A 45 -9.21 -1.49 -3.57
N VAL A 46 -8.05 -1.82 -3.06
CA VAL A 46 -6.79 -1.54 -3.80
C VAL A 46 -5.91 -2.80 -3.83
N ALA A 47 -5.29 -3.08 -4.95
CA ALA A 47 -4.39 -4.27 -5.04
C ALA A 47 -2.94 -3.84 -5.22
N LEU A 48 -2.05 -4.34 -4.40
CA LEU A 48 -0.61 -3.95 -4.48
C LEU A 48 0.24 -5.16 -4.85
N ALA A 49 1.18 -4.98 -5.76
CA ALA A 49 2.06 -6.11 -6.16
C ALA A 49 3.51 -5.84 -5.73
N LYS A 50 4.33 -6.86 -5.68
CA LYS A 50 5.75 -6.69 -5.21
C LYS A 50 5.78 -6.00 -3.84
N VAL A 51 5.16 -6.58 -2.85
CA VAL A 51 5.01 -5.90 -1.53
C VAL A 51 5.63 -6.75 -0.41
N ARG A 52 6.18 -6.12 0.58
CA ARG A 52 6.79 -6.87 1.72
C ARG A 52 6.42 -6.22 3.05
N SER A 53 6.33 -6.99 4.10
CA SER A 53 6.00 -6.41 5.45
C SER A 53 7.30 -6.14 6.22
N PHE A 54 7.45 -4.96 6.77
CA PHE A 54 8.74 -4.58 7.44
C PHE A 54 8.91 -5.38 8.74
N GLY A 55 7.85 -5.54 9.49
CA GLY A 55 7.93 -6.33 10.76
C GLY A 55 6.66 -6.12 11.59
N THR A 56 6.50 -6.89 12.63
CA THR A 56 5.32 -6.70 13.54
C THR A 56 5.79 -6.34 14.97
N GLU A 57 7.07 -6.50 15.27
CA GLU A 57 7.56 -6.24 16.66
C GLU A 57 7.38 -4.76 17.03
N ASP A 58 7.42 -3.87 16.06
CA ASP A 58 7.27 -2.41 16.35
C ASP A 58 5.91 -2.13 17.01
N ARG A 59 4.91 -2.90 16.67
CA ARG A 59 3.57 -2.75 17.31
C ARG A 59 3.14 -4.08 17.94
N PRO A 60 3.39 -4.24 19.23
CA PRO A 60 3.11 -5.54 19.90
C PRO A 60 1.61 -5.87 19.86
N THR A 61 1.28 -7.09 19.52
CA THR A 61 -0.16 -7.50 19.47
C THR A 61 -0.36 -8.83 20.20
N ASP A 62 -1.59 -9.18 20.50
CA ASP A 62 -1.86 -10.48 21.19
C ASP A 62 -1.78 -11.66 20.21
N ARG A 63 -1.55 -11.42 18.94
CA ARG A 63 -1.39 -12.54 17.96
C ARG A 63 0.03 -12.52 17.37
N PRO A 64 0.85 -13.48 17.77
CA PRO A 64 2.26 -13.53 17.29
C PRO A 64 2.31 -13.70 15.77
N ILE A 65 3.14 -12.93 15.11
CA ILE A 65 3.25 -13.02 13.62
C ILE A 65 4.69 -13.41 13.24
N ALA A 66 4.84 -14.25 12.24
CA ALA A 66 6.21 -14.66 11.80
C ALA A 66 6.63 -13.88 10.53
N PRO A 67 7.59 -12.98 10.67
CA PRO A 67 8.06 -12.20 9.49
C PRO A 67 8.70 -13.14 8.45
N ARG A 68 8.56 -12.81 7.19
CA ARG A 68 9.16 -13.67 6.11
C ARG A 68 10.09 -12.85 5.24
N ASP A 69 11.27 -13.36 4.95
CA ASP A 69 12.23 -12.63 4.09
C ASP A 69 11.73 -12.57 2.65
N GLU A 70 11.02 -13.60 2.21
CA GLU A 70 10.49 -13.61 0.82
C GLU A 70 9.40 -12.55 0.65
N THR A 71 9.18 -12.09 -0.56
CA THR A 71 8.15 -11.04 -0.80
C THR A 71 6.89 -11.68 -1.42
N PHE A 72 5.78 -10.99 -1.33
CA PHE A 72 4.51 -11.53 -1.91
C PHE A 72 4.21 -10.87 -3.26
N GLU A 73 3.87 -11.66 -4.25
CA GLU A 73 3.62 -11.09 -5.61
C GLU A 73 2.37 -10.20 -5.63
N TYR A 74 1.34 -10.61 -4.91
CA TYR A 74 0.05 -9.84 -4.98
C TYR A 74 -0.73 -10.00 -3.67
N ILE A 75 -1.04 -8.90 -3.01
CA ILE A 75 -1.94 -8.95 -1.82
C ILE A 75 -3.05 -7.90 -1.98
N ILE A 76 -4.24 -8.19 -1.48
CA ILE A 76 -5.38 -7.24 -1.63
C ILE A 76 -5.73 -6.63 -0.26
N PHE A 77 -6.00 -5.35 -0.22
CA PHE A 77 -6.45 -4.69 1.04
C PHE A 77 -7.72 -3.87 0.79
N ARG A 78 -8.63 -3.87 1.73
CA ARG A 78 -9.90 -3.10 1.55
C ARG A 78 -9.93 -1.88 2.49
N GLY A 79 -10.62 -0.84 2.11
CA GLY A 79 -10.66 0.39 2.96
C GLY A 79 -11.19 0.06 4.37
N SER A 80 -11.97 -0.98 4.50
CA SER A 80 -12.55 -1.33 5.84
C SER A 80 -11.45 -1.76 6.82
N ASP A 81 -10.45 -2.46 6.34
CA ASP A 81 -9.37 -2.97 7.25
C ASP A 81 -8.20 -1.98 7.32
N ILE A 82 -7.96 -1.24 6.26
CA ILE A 82 -6.83 -0.25 6.26
C ILE A 82 -7.08 0.83 7.32
N LYS A 83 -6.05 1.21 8.03
CA LYS A 83 -6.19 2.31 9.04
C LYS A 83 -5.70 3.63 8.46
N ASP A 84 -4.60 3.60 7.72
CA ASP A 84 -4.05 4.85 7.13
C ASP A 84 -3.30 4.55 5.84
N LEU A 85 -3.27 5.48 4.91
CA LEU A 85 -2.54 5.29 3.63
C LEU A 85 -1.68 6.53 3.33
N THR A 86 -0.45 6.33 2.93
CA THR A 86 0.44 7.48 2.58
C THR A 86 1.15 7.22 1.25
N VAL A 87 1.33 8.23 0.44
CA VAL A 87 1.99 8.05 -0.88
C VAL A 87 3.41 8.67 -0.85
N CYS A 88 4.35 8.06 -1.52
CA CYS A 88 5.75 8.59 -1.51
C CYS A 88 6.00 9.49 -2.73
N GLU A 89 5.42 9.12 -3.85
CA GLU A 89 5.60 9.95 -5.09
C GLU A 89 4.57 11.10 -5.11
N PRO A 90 4.85 12.12 -5.90
CA PRO A 90 3.94 13.29 -5.97
C PRO A 90 2.60 12.89 -6.62
N PRO A 91 1.53 12.91 -5.84
CA PRO A 91 0.19 12.56 -6.38
C PRO A 91 -0.27 13.62 -7.38
N LYS A 92 -1.13 13.24 -8.31
CA LYS A 92 -1.62 14.22 -9.33
C LYS A 92 -3.04 14.69 -8.97
N PRO A 93 -3.47 15.78 -9.58
CA PRO A 93 -4.84 16.31 -9.31
C PRO A 93 -5.91 15.30 -9.73
N ILE A 94 -7.02 15.27 -9.03
CA ILE A 94 -8.12 14.31 -9.38
C ILE A 94 -9.48 14.97 -9.14
N MET A 95 -9.81 15.99 -9.89
CA MET A 95 -11.11 16.69 -9.72
C MET A 95 -11.66 17.15 -11.09
#